data_2X1D
#
_entry.id   2X1D
#
_cell.length_a   198.711
_cell.length_b   68.219
_cell.length_c   146.964
_cell.angle_alpha   90.00
_cell.angle_beta   128.64
_cell.angle_gamma   90.00
#
_symmetry.space_group_name_H-M   'C 1 2 1'
#
loop_
_entity.id
_entity.type
_entity.pdbx_description
1 polymer ACYL-COENZYME
2 non-polymer 'PHOSPHATE ION'
3 non-polymer GLYCEROL
4 non-polymer 'CHLORIDE ION'
5 non-polymer 'ACETATE ION'
6 non-polymer (4S,5S)-1,2-DITHIANE-4,5-DIOL
7 water water
#
_entity_poly.entity_id   1
_entity_poly.type   'polypeptide(L)'
_entity_poly.pdbx_seq_one_letter_code
;MLHILCQGTPFEIGYEHGSAAKAVIARSIDFAVDLIRGKTKKTDEELKQVLSQLGRVIEERWPKYYEEIRGIAKGAERDV
SEIVMLNTRTEFAYGLKAARDG(CSD)TTAYCQLPNGALQGQNWDFFSATKENLIRLTIRQAGLPTIKFITEAGIIGKVG
FNSAGVAVNYNALHLQGLRPTGVPSHIALRIALESTSPSQAYDRIVEQGGMAASAFIMVGNGHEAFGLEFSPTSIRKQVL
DANGRMVHTNHCLLQHGKNEKELDPLPDSWNRHQRMEFLLDGFDGTKQAFAQLWADEDNYPFSICRAYEEGKSRGATLFN
IIYDHARREATVRLGRPTNPDEMFVMRFDEEDERSALNARL
;
_entity_poly.pdbx_strand_id   A,B,C,D
#
# COMPACT_ATOMS: atom_id res chain seq x y z
N MET A 1 -18.14 -32.09 -18.94
CA MET A 1 -17.75 -32.80 -17.70
C MET A 1 -18.93 -32.71 -16.76
N LEU A 2 -19.12 -33.73 -15.91
CA LEU A 2 -20.17 -33.70 -14.92
C LEU A 2 -20.03 -32.43 -14.09
N HIS A 3 -21.10 -31.63 -14.06
CA HIS A 3 -21.09 -30.33 -13.40
C HIS A 3 -22.27 -30.28 -12.44
N ILE A 4 -21.98 -30.24 -11.13
CA ILE A 4 -23.04 -30.32 -10.12
C ILE A 4 -23.17 -28.99 -9.36
N LEU A 5 -24.39 -28.44 -9.36
CA LEU A 5 -24.71 -27.23 -8.60
C LEU A 5 -25.17 -27.61 -7.20
N CYS A 6 -24.43 -27.11 -6.21
CA CYS A 6 -24.65 -27.46 -4.81
C CYS A 6 -25.00 -26.18 -4.09
N GLN A 7 -26.10 -26.19 -3.34
CA GLN A 7 -26.50 -25.00 -2.63
C GLN A 7 -27.23 -25.40 -1.35
N GLY A 8 -27.22 -24.48 -0.38
CA GLY A 8 -27.87 -24.69 0.92
C GLY A 8 -26.90 -24.77 2.08
N THR A 9 -27.24 -25.61 3.06
CA THR A 9 -26.39 -25.85 4.23
C THR A 9 -25.14 -26.64 3.80
N PRO A 10 -24.08 -26.65 4.63
CA PRO A 10 -22.94 -27.51 4.25
C PRO A 10 -23.34 -28.96 3.99
N PHE A 11 -24.20 -29.52 4.82
CA PHE A 11 -24.65 -30.90 4.61
C PHE A 11 -25.36 -31.07 3.27
N GLU A 12 -26.27 -30.14 2.95
CA GLU A 12 -27.02 -30.19 1.68
C GLU A 12 -26.10 -30.07 0.48
N ILE A 13 -25.12 -29.18 0.60
CA ILE A 13 -24.09 -29.00 -0.40
C ILE A 13 -23.37 -30.33 -0.64
N GLY A 14 -22.92 -30.97 0.44
CA GLY A 14 -22.21 -32.27 0.32
C GLY A 14 -23.10 -33.35 -0.26
N TYR A 15 -24.36 -33.39 0.20
CA TYR A 15 -25.28 -34.41 -0.27
C TYR A 15 -25.53 -34.34 -1.77
N GLU A 16 -25.67 -33.14 -2.31
CA GLU A 16 -25.88 -32.98 -3.75
C GLU A 16 -24.67 -33.49 -4.55
N HIS A 17 -23.48 -33.17 -4.07
CA HIS A 17 -22.21 -33.61 -4.66
C HIS A 17 -22.15 -35.16 -4.60
N GLY A 18 -22.41 -35.71 -3.42
CA GLY A 18 -22.30 -37.16 -3.20
C GLY A 18 -23.29 -37.96 -4.02
N SER A 19 -24.53 -37.47 -4.09
N SER A 19 -24.53 -37.47 -4.09
CA SER A 19 -25.59 -38.14 -4.84
CA SER A 19 -25.59 -38.16 -4.81
C SER A 19 -25.34 -38.11 -6.34
C SER A 19 -25.41 -38.10 -6.34
N ALA A 20 -25.10 -36.93 -6.88
CA ALA A 20 -24.96 -36.75 -8.32
C ALA A 20 -23.67 -37.38 -8.88
N ALA A 21 -22.66 -37.48 -8.02
CA ALA A 21 -21.37 -38.03 -8.40
C ALA A 21 -21.14 -39.42 -7.76
N LYS A 22 -22.22 -40.07 -7.31
CA LYS A 22 -22.11 -41.33 -6.55
C LYS A 22 -21.17 -42.35 -7.20
N ALA A 23 -21.40 -42.60 -8.49
CA ALA A 23 -20.61 -43.57 -9.23
C ALA A 23 -19.14 -43.15 -9.38
N VAL A 24 -18.92 -41.85 -9.55
CA VAL A 24 -17.57 -41.32 -9.73
C VAL A 24 -16.80 -41.42 -8.41
N ILE A 25 -17.49 -41.14 -7.31
CA ILE A 25 -16.89 -41.19 -5.97
C ILE A 25 -16.47 -42.62 -5.62
N ALA A 26 -17.28 -43.60 -5.99
CA ALA A 26 -16.89 -45.01 -5.84
C ALA A 26 -15.58 -45.30 -6.56
N ARG A 27 -15.39 -44.73 -7.75
CA ARG A 27 -14.12 -44.86 -8.48
C ARG A 27 -12.94 -44.15 -7.81
N SER A 28 -13.20 -42.93 -7.31
CA SER A 28 -12.20 -42.16 -6.57
C SER A 28 -11.70 -42.96 -5.38
N ILE A 29 -12.63 -43.58 -4.66
CA ILE A 29 -12.27 -44.38 -3.49
C ILE A 29 -11.44 -45.58 -3.90
N ASP A 30 -11.90 -46.32 -4.90
CA ASP A 30 -11.15 -47.48 -5.40
C ASP A 30 -9.73 -47.07 -5.79
N PHE A 31 -9.58 -45.94 -6.48
CA PHE A 31 -8.25 -45.46 -6.85
C PHE A 31 -7.39 -45.13 -5.64
N ALA A 32 -7.98 -44.41 -4.67
CA ALA A 32 -7.23 -43.94 -3.49
C ALA A 32 -6.80 -45.13 -2.63
N VAL A 33 -7.70 -46.10 -2.48
CA VAL A 33 -7.38 -47.31 -1.69
C VAL A 33 -6.19 -48.07 -2.32
N ASP A 34 -6.20 -48.20 -3.65
CA ASP A 34 -5.07 -48.81 -4.36
C ASP A 34 -3.76 -48.07 -4.14
N LEU A 35 -3.81 -46.74 -4.29
CA LEU A 35 -2.65 -45.87 -4.05
C LEU A 35 -2.11 -46.06 -2.62
N ILE A 36 -3.01 -45.93 -1.64
CA ILE A 36 -2.65 -46.02 -0.21
C ILE A 36 -2.03 -47.37 0.15
N ARG A 37 -2.62 -48.46 -0.33
CA ARG A 37 -2.14 -49.80 -0.05
C ARG A 37 -0.74 -50.07 -0.59
N GLY A 38 -0.37 -49.36 -1.65
CA GLY A 38 0.96 -49.48 -2.25
C GLY A 38 2.04 -48.79 -1.44
N LYS A 39 1.63 -47.95 -0.50
CA LYS A 39 2.53 -47.12 0.31
C LYS A 39 2.89 -47.73 1.66
N THR A 40 2.30 -48.88 1.99
CA THR A 40 2.33 -49.38 3.37
C THR A 40 2.20 -50.89 3.54
N LYS A 41 2.72 -51.38 4.68
CA LYS A 41 2.56 -52.76 5.12
C LYS A 41 1.47 -52.85 6.19
N LYS A 42 0.92 -51.70 6.59
CA LYS A 42 -0.14 -51.66 7.60
C LYS A 42 -1.40 -52.37 7.15
N THR A 43 -2.13 -52.94 8.11
CA THR A 43 -3.40 -53.60 7.86
C THR A 43 -4.50 -52.58 7.57
N ASP A 44 -5.55 -53.01 6.88
CA ASP A 44 -6.70 -52.16 6.54
C ASP A 44 -7.39 -51.61 7.78
N GLU A 45 -7.54 -52.46 8.79
CA GLU A 45 -8.19 -52.09 10.03
C GLU A 45 -7.44 -50.95 10.71
N GLU A 46 -6.10 -51.03 10.70
CA GLU A 46 -5.27 -49.99 11.28
C GLU A 46 -5.45 -48.67 10.51
N LEU A 47 -5.48 -48.77 9.18
CA LEU A 47 -5.71 -47.61 8.32
C LEU A 47 -7.04 -46.93 8.62
N LYS A 48 -8.08 -47.73 8.82
CA LYS A 48 -9.40 -47.19 9.15
C LYS A 48 -9.36 -46.36 10.44
N GLN A 49 -8.59 -46.83 11.43
CA GLN A 49 -8.45 -46.10 12.68
C GLN A 49 -7.68 -44.79 12.51
N VAL A 50 -6.68 -44.78 11.64
CA VAL A 50 -5.98 -43.55 11.31
C VAL A 50 -6.99 -42.55 10.70
N LEU A 51 -7.80 -43.03 9.76
CA LEU A 51 -8.84 -42.19 9.15
C LEU A 51 -9.85 -41.65 10.15
N SER A 52 -10.19 -42.44 11.16
N SER A 52 -10.20 -42.44 11.17
CA SER A 52 -11.08 -42.00 12.24
CA SER A 52 -11.09 -41.97 12.24
C SER A 52 -10.48 -40.80 12.98
C SER A 52 -10.47 -40.78 12.95
N GLN A 53 -9.20 -40.93 13.36
CA GLN A 53 -8.46 -39.84 14.03
C GLN A 53 -8.44 -38.54 13.21
N LEU A 54 -8.07 -38.64 11.93
CA LEU A 54 -8.07 -37.49 11.01
C LEU A 54 -9.47 -36.88 10.88
N GLY A 55 -10.49 -37.73 10.79
CA GLY A 55 -11.88 -37.28 10.82
C GLY A 55 -12.26 -36.49 12.06
N ARG A 56 -11.78 -36.93 13.21
CA ARG A 56 -12.02 -36.20 14.47
C ARG A 56 -11.36 -34.81 14.46
N VAL A 57 -10.18 -34.70 13.86
CA VAL A 57 -9.54 -33.38 13.70
C VAL A 57 -10.40 -32.45 12.85
N ILE A 58 -10.88 -32.92 11.72
CA ILE A 58 -11.64 -32.07 10.80
C ILE A 58 -12.95 -31.65 11.47
N GLU A 59 -13.56 -32.60 12.20
CA GLU A 59 -14.81 -32.34 12.91
C GLU A 59 -14.68 -31.23 13.97
N GLU A 60 -13.59 -31.26 14.73
CA GLU A 60 -13.33 -30.25 15.73
C GLU A 60 -12.91 -28.92 15.13
N ARG A 61 -11.99 -28.97 14.17
CA ARG A 61 -11.35 -27.76 13.70
C ARG A 61 -12.13 -27.00 12.63
N TRP A 62 -12.78 -27.75 11.74
CA TRP A 62 -13.54 -27.17 10.61
C TRP A 62 -14.92 -27.82 10.50
N PRO A 63 -15.78 -27.59 11.51
CA PRO A 63 -17.11 -28.18 11.59
C PRO A 63 -17.93 -28.09 10.30
N LYS A 64 -17.85 -26.96 9.61
CA LYS A 64 -18.64 -26.75 8.39
C LYS A 64 -18.14 -27.62 7.24
N TYR A 65 -16.83 -27.83 7.19
CA TYR A 65 -16.26 -28.69 6.16
C TYR A 65 -16.55 -30.14 6.50
N TYR A 66 -16.50 -30.49 7.78
CA TYR A 66 -16.87 -31.83 8.21
C TYR A 66 -18.34 -32.16 7.88
N GLU A 67 -19.24 -31.21 8.09
CA GLU A 67 -20.66 -31.40 7.74
C GLU A 67 -20.85 -31.64 6.25
N GLU A 68 -20.11 -30.90 5.42
CA GLU A 68 -20.12 -31.13 3.98
C GLU A 68 -19.60 -32.54 3.64
N ILE A 69 -18.52 -32.96 4.31
CA ILE A 69 -18.00 -34.31 4.14
C ILE A 69 -19.04 -35.37 4.55
N ARG A 70 -19.74 -35.16 5.66
CA ARG A 70 -20.82 -36.06 6.04
C ARG A 70 -21.93 -36.15 4.99
N GLY A 71 -22.28 -35.00 4.42
CA GLY A 71 -23.24 -34.93 3.32
C GLY A 71 -22.78 -35.70 2.10
N ILE A 72 -21.52 -35.51 1.70
CA ILE A 72 -20.97 -36.29 0.58
C ILE A 72 -21.07 -37.80 0.86
N ALA A 73 -20.65 -38.22 2.04
CA ALA A 73 -20.80 -39.62 2.45
C ALA A 73 -22.24 -40.16 2.35
N LYS A 74 -23.21 -39.41 2.87
CA LYS A 74 -24.62 -39.78 2.81
C LYS A 74 -25.11 -39.90 1.35
N GLY A 75 -24.83 -38.90 0.53
CA GLY A 75 -25.27 -38.91 -0.86
C GLY A 75 -24.65 -40.00 -1.71
N ALA A 76 -23.37 -40.28 -1.46
CA ALA A 76 -22.63 -41.28 -2.20
C ALA A 76 -22.82 -42.68 -1.62
N GLU A 77 -23.49 -42.75 -0.47
CA GLU A 77 -23.72 -44.02 0.25
C GLU A 77 -22.40 -44.69 0.62
N ARG A 78 -21.48 -43.88 1.17
CA ARG A 78 -20.17 -44.34 1.58
C ARG A 78 -19.95 -43.99 3.05
N ASP A 79 -18.89 -44.50 3.65
CA ASP A 79 -18.56 -44.16 5.03
C ASP A 79 -17.86 -42.81 5.06
N VAL A 80 -18.08 -42.05 6.12
CA VAL A 80 -17.39 -40.77 6.30
C VAL A 80 -15.88 -40.95 6.18
N SER A 81 -15.35 -42.04 6.77
CA SER A 81 -13.92 -42.34 6.70
C SER A 81 -13.40 -42.41 5.26
N GLU A 82 -14.23 -42.89 4.34
CA GLU A 82 -13.81 -42.99 2.93
C GLU A 82 -13.72 -41.62 2.30
N ILE A 83 -14.61 -40.72 2.69
CA ILE A 83 -14.60 -39.36 2.16
C ILE A 83 -13.47 -38.55 2.81
N VAL A 84 -13.26 -38.76 4.11
CA VAL A 84 -12.10 -38.19 4.82
C VAL A 84 -10.80 -38.60 4.10
N MET A 85 -10.67 -39.89 3.77
CA MET A 85 -9.52 -40.38 3.00
C MET A 85 -9.31 -39.60 1.72
N LEU A 86 -10.39 -39.40 0.97
CA LEU A 86 -10.25 -38.70 -0.30
C LEU A 86 -9.71 -37.28 -0.10
N ASN A 87 -10.18 -36.63 0.94
CA ASN A 87 -9.83 -35.24 1.23
C ASN A 87 -8.50 -35.04 1.92
N THR A 88 -7.84 -36.15 2.29
CA THR A 88 -6.52 -36.10 2.94
C THR A 88 -5.56 -37.09 2.29
N ARG A 89 -5.83 -37.44 1.04
CA ARG A 89 -5.10 -38.53 0.37
C ARG A 89 -3.59 -38.28 0.30
N THR A 90 -3.19 -37.07 -0.08
CA THR A 90 -1.75 -36.77 -0.19
C THR A 90 -1.05 -36.88 1.16
N GLU A 91 -1.65 -36.28 2.19
CA GLU A 91 -1.13 -36.33 3.56
C GLU A 91 -1.06 -37.76 4.09
N PHE A 92 -2.12 -38.52 3.84
CA PHE A 92 -2.26 -39.90 4.29
C PHE A 92 -1.16 -40.74 3.64
N ALA A 93 -0.98 -40.57 2.33
CA ALA A 93 0.08 -41.26 1.57
C ALA A 93 1.49 -40.87 2.03
N TYR A 94 1.71 -39.58 2.27
CA TYR A 94 3.00 -39.10 2.77
C TYR A 94 3.30 -39.74 4.13
N GLY A 95 2.29 -39.77 5.01
CA GLY A 95 2.42 -40.35 6.35
C GLY A 95 2.79 -41.81 6.34
N LEU A 96 2.14 -42.56 5.45
CA LEU A 96 2.38 -43.99 5.31
C LEU A 96 3.77 -44.28 4.74
N LYS A 97 4.20 -43.48 3.77
CA LYS A 97 5.55 -43.59 3.20
C LYS A 97 6.65 -43.34 4.23
N ALA A 98 6.46 -42.31 5.04
CA ALA A 98 7.41 -41.95 6.10
C ALA A 98 7.51 -43.03 7.17
N ALA A 99 6.37 -43.62 7.52
CA ALA A 99 6.32 -44.73 8.46
C ALA A 99 6.98 -46.00 7.90
N ARG A 100 6.75 -46.30 6.63
CA ARG A 100 7.27 -47.52 6.00
C ARG A 100 8.79 -47.55 5.88
N ASP A 101 9.38 -46.45 5.42
CA ASP A 101 10.84 -46.38 5.27
C ASP A 101 11.44 -45.10 5.82
N THR A 104 2.42 -27.61 -13.69
CA THR A 104 3.08 -26.38 -14.06
C THR A 104 2.07 -25.26 -13.96
N THR A 105 2.45 -24.18 -13.29
CA THR A 105 1.52 -23.09 -12.99
C THR A 105 2.18 -21.76 -13.32
N ALA A 106 1.40 -20.82 -13.86
CA ALA A 106 1.95 -19.51 -14.18
C ALA A 106 0.93 -18.39 -13.95
N TYR A 107 1.44 -17.24 -13.50
CA TYR A 107 0.69 -15.99 -13.45
C TYR A 107 1.45 -14.91 -14.21
N CYS A 108 0.74 -14.11 -14.99
CA CYS A 108 1.38 -13.00 -15.70
C CYS A 108 0.54 -11.76 -15.49
N GLN A 109 1.11 -10.75 -14.86
CA GLN A 109 0.46 -9.46 -14.74
C GLN A 109 0.61 -8.72 -16.06
N LEU A 110 -0.52 -8.27 -16.62
CA LEU A 110 -0.55 -7.67 -17.93
C LEU A 110 -1.49 -6.46 -17.87
N PRO A 111 -1.15 -5.36 -18.56
CA PRO A 111 -1.94 -4.13 -18.36
C PRO A 111 -3.39 -4.27 -18.85
N ASN A 112 -3.62 -5.10 -19.86
CA ASN A 112 -4.98 -5.32 -20.39
C ASN A 112 -5.72 -6.52 -19.79
N GLY A 113 -5.13 -7.11 -18.75
CA GLY A 113 -5.80 -8.15 -17.97
C GLY A 113 -4.83 -9.28 -17.73
N ALA A 114 -4.64 -9.62 -16.46
CA ALA A 114 -3.74 -10.69 -16.04
C ALA A 114 -4.27 -12.04 -16.47
N LEU A 115 -3.34 -12.98 -16.65
CA LEU A 115 -3.66 -14.33 -17.02
C LEU A 115 -2.96 -15.26 -16.06
N GLN A 116 -3.64 -16.33 -15.68
CA GLN A 116 -3.14 -17.26 -14.69
C GLN A 116 -3.64 -18.64 -15.11
N GLY A 117 -2.81 -19.65 -14.94
CA GLY A 117 -3.27 -20.97 -15.32
C GLY A 117 -2.38 -22.07 -14.83
N GLN A 118 -2.83 -23.30 -15.07
CA GLN A 118 -1.94 -24.44 -14.83
C GLN A 118 -2.33 -25.64 -15.65
N ASN A 119 -1.37 -26.55 -15.75
CA ASN A 119 -1.65 -27.93 -16.10
C ASN A 119 -1.58 -28.74 -14.82
N TRP A 120 -2.54 -29.63 -14.67
CA TRP A 120 -2.52 -30.58 -13.54
C TRP A 120 -2.13 -31.94 -14.09
N ASP A 121 -1.04 -32.49 -13.55
CA ASP A 121 -0.48 -33.76 -14.01
C ASP A 121 -0.60 -34.83 -12.93
N PHE A 122 -1.13 -35.99 -13.29
CA PHE A 122 -1.27 -37.07 -12.30
C PHE A 122 -1.52 -38.38 -13.03
N PHE A 123 -1.76 -39.43 -12.25
CA PHE A 123 -2.07 -40.74 -12.83
C PHE A 123 -3.34 -40.62 -13.66
N SER A 124 -3.27 -41.09 -14.92
CA SER A 124 -4.38 -40.91 -15.87
C SER A 124 -5.70 -41.50 -15.41
N ALA A 125 -5.65 -42.53 -14.58
CA ALA A 125 -6.88 -43.17 -14.11
C ALA A 125 -7.81 -42.19 -13.38
N THR A 126 -7.27 -41.10 -12.85
CA THR A 126 -8.11 -40.13 -12.13
C THR A 126 -8.81 -39.14 -13.06
N LYS A 127 -8.36 -39.04 -14.31
CA LYS A 127 -8.99 -38.09 -15.25
C LYS A 127 -10.49 -38.38 -15.37
N GLU A 128 -10.86 -39.66 -15.48
CA GLU A 128 -12.27 -40.01 -15.63
C GLU A 128 -13.07 -39.71 -14.36
N ASN A 129 -12.36 -39.37 -13.27
CA ASN A 129 -13.03 -39.05 -12.01
C ASN A 129 -13.13 -37.56 -11.73
N LEU A 130 -12.69 -36.76 -12.70
CA LEU A 130 -12.76 -35.31 -12.54
C LEU A 130 -14.18 -34.84 -12.79
N ILE A 131 -14.70 -34.04 -11.86
CA ILE A 131 -16.00 -33.39 -12.00
C ILE A 131 -15.81 -31.90 -11.74
N ARG A 132 -16.85 -31.11 -11.95
CA ARG A 132 -16.79 -29.73 -11.48
C ARG A 132 -17.98 -29.39 -10.64
N LEU A 133 -17.73 -28.57 -9.63
CA LEU A 133 -18.80 -28.16 -8.72
C LEU A 133 -19.00 -26.65 -8.82
N THR A 134 -20.25 -26.25 -8.76
CA THR A 134 -20.59 -24.86 -8.49
C THR A 134 -21.20 -24.88 -7.12
N ILE A 135 -20.56 -24.21 -6.17
CA ILE A 135 -21.06 -24.19 -4.80
C ILE A 135 -21.54 -22.80 -4.41
N ARG A 136 -22.82 -22.70 -4.05
CA ARG A 136 -23.43 -21.45 -3.57
C ARG A 136 -23.70 -21.58 -2.09
N GLN A 137 -23.11 -20.69 -1.30
CA GLN A 137 -23.40 -20.60 0.13
C GLN A 137 -23.72 -19.14 0.43
N ALA A 138 -24.87 -18.90 1.03
CA ALA A 138 -25.35 -17.52 1.28
C ALA A 138 -24.31 -16.70 2.02
N GLY A 139 -23.91 -15.57 1.42
CA GLY A 139 -22.94 -14.66 2.07
C GLY A 139 -21.46 -14.97 1.85
N LEU A 140 -21.17 -16.05 1.15
CA LEU A 140 -19.81 -16.38 0.73
C LEU A 140 -19.72 -16.31 -0.79
N PRO A 141 -18.51 -16.06 -1.33
CA PRO A 141 -18.38 -16.14 -2.79
C PRO A 141 -18.90 -17.46 -3.36
N THR A 142 -19.62 -17.40 -4.47
CA THR A 142 -19.93 -18.62 -5.21
C THR A 142 -18.64 -19.18 -5.83
N ILE A 143 -18.45 -20.49 -5.71
CA ILE A 143 -17.21 -21.16 -6.14
C ILE A 143 -17.45 -22.08 -7.32
N LYS A 144 -16.56 -22.02 -8.31
CA LYS A 144 -16.60 -22.99 -9.41
C LYS A 144 -15.23 -23.64 -9.51
N PHE A 145 -15.17 -24.96 -9.27
CA PHE A 145 -13.88 -25.61 -9.28
C PHE A 145 -13.90 -27.02 -9.84
N ILE A 146 -12.76 -27.44 -10.36
CA ILE A 146 -12.52 -28.78 -10.88
C ILE A 146 -11.89 -29.64 -9.80
N THR A 147 -12.43 -30.83 -9.61
CA THR A 147 -11.96 -31.71 -8.53
C THR A 147 -12.15 -33.18 -8.87
N GLU A 148 -11.36 -34.07 -8.28
CA GLU A 148 -11.72 -35.48 -8.30
C GLU A 148 -12.94 -35.61 -7.42
N ALA A 149 -13.92 -36.39 -7.86
CA ALA A 149 -15.18 -36.50 -7.15
C ALA A 149 -14.96 -36.94 -5.71
N GLY A 150 -15.62 -36.22 -4.79
CA GLY A 150 -15.61 -36.54 -3.36
C GLY A 150 -14.77 -35.55 -2.56
N ILE A 151 -14.03 -34.71 -3.26
CA ILE A 151 -13.11 -33.75 -2.59
C ILE A 151 -13.72 -32.35 -2.58
N ILE A 152 -13.56 -31.63 -1.45
CA ILE A 152 -14.24 -30.35 -1.22
C ILE A 152 -13.50 -29.06 -1.57
N GLY A 153 -12.27 -29.17 -2.02
CA GLY A 153 -11.49 -28.00 -2.41
C GLY A 153 -10.41 -28.44 -3.37
N LYS A 154 -10.30 -27.79 -4.52
CA LYS A 154 -9.21 -28.11 -5.44
C LYS A 154 -8.84 -26.87 -6.24
N VAL A 155 -9.04 -26.88 -7.55
CA VAL A 155 -8.52 -25.82 -8.41
C VAL A 155 -9.68 -25.13 -9.12
N GLY A 156 -9.80 -23.82 -8.94
CA GLY A 156 -10.92 -23.10 -9.53
C GLY A 156 -10.91 -21.66 -9.09
N PHE A 157 -12.06 -21.02 -9.21
CA PHE A 157 -12.17 -19.60 -8.88
C PHE A 157 -13.52 -19.29 -8.26
N ASN A 158 -13.66 -18.06 -7.76
CA ASN A 158 -14.90 -17.68 -7.13
C ASN A 158 -15.49 -16.38 -7.68
N SER A 159 -16.72 -16.05 -7.27
CA SER A 159 -17.40 -14.88 -7.82
C SER A 159 -16.74 -13.56 -7.42
N ALA A 160 -15.85 -13.60 -6.41
CA ALA A 160 -15.10 -12.42 -5.96
C ALA A 160 -13.81 -12.26 -6.76
N GLY A 161 -13.59 -13.15 -7.71
CA GLY A 161 -12.42 -13.10 -8.58
C GLY A 161 -11.16 -13.79 -8.07
N VAL A 162 -11.24 -14.45 -6.93
CA VAL A 162 -10.07 -15.18 -6.41
C VAL A 162 -9.92 -16.48 -7.18
N ALA A 163 -8.73 -16.71 -7.76
CA ALA A 163 -8.44 -17.90 -8.56
C ALA A 163 -7.30 -18.65 -7.88
N VAL A 164 -7.44 -19.95 -7.76
N VAL A 164 -7.42 -19.97 -7.83
CA VAL A 164 -6.40 -20.73 -7.12
CA VAL A 164 -6.53 -20.83 -7.05
C VAL A 164 -5.87 -21.84 -8.02
C VAL A 164 -5.94 -21.97 -7.90
N ASN A 165 -4.62 -22.19 -7.77
CA ASN A 165 -3.92 -23.28 -8.43
C ASN A 165 -3.14 -24.06 -7.39
N TYR A 166 -2.84 -25.31 -7.71
CA TYR A 166 -2.25 -26.24 -6.76
C TYR A 166 -1.18 -27.05 -7.45
N ASN A 167 -0.01 -27.18 -6.80
CA ASN A 167 1.07 -28.03 -7.33
C ASN A 167 1.59 -28.94 -6.23
N ALA A 168 1.88 -30.20 -6.57
CA ALA A 168 2.51 -31.08 -5.61
C ALA A 168 3.88 -30.54 -5.23
N LEU A 169 4.22 -30.66 -3.95
CA LEU A 169 5.54 -30.25 -3.46
C LEU A 169 5.87 -31.19 -2.32
N HIS A 170 7.07 -31.74 -2.27
N HIS A 170 7.16 -31.51 -2.21
CA HIS A 170 7.32 -32.72 -1.19
CA HIS A 170 7.62 -32.63 -1.42
C HIS A 170 8.47 -32.34 -0.27
C HIS A 170 8.62 -32.23 -0.33
N LEU A 171 8.17 -31.40 0.62
CA LEU A 171 8.99 -31.10 1.78
C LEU A 171 8.64 -32.07 2.89
N GLN A 172 9.64 -32.46 3.67
CA GLN A 172 9.51 -33.44 4.73
C GLN A 172 8.71 -32.86 5.90
N GLY A 173 7.89 -33.72 6.53
CA GLY A 173 7.20 -33.39 7.78
C GLY A 173 5.70 -33.60 7.71
N LEU A 174 5.12 -34.07 8.80
CA LEU A 174 3.66 -34.24 8.87
C LEU A 174 3.13 -33.85 10.23
N ARG A 175 2.04 -33.09 10.22
CA ARG A 175 1.38 -32.70 11.44
C ARG A 175 -0.08 -33.08 11.32
N PRO A 176 -0.47 -34.20 11.94
CA PRO A 176 -1.85 -34.65 11.72
C PRO A 176 -2.95 -33.72 12.25
N THR A 177 -2.59 -32.78 13.13
CA THR A 177 -3.56 -31.77 13.60
C THR A 177 -3.54 -30.49 12.76
N GLY A 178 -2.65 -30.40 11.78
CA GLY A 178 -2.54 -29.19 10.96
C GLY A 178 -3.61 -29.14 9.89
N VAL A 179 -3.66 -28.04 9.14
CA VAL A 179 -4.68 -27.91 8.10
C VAL A 179 -4.30 -28.74 6.84
N PRO A 180 -5.17 -29.68 6.42
CA PRO A 180 -4.91 -30.43 5.17
C PRO A 180 -4.90 -29.50 3.96
N SER A 181 -4.11 -29.84 2.94
N SER A 181 -4.08 -29.82 2.95
CA SER A 181 -3.93 -28.92 1.81
CA SER A 181 -3.93 -28.93 1.80
C SER A 181 -5.20 -28.65 0.99
C SER A 181 -5.26 -28.60 1.12
N HIS A 182 -6.10 -29.62 0.94
CA HIS A 182 -7.39 -29.42 0.27
C HIS A 182 -8.38 -28.57 1.09
N ILE A 183 -8.26 -28.61 2.41
CA ILE A 183 -9.01 -27.67 3.25
C ILE A 183 -8.47 -26.25 3.05
N ALA A 184 -7.16 -26.08 2.98
CA ALA A 184 -6.58 -24.76 2.68
C ALA A 184 -7.07 -24.22 1.32
N LEU A 185 -7.17 -25.10 0.32
CA LEU A 185 -7.70 -24.70 -0.98
C LEU A 185 -9.13 -24.20 -0.87
N ARG A 186 -9.96 -24.91 -0.11
CA ARG A 186 -11.33 -24.48 0.11
C ARG A 186 -11.43 -23.16 0.88
N ILE A 187 -10.55 -22.99 1.88
CA ILE A 187 -10.49 -21.73 2.60
C ILE A 187 -10.16 -20.60 1.64
N ALA A 188 -9.21 -20.83 0.74
CA ALA A 188 -8.85 -19.80 -0.25
C ALA A 188 -10.02 -19.49 -1.17
N LEU A 189 -10.68 -20.55 -1.63
CA LEU A 189 -11.82 -20.38 -2.54
C LEU A 189 -13.03 -19.67 -1.91
N GLU A 190 -13.09 -19.60 -0.59
CA GLU A 190 -14.18 -18.92 0.12
C GLU A 190 -13.80 -17.50 0.53
N SER A 191 -12.59 -17.07 0.18
CA SER A 191 -12.11 -15.74 0.55
C SER A 191 -12.50 -14.71 -0.52
N THR A 192 -12.57 -13.45 -0.12
CA THR A 192 -13.00 -12.39 -1.06
C THR A 192 -11.83 -11.70 -1.78
N SER A 193 -10.59 -12.01 -1.38
CA SER A 193 -9.42 -11.43 -2.05
C SER A 193 -8.22 -12.34 -1.79
N PRO A 194 -7.15 -12.22 -2.62
CA PRO A 194 -5.95 -13.00 -2.32
C PRO A 194 -5.35 -12.68 -0.96
N SER A 195 -5.39 -11.41 -0.54
N SER A 195 -5.41 -11.40 -0.57
CA SER A 195 -4.88 -11.07 0.79
CA SER A 195 -4.97 -10.93 0.74
C SER A 195 -5.69 -11.72 1.91
C SER A 195 -5.68 -11.70 1.86
N GLN A 196 -7.00 -11.80 1.73
CA GLN A 196 -7.83 -12.48 2.73
C GLN A 196 -7.52 -13.98 2.74
N ALA A 197 -7.33 -14.56 1.55
CA ALA A 197 -6.95 -15.98 1.44
C ALA A 197 -5.66 -16.25 2.24
N TYR A 198 -4.65 -15.39 2.02
CA TYR A 198 -3.38 -15.55 2.75
C TYR A 198 -3.60 -15.49 4.25
N ASP A 199 -4.28 -14.43 4.71
CA ASP A 199 -4.59 -14.23 6.12
C ASP A 199 -5.31 -15.45 6.71
N ARG A 200 -6.31 -15.96 5.99
CA ARG A 200 -7.12 -17.05 6.52
C ARG A 200 -6.37 -18.39 6.56
N ILE A 201 -5.49 -18.60 5.58
CA ILE A 201 -4.65 -19.81 5.58
C ILE A 201 -3.67 -19.73 6.78
N VAL A 202 -3.00 -18.60 6.92
CA VAL A 202 -2.05 -18.41 8.02
C VAL A 202 -2.79 -18.51 9.35
N GLU A 203 -4.03 -18.02 9.38
CA GLU A 203 -4.82 -18.07 10.62
C GLU A 203 -4.96 -19.47 11.21
N GLN A 204 -4.90 -20.51 10.37
CA GLN A 204 -5.05 -21.88 10.86
C GLN A 204 -3.91 -22.34 11.75
N GLY A 205 -2.78 -21.62 11.71
CA GLY A 205 -1.69 -21.86 12.66
C GLY A 205 -0.77 -23.02 12.31
N GLY A 206 -0.88 -23.52 11.08
CA GLY A 206 0.14 -24.43 10.53
C GLY A 206 -0.41 -25.52 9.64
N MET A 207 0.37 -25.89 8.64
CA MET A 207 -0.04 -26.87 7.60
C MET A 207 0.18 -28.29 8.08
N ALA A 208 -0.62 -29.22 7.56
CA ALA A 208 -0.50 -30.64 7.93
C ALA A 208 0.63 -31.33 7.18
N ALA A 209 0.91 -30.87 5.97
CA ALA A 209 1.95 -31.50 5.16
C ALA A 209 2.57 -30.49 4.22
N SER A 210 2.86 -30.90 2.99
N SER A 210 2.83 -30.90 2.98
CA SER A 210 3.55 -30.03 2.03
CA SER A 210 3.52 -30.02 2.04
C SER A 210 2.84 -29.96 0.69
C SER A 210 2.82 -29.96 0.69
N ALA A 211 2.85 -28.77 0.11
CA ALA A 211 2.31 -28.51 -1.23
C ALA A 211 2.68 -27.10 -1.64
N PHE A 212 2.23 -26.73 -2.82
CA PHE A 212 2.30 -25.35 -3.29
C PHE A 212 0.90 -24.89 -3.68
N ILE A 213 0.52 -23.70 -3.22
CA ILE A 213 -0.75 -23.11 -3.63
C ILE A 213 -0.52 -21.72 -4.21
N MET A 214 -1.19 -21.40 -5.31
CA MET A 214 -1.11 -20.04 -5.86
C MET A 214 -2.49 -19.44 -5.75
N VAL A 215 -2.57 -18.20 -5.30
CA VAL A 215 -3.84 -17.47 -5.21
C VAL A 215 -3.65 -16.13 -5.96
N GLY A 216 -4.58 -15.81 -6.86
CA GLY A 216 -4.50 -14.54 -7.58
C GLY A 216 -5.85 -13.97 -7.96
N ASN A 217 -5.88 -12.66 -8.19
CA ASN A 217 -6.97 -12.03 -8.91
C ASN A 217 -6.37 -11.14 -10.02
N GLY A 218 -7.14 -10.21 -10.56
CA GLY A 218 -6.60 -9.32 -11.58
C GLY A 218 -5.49 -8.38 -11.11
N HIS A 219 -5.41 -8.18 -9.80
CA HIS A 219 -4.59 -7.11 -9.23
C HIS A 219 -3.31 -7.60 -8.57
N GLU A 220 -3.38 -8.76 -7.95
CA GLU A 220 -2.30 -9.26 -7.09
C GLU A 220 -2.29 -10.78 -7.12
N ALA A 221 -1.14 -11.39 -6.86
CA ALA A 221 -1.10 -12.83 -6.68
C ALA A 221 0.09 -13.18 -5.81
N PHE A 222 0.01 -14.35 -5.17
CA PHE A 222 1.14 -14.91 -4.45
C PHE A 222 1.14 -16.43 -4.63
N GLY A 223 2.31 -17.01 -4.39
CA GLY A 223 2.44 -18.46 -4.30
C GLY A 223 2.84 -18.78 -2.87
N LEU A 224 2.46 -19.96 -2.37
CA LEU A 224 2.91 -20.40 -1.04
C LEU A 224 3.58 -21.78 -1.14
N GLU A 225 4.87 -21.86 -0.79
CA GLU A 225 5.52 -23.16 -0.61
C GLU A 225 5.49 -23.46 0.87
N PHE A 226 4.94 -24.61 1.26
CA PHE A 226 4.83 -24.89 2.68
C PHE A 226 5.11 -26.32 3.11
N SER A 227 5.52 -26.45 4.36
CA SER A 227 5.55 -27.72 5.11
C SER A 227 4.93 -27.41 6.46
N PRO A 228 4.83 -28.41 7.37
CA PRO A 228 4.38 -28.07 8.72
C PRO A 228 5.30 -27.08 9.47
N THR A 229 6.51 -26.85 8.97
CA THR A 229 7.50 -25.99 9.66
C THR A 229 7.99 -24.82 8.76
N SER A 230 7.26 -24.55 7.69
CA SER A 230 7.61 -23.48 6.77
C SER A 230 6.43 -22.99 5.96
N ILE A 231 6.22 -21.68 5.89
CA ILE A 231 5.23 -21.10 4.96
C ILE A 231 5.90 -19.93 4.27
N ARG A 232 6.33 -20.13 3.03
CA ARG A 232 7.12 -19.10 2.33
C ARG A 232 6.35 -18.58 1.14
N LYS A 233 6.40 -17.27 0.93
CA LYS A 233 5.58 -16.63 -0.10
C LYS A 233 6.41 -16.35 -1.35
N GLN A 234 5.88 -16.75 -2.50
CA GLN A 234 6.43 -16.39 -3.79
C GLN A 234 5.67 -15.15 -4.28
N VAL A 235 6.39 -14.20 -4.83
CA VAL A 235 5.79 -12.98 -5.37
C VAL A 235 6.20 -12.80 -6.83
N LEU A 236 5.56 -11.85 -7.51
CA LEU A 236 5.88 -11.59 -8.92
C LEU A 236 7.35 -11.19 -9.09
N ASP A 237 7.93 -11.66 -10.18
CA ASP A 237 9.30 -11.27 -10.50
C ASP A 237 9.30 -9.92 -11.22
N ALA A 238 10.45 -9.54 -11.76
CA ALA A 238 10.61 -8.23 -12.40
C ALA A 238 9.82 -8.06 -13.71
N ASN A 239 9.41 -9.18 -14.31
CA ASN A 239 8.57 -9.15 -15.49
C ASN A 239 7.07 -9.28 -15.20
N GLY A 240 6.73 -9.26 -13.92
CA GLY A 240 5.35 -9.39 -13.46
C GLY A 240 4.84 -10.82 -13.56
N ARG A 241 5.76 -11.78 -13.50
CA ARG A 241 5.44 -13.21 -13.68
C ARG A 241 5.72 -14.04 -12.44
N MET A 242 4.93 -15.09 -12.25
CA MET A 242 5.31 -16.20 -11.37
C MET A 242 5.16 -17.50 -12.11
N VAL A 243 6.14 -18.39 -11.95
CA VAL A 243 6.07 -19.72 -12.53
C VAL A 243 6.38 -20.71 -11.40
N HIS A 244 5.61 -21.78 -11.30
CA HIS A 244 5.93 -22.84 -10.34
C HIS A 244 5.71 -24.23 -10.92
N THR A 245 6.61 -25.15 -10.58
CA THR A 245 6.48 -26.54 -10.96
C THR A 245 6.38 -27.37 -9.68
N ASN A 246 7.24 -28.37 -9.49
CA ASN A 246 7.12 -29.27 -8.35
C ASN A 246 8.35 -29.31 -7.44
N HIS A 247 9.09 -28.21 -7.41
CA HIS A 247 10.25 -28.11 -6.50
C HIS A 247 10.32 -26.72 -5.86
N CYS A 248 11.02 -26.64 -4.74
CA CYS A 248 11.18 -25.38 -4.03
C CYS A 248 12.03 -24.38 -4.80
N LEU A 249 11.47 -23.19 -4.98
CA LEU A 249 12.12 -22.05 -5.59
C LEU A 249 12.56 -21.07 -4.52
N LEU A 250 11.95 -21.16 -3.34
CA LEU A 250 12.14 -20.18 -2.28
C LEU A 250 13.14 -20.64 -1.24
N GLN A 251 13.65 -19.67 -0.48
CA GLN A 251 14.57 -19.90 0.62
C GLN A 251 13.77 -20.43 1.81
N HIS A 252 14.08 -21.63 2.27
CA HIS A 252 13.39 -22.20 3.44
C HIS A 252 14.36 -22.28 4.62
N GLY A 253 13.82 -22.56 5.82
CA GLY A 253 14.66 -22.71 7.01
C GLY A 253 15.70 -23.81 6.82
N LYS A 254 16.75 -23.78 7.63
CA LYS A 254 17.86 -24.72 7.50
C LYS A 254 17.47 -26.22 7.52
N ASN A 255 16.48 -26.56 8.34
CA ASN A 255 16.10 -27.94 8.60
C ASN A 255 15.13 -28.52 7.55
N GLU A 256 14.64 -27.67 6.65
CA GLU A 256 13.69 -28.13 5.63
C GLU A 256 14.39 -29.08 4.67
N LYS A 257 13.66 -30.08 4.20
CA LYS A 257 14.27 -31.12 3.36
C LYS A 257 13.32 -31.51 2.24
N GLU A 258 13.80 -31.38 1.02
CA GLU A 258 13.00 -31.71 -0.15
C GLU A 258 13.24 -33.16 -0.57
N LEU A 259 12.14 -33.91 -0.75
CA LEU A 259 12.15 -35.36 -0.97
C LEU A 259 11.82 -35.82 -2.40
N ASP A 260 12.84 -36.31 -3.09
CA ASP A 260 12.71 -36.93 -4.42
C ASP A 260 11.89 -36.14 -5.45
N PRO A 261 12.21 -34.84 -5.64
CA PRO A 261 11.53 -34.14 -6.71
C PRO A 261 11.94 -34.74 -8.05
N LEU A 262 11.11 -34.64 -9.09
CA LEU A 262 11.51 -35.20 -10.39
C LEU A 262 12.46 -34.27 -11.11
N PRO A 263 13.46 -34.82 -11.82
CA PRO A 263 14.35 -33.95 -12.56
C PRO A 263 13.60 -32.99 -13.49
N ASP A 264 12.53 -33.47 -14.13
CA ASP A 264 11.82 -32.63 -15.07
C ASP A 264 11.14 -31.41 -14.42
N SER A 265 11.04 -31.41 -13.10
CA SER A 265 10.50 -30.21 -12.42
C SER A 265 11.36 -28.96 -12.73
N TRP A 266 12.68 -29.15 -12.77
CA TRP A 266 13.60 -28.05 -13.10
C TRP A 266 13.53 -27.71 -14.57
N ASN A 267 13.43 -28.75 -15.39
CA ASN A 267 13.36 -28.59 -16.82
C ASN A 267 12.12 -27.79 -17.22
N ARG A 268 10.97 -28.15 -16.67
CA ARG A 268 9.72 -27.47 -17.02
C ARG A 268 9.71 -26.03 -16.53
N HIS A 269 10.37 -25.77 -15.40
CA HIS A 269 10.35 -24.41 -14.85
C HIS A 269 11.15 -23.51 -15.78
N GLN A 270 12.34 -23.97 -16.13
CA GLN A 270 13.23 -23.31 -17.08
C GLN A 270 12.51 -23.08 -18.42
N ARG A 271 11.86 -24.13 -18.92
CA ARG A 271 11.11 -24.08 -20.16
C ARG A 271 9.97 -23.05 -20.15
N MET A 272 9.15 -23.07 -19.09
CA MET A 272 8.06 -22.12 -19.02
C MET A 272 8.58 -20.67 -18.95
N GLU A 273 9.67 -20.46 -18.21
CA GLU A 273 10.24 -19.11 -18.09
C GLU A 273 10.72 -18.64 -19.46
N PHE A 274 11.38 -19.54 -20.18
CA PHE A 274 11.80 -19.27 -21.55
C PHE A 274 10.62 -18.92 -22.47
N LEU A 275 9.57 -19.74 -22.43
CA LEU A 275 8.39 -19.52 -23.27
C LEU A 275 7.69 -18.18 -22.97
N LEU A 276 7.70 -17.78 -21.70
CA LEU A 276 7.13 -16.49 -21.29
C LEU A 276 7.95 -15.29 -21.74
N ASP A 277 9.25 -15.49 -21.93
CA ASP A 277 10.10 -14.43 -22.49
C ASP A 277 9.66 -14.05 -23.91
N GLY A 278 9.18 -15.03 -24.67
CA GLY A 278 8.75 -14.80 -26.05
C GLY A 278 7.24 -14.62 -26.21
N PHE A 279 6.53 -14.66 -25.08
CA PHE A 279 5.08 -14.54 -25.02
C PHE A 279 4.62 -13.09 -25.31
N ASP A 280 3.70 -12.94 -26.27
CA ASP A 280 3.31 -11.58 -26.71
C ASP A 280 2.18 -10.95 -25.88
N GLY A 281 1.67 -11.70 -24.92
CA GLY A 281 0.63 -11.19 -24.02
C GLY A 281 -0.78 -11.58 -24.37
N THR A 282 -1.00 -12.09 -25.59
CA THR A 282 -2.36 -12.43 -26.05
C THR A 282 -2.92 -13.67 -25.37
N LYS A 283 -4.25 -13.73 -25.21
CA LYS A 283 -4.88 -14.90 -24.63
C LYS A 283 -4.62 -16.15 -25.47
N GLN A 284 -4.68 -16.01 -26.80
CA GLN A 284 -4.38 -17.13 -27.70
C GLN A 284 -3.00 -17.71 -27.48
N ALA A 285 -1.97 -16.85 -27.43
CA ALA A 285 -0.59 -17.26 -27.17
C ALA A 285 -0.39 -17.90 -25.79
N PHE A 286 -1.09 -17.36 -24.78
CA PHE A 286 -1.01 -17.92 -23.44
C PHE A 286 -1.54 -19.35 -23.41
N ALA A 287 -2.66 -19.59 -24.11
CA ALA A 287 -3.27 -20.92 -24.14
C ALA A 287 -2.33 -21.93 -24.79
N GLN A 288 -1.61 -21.49 -25.82
CA GLN A 288 -0.68 -22.40 -26.50
C GLN A 288 0.53 -22.84 -25.68
N LEU A 289 0.96 -22.04 -24.71
CA LEU A 289 2.08 -22.40 -23.83
C LEU A 289 1.89 -23.78 -23.19
N TRP A 290 0.64 -24.07 -22.81
CA TRP A 290 0.31 -25.27 -22.06
C TRP A 290 0.34 -26.56 -22.88
N ALA A 291 0.51 -26.43 -24.19
CA ALA A 291 0.59 -27.59 -25.09
C ALA A 291 2.05 -27.90 -25.45
N ASP A 292 2.99 -27.23 -24.79
CA ASP A 292 4.40 -27.45 -25.09
C ASP A 292 4.87 -28.88 -24.82
N GLU A 293 5.62 -29.44 -25.78
CA GLU A 293 6.08 -30.82 -25.68
C GLU A 293 7.60 -31.01 -25.69
N ASP A 294 8.36 -29.93 -25.45
CA ASP A 294 9.80 -30.07 -25.20
C ASP A 294 10.10 -31.03 -24.02
N ASN A 295 11.00 -31.98 -24.27
CA ASN A 295 11.37 -33.01 -23.29
C ASN A 295 10.23 -34.00 -23.01
N TYR A 296 9.31 -34.11 -23.98
CA TYR A 296 8.33 -35.19 -24.04
C TYR A 296 9.03 -36.52 -23.69
N PRO A 297 8.38 -37.37 -22.86
CA PRO A 297 7.03 -37.23 -22.31
C PRO A 297 6.93 -36.40 -21.03
N PHE A 298 8.08 -35.90 -20.54
CA PHE A 298 8.13 -35.20 -19.23
C PHE A 298 7.85 -33.71 -19.40
N SER A 299 7.14 -33.39 -20.47
CA SER A 299 6.92 -32.01 -20.91
C SER A 299 5.86 -31.29 -20.12
N ILE A 300 5.78 -29.97 -20.34
CA ILE A 300 4.76 -29.15 -19.70
C ILE A 300 3.39 -29.75 -20.02
N CYS A 301 3.17 -30.09 -21.28
CA CYS A 301 2.04 -30.93 -21.63
C CYS A 301 2.50 -32.39 -21.52
N ARG A 302 2.27 -32.97 -20.35
CA ARG A 302 2.87 -34.27 -19.97
C ARG A 302 2.10 -35.41 -20.62
N ALA A 303 2.84 -36.47 -20.96
CA ALA A 303 2.24 -37.69 -21.53
C ALA A 303 2.61 -38.91 -20.73
N TYR A 304 1.64 -39.83 -20.60
CA TYR A 304 1.89 -41.16 -20.07
C TYR A 304 2.65 -41.99 -21.10
N GLU A 305 3.74 -42.62 -20.67
CA GLU A 305 4.49 -43.55 -21.50
C GLU A 305 5.00 -44.62 -20.58
N GLU A 306 4.45 -45.83 -20.72
CA GLU A 306 4.76 -46.91 -19.81
C GLU A 306 6.25 -47.17 -19.77
N GLY A 307 6.80 -47.14 -18.55
CA GLY A 307 8.23 -47.41 -18.34
C GLY A 307 9.07 -46.15 -18.34
N LYS A 308 8.43 -45.00 -18.52
CA LYS A 308 9.13 -43.73 -18.61
C LYS A 308 8.44 -42.67 -17.77
N SER A 309 7.19 -42.36 -18.14
CA SER A 309 6.38 -41.37 -17.43
C SER A 309 5.07 -41.98 -16.95
N ARG A 310 4.83 -41.91 -15.65
CA ARG A 310 3.66 -42.56 -15.02
C ARG A 310 2.37 -41.78 -15.14
N GLY A 311 2.47 -40.48 -15.39
CA GLY A 311 1.31 -39.60 -15.41
C GLY A 311 1.23 -38.80 -16.69
N ALA A 312 0.17 -38.01 -16.78
CA ALA A 312 -0.06 -37.16 -17.97
C ALA A 312 -0.71 -35.87 -17.52
N THR A 313 -0.75 -34.87 -18.39
CA THR A 313 -1.54 -33.67 -18.09
C THR A 313 -3.00 -34.08 -18.22
N LEU A 314 -3.75 -33.89 -17.13
CA LEU A 314 -5.15 -34.36 -17.09
C LEU A 314 -6.15 -33.25 -17.32
N PHE A 315 -5.74 -32.01 -17.06
CA PHE A 315 -6.50 -30.83 -17.47
C PHE A 315 -5.64 -29.57 -17.37
N ASN A 316 -6.13 -28.57 -18.08
CA ASN A 316 -5.55 -27.26 -18.09
C ASN A 316 -6.68 -26.29 -17.75
N ILE A 317 -6.33 -25.28 -16.95
CA ILE A 317 -7.26 -24.20 -16.67
C ILE A 317 -6.58 -22.88 -16.85
N ILE A 318 -7.29 -21.93 -17.44
CA ILE A 318 -6.79 -20.57 -17.64
C ILE A 318 -7.82 -19.58 -17.13
N TYR A 319 -7.39 -18.72 -16.21
CA TYR A 319 -8.23 -17.66 -15.68
C TYR A 319 -7.96 -16.37 -16.43
N ASP A 320 -9.00 -15.90 -17.11
CA ASP A 320 -9.00 -14.60 -17.78
C ASP A 320 -9.51 -13.63 -16.73
N HIS A 321 -8.58 -13.03 -15.98
CA HIS A 321 -8.99 -12.21 -14.84
C HIS A 321 -9.85 -11.01 -15.20
N ALA A 322 -9.57 -10.40 -16.34
CA ALA A 322 -10.33 -9.23 -16.83
C ALA A 322 -11.84 -9.51 -16.98
N ARG A 323 -12.18 -10.74 -17.36
CA ARG A 323 -13.56 -11.11 -17.72
C ARG A 323 -14.21 -11.98 -16.66
N ARG A 324 -13.45 -12.34 -15.64
N ARG A 324 -13.45 -12.34 -15.64
CA ARG A 324 -13.86 -13.35 -14.64
CA ARG A 324 -13.86 -13.35 -14.65
C ARG A 324 -14.40 -14.61 -15.30
C ARG A 324 -14.41 -14.60 -15.32
N GLU A 325 -13.62 -15.15 -16.24
CA GLU A 325 -13.93 -16.41 -16.93
C GLU A 325 -12.77 -17.36 -16.80
N ALA A 326 -13.07 -18.65 -16.77
CA ALA A 326 -12.03 -19.67 -16.65
C ALA A 326 -12.28 -20.66 -17.75
N THR A 327 -11.28 -20.89 -18.61
CA THR A 327 -11.44 -21.85 -19.70
C THR A 327 -10.74 -23.13 -19.28
N VAL A 328 -11.47 -24.22 -19.38
CA VAL A 328 -10.98 -25.52 -18.97
C VAL A 328 -10.83 -26.39 -20.22
N ARG A 329 -9.67 -27.04 -20.31
CA ARG A 329 -9.44 -28.07 -21.30
C ARG A 329 -9.14 -29.37 -20.57
N LEU A 330 -10.00 -30.36 -20.77
CA LEU A 330 -9.79 -31.70 -20.20
C LEU A 330 -8.80 -32.51 -21.05
N GLY A 331 -7.94 -33.27 -20.38
CA GLY A 331 -6.88 -34.02 -21.05
C GLY A 331 -5.67 -33.14 -21.38
N ARG A 332 -4.90 -33.57 -22.38
CA ARG A 332 -3.72 -32.85 -22.83
C ARG A 332 -4.07 -31.71 -23.77
N PRO A 333 -3.56 -30.49 -23.49
CA PRO A 333 -3.88 -29.33 -24.34
C PRO A 333 -3.47 -29.45 -25.80
N THR A 334 -2.57 -30.37 -26.12
CA THR A 334 -2.24 -30.67 -27.51
C THR A 334 -3.45 -31.20 -28.30
N ASN A 335 -4.39 -31.83 -27.59
CA ASN A 335 -5.60 -32.36 -28.21
C ASN A 335 -6.65 -32.66 -27.13
N PRO A 336 -7.31 -31.59 -26.64
CA PRO A 336 -8.19 -31.72 -25.46
C PRO A 336 -9.36 -32.66 -25.71
N ASP A 337 -9.74 -33.38 -24.65
CA ASP A 337 -10.89 -34.27 -24.71
C ASP A 337 -12.14 -33.44 -24.78
N GLU A 338 -12.12 -32.30 -24.09
CA GLU A 338 -13.19 -31.30 -24.23
C GLU A 338 -12.71 -29.96 -23.76
N MET A 339 -13.52 -28.95 -24.04
CA MET A 339 -13.18 -27.57 -23.69
C MET A 339 -14.47 -26.83 -23.34
N PHE A 340 -14.46 -26.08 -22.24
CA PHE A 340 -15.59 -25.26 -21.90
C PHE A 340 -15.13 -24.05 -21.09
N VAL A 341 -16.02 -23.05 -21.02
CA VAL A 341 -15.75 -21.83 -20.26
C VAL A 341 -16.71 -21.71 -19.08
N MET A 342 -16.14 -21.42 -17.90
CA MET A 342 -16.93 -21.21 -16.70
C MET A 342 -17.01 -19.73 -16.42
N ARG A 343 -18.20 -19.30 -16.03
CA ARG A 343 -18.45 -17.91 -15.67
C ARG A 343 -19.62 -17.83 -14.71
N PHE A 344 -19.69 -16.73 -13.98
CA PHE A 344 -20.70 -16.58 -12.93
C PHE A 344 -21.91 -15.82 -13.44
N ASP A 345 -23.07 -16.22 -12.98
CA ASP A 345 -24.29 -15.55 -13.41
C ASP A 345 -24.87 -14.69 -12.30
N GLU A 346 -25.97 -14.00 -12.60
CA GLU A 346 -26.62 -13.14 -11.61
C GLU A 346 -27.00 -13.84 -10.31
N GLU A 347 -27.48 -15.07 -10.43
CA GLU A 347 -27.86 -15.88 -9.26
C GLU A 347 -26.65 -16.30 -8.42
N ASP A 348 -25.52 -16.58 -9.09
CA ASP A 348 -24.26 -16.82 -8.38
C ASP A 348 -23.90 -15.61 -7.54
N GLU A 349 -24.09 -14.42 -8.11
CA GLU A 349 -23.76 -13.18 -7.41
C GLU A 349 -24.75 -12.84 -6.27
N ARG A 350 -26.04 -13.12 -6.48
CA ARG A 350 -27.05 -12.92 -5.43
C ARG A 350 -26.77 -13.79 -4.21
N SER A 351 -26.36 -15.05 -4.43
CA SER A 351 -25.99 -15.90 -3.30
C SER A 351 -24.83 -15.29 -2.51
N ALA A 352 -23.80 -14.81 -3.22
CA ALA A 352 -22.64 -14.23 -2.58
C ALA A 352 -22.96 -13.01 -1.73
N LEU A 353 -23.99 -12.25 -2.14
CA LEU A 353 -24.38 -11.02 -1.44
C LEU A 353 -25.43 -11.29 -0.38
N ASN A 354 -25.88 -12.55 -0.32
CA ASN A 354 -26.96 -12.95 0.61
C ASN A 354 -28.22 -12.11 0.38
N ALA A 355 -28.50 -11.86 -0.90
CA ALA A 355 -29.56 -10.98 -1.34
C ALA A 355 -30.85 -11.74 -1.68
N MET B 1 20.57 -1.11 36.40
CA MET B 1 20.32 -2.51 35.96
C MET B 1 21.59 -3.01 35.31
N LEU B 2 21.91 -4.29 35.49
CA LEU B 2 23.08 -4.89 34.83
C LEU B 2 22.87 -4.78 33.32
N HIS B 3 23.88 -4.25 32.63
CA HIS B 3 23.81 -4.03 31.19
C HIS B 3 24.97 -4.78 30.55
N ILE B 4 24.61 -5.75 29.73
CA ILE B 4 25.60 -6.61 29.10
C ILE B 4 25.72 -6.32 27.61
N LEU B 5 26.95 -6.02 27.21
CA LEU B 5 27.25 -5.84 25.80
C LEU B 5 27.68 -7.18 25.21
N CYS B 6 26.92 -7.68 24.24
CA CYS B 6 27.20 -8.97 23.60
C CYS B 6 27.59 -8.78 22.14
N GLN B 7 28.74 -9.36 21.77
CA GLN B 7 29.37 -9.12 20.48
C GLN B 7 29.94 -10.46 19.99
N GLY B 8 30.04 -10.67 18.67
CA GLY B 8 30.75 -11.83 18.18
C GLY B 8 29.87 -12.86 17.48
N THR B 9 30.33 -14.11 17.50
CA THR B 9 29.55 -15.22 16.95
C THR B 9 28.34 -15.49 17.84
N PRO B 10 27.35 -16.25 17.34
CA PRO B 10 26.22 -16.52 18.27
C PRO B 10 26.67 -17.13 19.61
N PHE B 11 27.61 -18.08 19.56
CA PHE B 11 28.12 -18.67 20.81
C PHE B 11 28.79 -17.62 21.67
N GLU B 12 29.67 -16.81 21.07
CA GLU B 12 30.31 -15.70 21.81
C GLU B 12 29.28 -14.74 22.43
N ILE B 13 28.22 -14.40 21.67
CA ILE B 13 27.15 -13.55 22.19
C ILE B 13 26.51 -14.17 23.44
N GLY B 14 26.25 -15.47 23.37
CA GLY B 14 25.63 -16.17 24.51
C GLY B 14 26.58 -16.21 25.71
N TYR B 15 27.86 -16.47 25.45
CA TYR B 15 28.83 -16.54 26.54
C TYR B 15 28.96 -15.21 27.27
N GLU B 16 28.89 -14.10 26.54
CA GLU B 16 28.91 -12.78 27.19
C GLU B 16 27.75 -12.63 28.17
N HIS B 17 26.56 -12.99 27.70
CA HIS B 17 25.32 -12.97 28.49
C HIS B 17 25.46 -13.91 29.68
N GLY B 18 25.83 -15.16 29.44
CA GLY B 18 25.88 -16.19 30.52
C GLY B 18 26.91 -15.88 31.58
N SER B 19 28.10 -15.42 31.18
CA SER B 19 29.15 -15.13 32.12
C SER B 19 28.87 -13.85 32.94
N ALA B 20 28.42 -12.77 32.27
CA ALA B 20 28.21 -11.51 32.97
C ALA B 20 27.01 -11.59 33.91
N ALA B 21 26.03 -12.41 33.53
CA ALA B 21 24.80 -12.58 34.35
C ALA B 21 24.77 -13.91 35.10
N LYS B 22 25.93 -14.53 35.33
CA LYS B 22 25.98 -15.88 35.89
C LYS B 22 25.10 -16.04 37.15
N ALA B 23 25.29 -15.16 38.13
CA ALA B 23 24.56 -15.30 39.39
C ALA B 23 23.06 -15.08 39.17
N VAL B 24 22.73 -14.15 38.28
CA VAL B 24 21.33 -13.83 38.00
C VAL B 24 20.64 -15.02 37.32
N ILE B 25 21.32 -15.64 36.36
CA ILE B 25 20.78 -16.83 35.67
C ILE B 25 20.47 -17.99 36.64
N ALA B 26 21.34 -18.20 37.62
CA ALA B 26 21.09 -19.21 38.66
C ALA B 26 19.72 -18.91 39.33
N ARG B 27 19.44 -17.63 39.55
CA ARG B 27 18.16 -17.22 40.19
C ARG B 27 17.00 -17.40 39.21
N SER B 28 17.22 -17.06 37.94
CA SER B 28 16.21 -17.28 36.91
C SER B 28 15.81 -18.75 36.86
N ILE B 29 16.80 -19.66 36.91
CA ILE B 29 16.53 -21.09 36.82
C ILE B 29 15.74 -21.59 38.04
N ASP B 30 16.15 -21.15 39.23
CA ASP B 30 15.46 -21.57 40.46
C ASP B 30 13.99 -21.12 40.41
N PHE B 31 13.77 -19.88 39.99
CA PHE B 31 12.40 -19.37 39.88
C PHE B 31 11.59 -20.18 38.87
N ALA B 32 12.17 -20.46 37.70
CA ALA B 32 11.44 -21.09 36.62
C ALA B 32 11.09 -22.54 36.92
N VAL B 33 12.02 -23.25 37.56
CA VAL B 33 11.76 -24.63 37.98
C VAL B 33 10.55 -24.66 38.92
N ASP B 34 10.54 -23.76 39.92
CA ASP B 34 9.45 -23.71 40.90
C ASP B 34 8.12 -23.36 40.24
N LEU B 35 8.15 -22.40 39.32
CA LEU B 35 6.96 -21.98 38.57
C LEU B 35 6.38 -23.14 37.76
N ILE B 36 7.25 -23.81 37.00
CA ILE B 36 6.83 -24.88 36.09
C ILE B 36 6.28 -26.08 36.86
N ARG B 37 7.00 -26.53 37.89
CA ARG B 37 6.52 -27.64 38.70
C ARG B 37 5.14 -27.32 39.28
N GLY B 38 4.98 -26.09 39.75
CA GLY B 38 3.72 -25.65 40.34
C GLY B 38 2.57 -25.58 39.34
N LYS B 39 2.81 -24.98 38.18
CA LYS B 39 1.79 -24.76 37.15
C LYS B 39 1.34 -26.04 36.43
N THR B 40 2.27 -26.96 36.18
CA THR B 40 1.96 -28.17 35.44
C THR B 40 1.62 -29.35 36.36
N LYS B 41 0.88 -30.32 35.82
CA LYS B 41 0.55 -31.53 36.56
C LYS B 41 1.68 -32.56 36.43
N LYS B 42 2.69 -32.22 35.63
CA LYS B 42 3.67 -33.17 35.12
C LYS B 42 4.71 -33.63 36.14
N THR B 43 5.15 -34.88 36.02
CA THR B 43 6.27 -35.38 36.80
C THR B 43 7.57 -34.81 36.27
N ASP B 44 8.62 -34.88 37.08
CA ASP B 44 9.94 -34.40 36.67
C ASP B 44 10.48 -35.18 35.47
N GLU B 45 10.19 -36.49 35.44
CA GLU B 45 10.55 -37.32 34.31
C GLU B 45 9.90 -36.82 33.01
N GLU B 46 8.59 -36.55 33.04
CA GLU B 46 7.90 -35.98 31.87
C GLU B 46 8.44 -34.61 31.47
N LEU B 47 8.68 -33.75 32.46
CA LEU B 47 9.23 -32.42 32.19
C LEU B 47 10.61 -32.52 31.54
N LYS B 48 11.44 -33.44 32.00
CA LYS B 48 12.76 -33.63 31.40
C LYS B 48 12.68 -34.10 29.94
N GLN B 49 11.70 -34.94 29.63
CA GLN B 49 11.46 -35.39 28.25
C GLN B 49 11.01 -34.25 27.33
N VAL B 50 10.04 -33.46 27.78
CA VAL B 50 9.63 -32.29 27.00
C VAL B 50 10.82 -31.35 26.80
N LEU B 51 11.64 -31.18 27.83
CA LEU B 51 12.77 -30.27 27.72
C LEU B 51 13.78 -30.77 26.68
N SER B 52 14.03 -32.07 26.68
CA SER B 52 14.86 -32.71 25.66
C SER B 52 14.28 -32.49 24.27
N GLN B 53 12.99 -32.73 24.13
N GLN B 53 12.98 -32.74 24.12
CA GLN B 53 12.27 -32.52 22.86
CA GLN B 53 12.26 -32.49 22.85
C GLN B 53 12.37 -31.07 22.34
C GLN B 53 12.47 -31.06 22.35
N LEU B 54 12.17 -30.08 23.21
CA LEU B 54 12.28 -28.68 22.84
C LEU B 54 13.70 -28.28 22.47
N GLY B 55 14.68 -28.82 23.18
CA GLY B 55 16.10 -28.57 22.86
C GLY B 55 16.42 -29.06 21.46
N ARG B 56 15.95 -30.25 21.12
CA ARG B 56 16.17 -30.82 19.78
C ARG B 56 15.55 -29.95 18.69
N VAL B 57 14.33 -29.47 18.93
CA VAL B 57 13.64 -28.59 17.97
C VAL B 57 14.46 -27.32 17.74
N ILE B 58 14.91 -26.70 18.82
CA ILE B 58 15.62 -25.43 18.66
C ILE B 58 16.94 -25.66 17.92
N GLU B 59 17.65 -26.72 18.29
CA GLU B 59 18.91 -27.08 17.66
C GLU B 59 18.77 -27.23 16.15
N GLU B 60 17.74 -27.96 15.72
N GLU B 60 17.73 -27.95 15.73
CA GLU B 60 17.50 -28.25 14.32
CA GLU B 60 17.54 -28.25 14.31
C GLU B 60 16.96 -27.04 13.58
C GLU B 60 16.90 -27.09 13.56
N ARG B 61 15.98 -26.36 14.19
CA ARG B 61 15.24 -25.29 13.50
C ARG B 61 15.94 -23.92 13.45
N TRP B 62 16.55 -23.54 14.57
CA TRP B 62 17.21 -22.22 14.72
C TRP B 62 18.62 -22.44 15.25
N PRO B 63 19.49 -23.05 14.43
CA PRO B 63 20.83 -23.35 14.92
C PRO B 63 21.59 -22.15 15.50
N LYS B 64 21.40 -20.94 14.97
CA LYS B 64 22.11 -19.77 15.52
C LYS B 64 21.63 -19.44 16.92
N TYR B 65 20.33 -19.57 17.13
CA TYR B 65 19.78 -19.30 18.47
C TYR B 65 20.20 -20.42 19.43
N TYR B 66 20.31 -21.65 18.91
CA TYR B 66 20.77 -22.74 19.76
C TYR B 66 22.21 -22.54 20.20
N GLU B 67 23.06 -22.08 19.27
CA GLU B 67 24.45 -21.79 19.60
C GLU B 67 24.56 -20.71 20.65
N GLU B 68 23.71 -19.69 20.56
CA GLU B 68 23.65 -18.64 21.57
C GLU B 68 23.26 -19.21 22.95
N ILE B 69 22.23 -20.05 22.94
CA ILE B 69 21.82 -20.75 24.15
C ILE B 69 22.94 -21.61 24.74
N ARG B 70 23.68 -22.34 23.90
CA ARG B 70 24.85 -23.09 24.36
C ARG B 70 25.89 -22.16 25.01
N GLY B 71 26.09 -20.97 24.41
CA GLY B 71 27.06 -20.00 24.93
C GLY B 71 26.65 -19.50 26.30
N ILE B 72 25.35 -19.21 26.44
CA ILE B 72 24.78 -18.79 27.73
C ILE B 72 25.02 -19.87 28.79
N ALA B 73 24.70 -21.12 28.45
CA ALA B 73 24.93 -22.24 29.35
C ALA B 73 26.39 -22.33 29.78
N LYS B 74 27.32 -22.22 28.82
CA LYS B 74 28.74 -22.25 29.14
C LYS B 74 29.16 -21.12 30.10
N GLY B 75 28.77 -19.90 29.77
CA GLY B 75 29.16 -18.73 30.54
C GLY B 75 28.56 -18.75 31.94
N ALA B 76 27.34 -19.26 32.04
CA ALA B 76 26.66 -19.34 33.35
C ALA B 76 26.95 -20.62 34.13
N GLU B 77 27.69 -21.54 33.52
CA GLU B 77 28.08 -22.82 34.14
C GLU B 77 26.82 -23.64 34.51
N ARG B 78 25.87 -23.64 33.58
CA ARG B 78 24.64 -24.41 33.68
C ARG B 78 24.51 -25.38 32.52
N ASP B 79 23.59 -26.35 32.64
CA ASP B 79 23.35 -27.24 31.52
C ASP B 79 22.60 -26.52 30.41
N VAL B 80 22.89 -26.92 29.17
CA VAL B 80 22.17 -26.36 28.02
C VAL B 80 20.65 -26.48 28.22
N SER B 81 20.22 -27.64 28.72
CA SER B 81 18.78 -27.86 28.97
C SER B 81 18.18 -26.80 29.90
N GLU B 82 18.94 -26.32 30.88
CA GLU B 82 18.40 -25.31 31.81
C GLU B 82 18.14 -23.99 31.12
N ILE B 83 19.01 -23.67 30.15
CA ILE B 83 18.83 -22.44 29.38
C ILE B 83 17.71 -22.62 28.33
N VAL B 84 17.62 -23.80 27.71
CA VAL B 84 16.44 -24.13 26.90
C VAL B 84 15.15 -23.91 27.72
N MET B 85 15.13 -24.42 28.96
N MET B 85 15.15 -24.41 28.96
CA MET B 85 13.99 -24.24 29.85
CA MET B 85 14.02 -24.25 29.89
C MET B 85 13.60 -22.76 30.03
C MET B 85 13.62 -22.79 30.08
N LEU B 86 14.59 -21.91 30.31
CA LEU B 86 14.31 -20.47 30.47
C LEU B 86 13.67 -19.88 29.22
N ASN B 87 14.17 -20.31 28.07
CA ASN B 87 13.70 -19.77 26.81
C ASN B 87 12.39 -20.38 26.32
N THR B 88 11.88 -21.36 27.06
CA THR B 88 10.61 -22.01 26.71
C THR B 88 9.71 -22.03 27.94
N ARG B 89 9.93 -21.09 28.88
CA ARG B 89 9.16 -21.11 30.13
C ARG B 89 7.65 -20.98 29.86
N THR B 90 7.28 -20.17 28.87
CA THR B 90 5.87 -19.98 28.45
C THR B 90 5.23 -21.31 28.04
N GLU B 91 5.96 -22.03 27.20
CA GLU B 91 5.51 -23.30 26.66
C GLU B 91 5.21 -24.30 27.80
N PHE B 92 6.08 -24.30 28.81
CA PHE B 92 5.86 -25.15 29.99
C PHE B 92 4.75 -24.63 30.89
N ALA B 93 4.95 -23.42 31.43
CA ALA B 93 4.08 -22.90 32.49
C ALA B 93 2.65 -22.65 32.04
N TYR B 94 2.45 -22.44 30.74
CA TYR B 94 1.11 -22.14 30.23
C TYR B 94 0.64 -23.06 29.08
N GLY B 95 1.57 -23.51 28.24
CA GLY B 95 1.25 -24.51 27.20
C GLY B 95 0.97 -25.89 27.75
N LEU B 96 1.66 -26.25 28.84
CA LEU B 96 1.39 -27.49 29.57
C LEU B 96 0.61 -27.21 30.88
N LYS B 97 -0.04 -26.05 30.94
CA LYS B 97 -0.79 -25.63 32.14
C LYS B 97 -1.80 -26.69 32.58
N ALA B 98 -1.72 -27.10 33.85
CA ALA B 98 -2.67 -28.06 34.42
C ALA B 98 -4.04 -27.44 34.65
N THR B 104 -0.05 -4.60 30.16
CA THR B 104 -0.88 -3.66 29.40
C THR B 104 0.04 -3.02 28.37
N THR B 105 -0.40 -2.99 27.12
CA THR B 105 0.44 -2.54 25.98
C THR B 105 -0.37 -1.59 25.11
N ALA B 106 0.26 -0.52 24.60
CA ALA B 106 -0.45 0.43 23.76
C ALA B 106 0.47 0.96 22.67
N TYR B 107 -0.11 1.22 21.51
CA TYR B 107 0.54 1.95 20.41
C TYR B 107 -0.39 3.08 19.97
N CYS B 108 0.17 4.28 19.76
CA CYS B 108 -0.61 5.41 19.34
C CYS B 108 0.09 6.06 18.16
N GLN B 109 -0.53 6.00 16.98
CA GLN B 109 -0.04 6.76 15.84
C GLN B 109 -0.33 8.24 16.07
N LEU B 110 0.71 9.07 16.00
CA LEU B 110 0.63 10.51 16.31
C LEU B 110 1.42 11.32 15.29
N PRO B 111 0.95 12.52 14.94
CA PRO B 111 1.52 13.29 13.84
C PRO B 111 2.99 13.65 14.08
N ASN B 112 3.29 14.05 15.31
CA ASN B 112 4.68 14.38 15.70
C ASN B 112 5.54 13.22 16.17
N GLY B 113 5.04 11.99 16.04
CA GLY B 113 5.83 10.80 16.36
C GLY B 113 4.99 9.83 17.15
N ALA B 114 4.89 8.60 16.63
CA ALA B 114 4.17 7.53 17.33
C ALA B 114 4.79 7.23 18.69
N LEU B 115 3.93 6.79 19.62
CA LEU B 115 4.39 6.35 20.91
C LEU B 115 3.87 4.96 21.16
N GLN B 116 4.69 4.15 21.82
CA GLN B 116 4.37 2.77 22.05
C GLN B 116 4.97 2.39 23.39
N GLY B 117 4.26 1.59 24.19
CA GLY B 117 4.88 1.12 25.41
C GLY B 117 4.09 0.04 26.07
N GLN B 118 4.61 -0.45 27.18
CA GLN B 118 3.87 -1.41 28.02
C GLN B 118 4.33 -1.41 29.45
N ASN B 119 3.44 -1.88 30.32
CA ASN B 119 3.84 -2.36 31.62
C ASN B 119 3.95 -3.88 31.56
N TRP B 120 5.01 -4.41 32.15
CA TRP B 120 5.22 -5.84 32.27
C TRP B 120 4.89 -6.20 33.72
N ASP B 121 3.88 -7.04 33.91
CA ASP B 121 3.38 -7.42 35.22
C ASP B 121 3.68 -8.90 35.43
N PHE B 122 4.31 -9.24 36.54
CA PHE B 122 4.66 -10.63 36.80
C PHE B 122 5.05 -10.81 38.28
N PHE B 123 5.49 -12.01 38.65
CA PHE B 123 5.83 -12.29 40.05
C PHE B 123 7.00 -11.43 40.50
N SER B 124 6.83 -10.82 41.66
CA SER B 124 7.78 -9.86 42.21
C SER B 124 9.20 -10.43 42.29
N ALA B 125 9.29 -11.75 42.55
CA ALA B 125 10.58 -12.42 42.69
C ALA B 125 11.47 -12.29 41.44
N THR B 126 10.86 -12.04 40.29
CA THR B 126 11.63 -11.96 39.03
C THR B 126 12.22 -10.59 38.73
N LYS B 127 11.79 -9.55 39.45
CA LYS B 127 12.27 -8.20 39.14
C LYS B 127 13.79 -8.09 39.32
N GLU B 128 14.31 -8.75 40.35
CA GLU B 128 15.75 -8.72 40.62
C GLU B 128 16.55 -9.45 39.53
N ASN B 129 15.86 -10.20 38.67
CA ASN B 129 16.53 -10.90 37.56
C ASN B 129 16.46 -10.22 36.21
N LEU B 130 15.83 -9.04 36.16
CA LEU B 130 15.81 -8.27 34.92
C LEU B 130 17.16 -7.66 34.67
N ILE B 131 17.61 -7.79 33.42
CA ILE B 131 18.87 -7.26 32.97
C ILE B 131 18.63 -6.65 31.60
N ARG B 132 19.59 -5.89 31.11
CA ARG B 132 19.42 -5.43 29.75
C ARG B 132 20.62 -5.79 28.91
N LEU B 133 20.33 -6.13 27.65
CA LEU B 133 21.35 -6.56 26.71
C LEU B 133 21.44 -5.61 25.56
N THR B 134 22.66 -5.37 25.12
CA THR B 134 22.91 -4.76 23.82
C THR B 134 23.57 -5.87 22.98
N ILE B 135 22.91 -6.26 21.89
CA ILE B 135 23.47 -7.32 21.04
C ILE B 135 23.88 -6.75 19.69
N ARG B 136 25.17 -6.83 19.42
CA ARG B 136 25.73 -6.38 18.14
C ARG B 136 26.10 -7.60 17.31
N GLN B 137 25.46 -7.73 16.15
CA GLN B 137 25.77 -8.78 15.18
C GLN B 137 26.01 -8.13 13.87
N ALA B 138 27.18 -8.39 13.28
CA ALA B 138 27.54 -7.69 12.06
C ALA B 138 26.46 -7.84 10.98
N GLY B 139 25.95 -6.71 10.49
CA GLY B 139 25.02 -6.65 9.37
C GLY B 139 23.56 -6.92 9.72
N LEU B 140 23.30 -7.12 11.01
CA LEU B 140 21.94 -7.20 11.55
C LEU B 140 21.67 -5.99 12.42
N PRO B 141 20.38 -5.61 12.57
CA PRO B 141 20.12 -4.50 13.50
C PRO B 141 20.70 -4.77 14.91
N THR B 142 21.27 -3.72 15.52
CA THR B 142 21.74 -3.83 16.90
C THR B 142 20.50 -3.79 17.79
N ILE B 143 20.49 -4.67 18.79
CA ILE B 143 19.28 -4.86 19.63
C ILE B 143 19.56 -4.38 21.03
N LYS B 144 18.59 -3.66 21.61
CA LYS B 144 18.68 -3.28 23.01
C LYS B 144 17.37 -3.71 23.65
N PHE B 145 17.44 -4.63 24.60
CA PHE B 145 16.21 -5.13 25.21
C PHE B 145 16.38 -5.50 26.66
N ILE B 146 15.23 -5.54 27.34
CA ILE B 146 15.13 -5.88 28.74
C ILE B 146 14.65 -7.32 28.80
N THR B 147 15.32 -8.13 29.59
CA THR B 147 14.97 -9.53 29.67
C THR B 147 15.19 -10.05 31.09
N GLU B 148 14.56 -11.18 31.43
CA GLU B 148 15.04 -11.94 32.60
C GLU B 148 16.29 -12.67 32.16
N ALA B 149 17.30 -12.64 33.03
CA ALA B 149 18.61 -13.17 32.66
C ALA B 149 18.49 -14.61 32.21
N GLY B 150 19.15 -14.91 31.10
CA GLY B 150 19.13 -16.23 30.47
C GLY B 150 18.26 -16.37 29.24
N ILE B 151 17.42 -15.37 28.96
CA ILE B 151 16.45 -15.46 27.85
C ILE B 151 16.91 -14.60 26.67
N ILE B 152 16.82 -15.13 25.44
CA ILE B 152 17.46 -14.49 24.27
C ILE B 152 16.56 -13.52 23.49
N GLY B 153 15.29 -13.44 23.86
CA GLY B 153 14.40 -12.47 23.22
C GLY B 153 13.32 -12.06 24.18
N LYS B 154 13.08 -10.75 24.28
CA LYS B 154 12.03 -10.30 25.19
C LYS B 154 11.49 -8.95 24.71
N VAL B 155 11.65 -7.90 25.50
CA VAL B 155 10.94 -6.64 25.20
C VAL B 155 11.97 -5.54 24.97
N GLY B 156 11.98 -4.97 23.77
CA GLY B 156 12.97 -3.95 23.48
C GLY B 156 12.87 -3.51 22.04
N PHE B 157 13.96 -2.95 21.53
CA PHE B 157 13.95 -2.43 20.16
C PHE B 157 15.30 -2.54 19.51
N ASN B 158 15.31 -2.17 18.24
CA ASN B 158 16.55 -2.29 17.47
C ASN B 158 16.91 -1.03 16.70
N SER B 159 18.09 -1.04 16.07
CA SER B 159 18.58 0.13 15.37
C SER B 159 17.78 0.47 14.10
N ALA B 160 16.96 -0.47 13.66
CA ALA B 160 16.04 -0.25 12.53
C ALA B 160 14.73 0.40 12.95
N GLY B 161 14.61 0.62 14.26
CA GLY B 161 13.40 1.24 14.82
C GLY B 161 12.28 0.27 15.13
N VAL B 162 12.53 -1.04 14.95
CA VAL B 162 11.49 -2.04 15.28
C VAL B 162 11.43 -2.19 16.79
N ALA B 163 10.23 -2.00 17.36
CA ALA B 163 10.01 -2.07 18.80
C ALA B 163 8.98 -3.14 19.13
N VAL B 164 9.30 -3.96 20.13
CA VAL B 164 8.54 -5.17 20.46
C VAL B 164 8.00 -5.15 21.87
N ASN B 165 6.75 -5.56 22.01
CA ASN B 165 6.12 -5.72 23.32
C ASN B 165 5.50 -7.10 23.37
N TYR B 166 5.20 -7.58 24.60
CA TYR B 166 4.79 -8.96 24.82
C TYR B 166 3.79 -8.99 25.95
N ASN B 167 2.71 -9.73 25.75
CA ASN B 167 1.67 -9.89 26.79
C ASN B 167 1.35 -11.35 26.89
N ALA B 168 1.21 -11.83 28.12
CA ALA B 168 0.71 -13.18 28.36
C ALA B 168 -0.70 -13.35 27.76
N LEU B 169 -0.92 -14.51 27.15
CA LEU B 169 -2.25 -14.88 26.64
C LEU B 169 -2.50 -16.35 26.96
N HIS B 170 -3.76 -16.73 27.11
CA HIS B 170 -4.12 -18.01 27.73
C HIS B 170 -4.95 -18.93 26.84
N LEU B 171 -4.65 -18.95 25.56
CA LEU B 171 -5.24 -19.96 24.68
C LEU B 171 -4.56 -21.29 24.95
N GLN B 172 -5.33 -22.36 24.79
CA GLN B 172 -4.90 -23.71 25.07
C GLN B 172 -4.06 -24.29 23.94
N GLY B 173 -3.06 -25.09 24.33
CA GLY B 173 -2.34 -25.94 23.39
C GLY B 173 -0.83 -25.84 23.48
N LEU B 174 -0.16 -26.95 23.15
CA LEU B 174 1.30 -26.96 23.03
C LEU B 174 1.73 -27.79 21.83
N ARG B 175 2.52 -27.19 20.95
CA ARG B 175 3.11 -27.91 19.82
C ARG B 175 4.63 -27.79 19.97
N PRO B 176 5.28 -28.83 20.50
CA PRO B 176 6.71 -28.68 20.80
C PRO B 176 7.58 -28.40 19.57
N THR B 177 7.12 -28.79 18.39
N THR B 177 7.09 -28.80 18.41
CA THR B 177 7.88 -28.48 17.17
CA THR B 177 7.78 -28.55 17.14
C THR B 177 7.68 -27.05 16.67
C THR B 177 7.53 -27.14 16.57
N GLY B 178 6.70 -26.35 17.24
CA GLY B 178 6.39 -24.96 16.81
C GLY B 178 7.43 -23.96 17.29
N VAL B 179 7.26 -22.69 16.91
N VAL B 179 7.26 -22.69 16.93
CA VAL B 179 8.18 -21.63 17.37
CA VAL B 179 8.23 -21.67 17.35
C VAL B 179 7.84 -21.23 18.80
C VAL B 179 7.91 -21.13 18.73
N PRO B 180 8.83 -21.28 19.70
CA PRO B 180 8.59 -20.76 21.07
C PRO B 180 8.36 -19.25 21.05
N SER B 181 7.51 -18.75 21.94
N SER B 181 7.51 -18.75 21.94
CA SER B 181 7.19 -17.32 21.90
CA SER B 181 7.20 -17.32 21.91
C SER B 181 8.43 -16.42 22.00
C SER B 181 8.45 -16.43 21.98
N HIS B 182 9.42 -16.82 22.81
CA HIS B 182 10.59 -15.97 23.03
C HIS B 182 11.55 -16.03 21.87
N ILE B 183 11.50 -17.13 21.12
CA ILE B 183 12.21 -17.20 19.84
C ILE B 183 11.56 -16.26 18.83
N ALA B 184 10.22 -16.24 18.79
CA ALA B 184 9.51 -15.29 17.90
C ALA B 184 9.86 -13.84 18.25
N LEU B 185 9.99 -13.55 19.55
CA LEU B 185 10.40 -12.20 19.98
C LEU B 185 11.79 -11.86 19.45
N ARG B 186 12.72 -12.81 19.53
CA ARG B 186 14.05 -12.57 18.97
C ARG B 186 14.03 -12.41 17.45
N ILE B 187 13.23 -13.21 16.75
CA ILE B 187 13.07 -13.04 15.29
C ILE B 187 12.59 -11.62 14.96
N ALA B 188 11.58 -11.14 15.68
CA ALA B 188 11.11 -9.76 15.51
C ALA B 188 12.21 -8.72 15.78
N LEU B 189 12.96 -8.93 16.86
CA LEU B 189 14.04 -8.00 17.25
C LEU B 189 15.20 -7.97 16.25
N GLU B 190 15.29 -9.01 15.41
CA GLU B 190 16.31 -9.05 14.34
C GLU B 190 15.83 -8.53 12.99
N SER B 191 14.55 -8.15 12.92
CA SER B 191 13.91 -7.70 11.68
C SER B 191 14.13 -6.22 11.42
N THR B 192 14.06 -5.83 10.16
CA THR B 192 14.28 -4.41 9.82
C THR B 192 13.02 -3.55 9.70
N SER B 193 11.85 -4.16 9.82
CA SER B 193 10.58 -3.45 9.81
C SER B 193 9.53 -4.34 10.48
N PRO B 194 8.43 -3.73 10.97
CA PRO B 194 7.37 -4.58 11.52
C PRO B 194 6.81 -5.56 10.48
N SER B 195 6.68 -5.12 9.23
N SER B 195 6.70 -5.14 9.23
CA SER B 195 6.19 -5.99 8.18
CA SER B 195 6.16 -6.01 8.20
C SER B 195 7.08 -7.23 8.06
C SER B 195 7.07 -7.22 7.95
N GLN B 196 8.39 -7.01 8.03
CA GLN B 196 9.35 -8.12 7.95
C GLN B 196 9.23 -9.02 9.17
N ALA B 197 9.07 -8.42 10.36
CA ALA B 197 8.88 -9.21 11.58
C ALA B 197 7.68 -10.12 11.48
N TYR B 198 6.56 -9.55 11.03
CA TYR B 198 5.37 -10.35 10.79
C TYR B 198 5.67 -11.51 9.83
N ASP B 199 6.23 -11.18 8.67
CA ASP B 199 6.51 -12.22 7.67
C ASP B 199 7.35 -13.34 8.28
N ARG B 200 8.42 -12.96 8.99
CA ARG B 200 9.37 -13.93 9.49
C ARG B 200 8.78 -14.82 10.58
N ILE B 201 7.89 -14.27 11.38
CA ILE B 201 7.21 -15.09 12.38
C ILE B 201 6.24 -16.07 11.69
N VAL B 202 5.44 -15.58 10.75
CA VAL B 202 4.48 -16.44 10.02
C VAL B 202 5.20 -17.50 9.22
N GLU B 203 6.38 -17.15 8.71
CA GLU B 203 7.18 -18.06 7.87
C GLU B 203 7.61 -19.33 8.59
N GLN B 204 7.61 -19.29 9.92
CA GLN B 204 7.95 -20.45 10.74
C GLN B 204 6.89 -21.56 10.72
N GLY B 205 5.66 -21.24 10.28
CA GLY B 205 4.66 -22.28 10.01
C GLY B 205 3.92 -22.80 11.25
N GLY B 206 3.97 -22.04 12.33
CA GLY B 206 3.11 -22.28 13.50
C GLY B 206 3.78 -22.07 14.84
N MET B 207 2.99 -21.62 15.81
CA MET B 207 3.52 -21.26 17.13
C MET B 207 3.52 -22.47 18.05
N ALA B 208 4.43 -22.50 19.02
CA ALA B 208 4.48 -23.59 19.98
C ALA B 208 3.41 -23.51 21.04
N ALA B 209 3.03 -22.31 21.45
CA ALA B 209 2.04 -22.16 22.52
C ALA B 209 1.29 -20.84 22.31
N SER B 210 0.89 -20.17 23.38
CA SER B 210 0.05 -18.96 23.29
C SER B 210 0.68 -17.74 23.95
N ALA B 211 0.52 -16.59 23.30
CA ALA B 211 0.93 -15.29 23.82
C ALA B 211 0.42 -14.23 22.87
N PHE B 212 0.72 -12.98 23.19
CA PHE B 212 0.45 -11.86 22.31
C PHE B 212 1.76 -11.10 22.11
N ILE B 213 2.04 -10.74 20.85
CA ILE B 213 3.24 -9.96 20.51
C ILE B 213 2.79 -8.72 19.74
N MET B 214 3.33 -7.55 20.11
CA MET B 214 3.12 -6.34 19.30
C MET B 214 4.46 -5.92 18.73
N VAL B 215 4.46 -5.55 17.46
CA VAL B 215 5.66 -5.01 16.79
C VAL B 215 5.29 -3.70 16.08
N GLY B 216 6.08 -2.67 16.33
CA GLY B 216 5.78 -1.38 15.73
C GLY B 216 7.04 -0.59 15.43
N ASN B 217 6.88 0.37 14.54
CA ASN B 217 7.88 1.41 14.37
C ASN B 217 7.14 2.75 14.26
N GLY B 218 7.79 3.79 13.76
CA GLY B 218 7.11 5.06 13.62
C GLY B 218 6.01 5.11 12.58
N HIS B 219 6.00 4.13 11.67
CA HIS B 219 5.12 4.12 10.50
C HIS B 219 3.91 3.20 10.64
N GLU B 220 4.09 2.06 11.29
CA GLU B 220 3.11 0.96 11.26
C GLU B 220 3.26 0.11 12.52
N ALA B 221 2.21 -0.61 12.90
CA ALA B 221 2.29 -1.59 13.95
C ALA B 221 1.29 -2.71 13.71
N PHE B 222 1.58 -3.88 14.29
CA PHE B 222 0.61 -4.97 14.32
C PHE B 222 0.72 -5.69 15.64
N GLY B 223 -0.37 -6.34 16.03
CA GLY B 223 -0.34 -7.29 17.13
C GLY B 223 -0.64 -8.70 16.61
N LEU B 224 -0.21 -9.71 17.35
CA LEU B 224 -0.53 -11.09 17.00
C LEU B 224 -1.06 -11.82 18.22
N GLU B 225 -2.28 -12.32 18.14
CA GLU B 225 -2.79 -13.21 19.20
C GLU B 225 -2.67 -14.61 18.64
N PHE B 226 -2.04 -15.51 19.37
CA PHE B 226 -1.83 -16.83 18.81
C PHE B 226 -1.91 -17.99 19.81
N SER B 227 -2.13 -19.16 19.24
CA SER B 227 -2.01 -20.47 19.89
C SER B 227 -1.40 -21.36 18.81
N PRO B 228 -1.14 -22.65 19.13
CA PRO B 228 -0.68 -23.57 18.08
C PRO B 228 -1.66 -23.74 16.92
N THR B 229 -2.94 -23.38 17.12
CA THR B 229 -3.95 -23.61 16.11
C THR B 229 -4.64 -22.32 15.67
N SER B 230 -4.04 -21.17 15.98
CA SER B 230 -4.67 -19.87 15.63
C SER B 230 -3.66 -18.76 15.60
N ILE B 231 -3.66 -17.99 14.52
CA ILE B 231 -2.85 -16.78 14.44
C ILE B 231 -3.77 -15.70 13.91
N ARG B 232 -3.99 -14.68 14.73
CA ARG B 232 -4.86 -13.57 14.35
C ARG B 232 -4.10 -12.26 14.51
N LYS B 233 -4.24 -11.39 13.51
CA LYS B 233 -3.51 -10.12 13.50
C LYS B 233 -4.41 -8.97 13.96
N GLN B 234 -3.90 -8.23 14.95
CA GLN B 234 -4.53 -6.99 15.40
C GLN B 234 -3.94 -5.83 14.60
N VAL B 235 -4.80 -4.90 14.19
CA VAL B 235 -4.37 -3.69 13.47
C VAL B 235 -4.85 -2.42 14.18
N LEU B 236 -4.30 -1.28 13.77
CA LEU B 236 -4.71 0.00 14.37
C LEU B 236 -6.21 0.25 14.20
N ASP B 237 -6.84 0.77 15.24
CA ASP B 237 -8.25 1.13 15.17
C ASP B 237 -8.43 2.49 14.46
N ALA B 238 -9.67 2.98 14.44
CA ALA B 238 -10.02 4.20 13.71
C ALA B 238 -9.33 5.45 14.26
N ASN B 239 -8.86 5.35 15.51
CA ASN B 239 -8.14 6.43 16.17
C ASN B 239 -6.63 6.28 16.09
N GLY B 240 -6.15 5.30 15.33
CA GLY B 240 -4.73 5.06 15.15
C GLY B 240 -4.11 4.37 16.35
N ARG B 241 -4.94 3.70 17.14
CA ARG B 241 -4.49 3.10 18.40
C ARG B 241 -4.59 1.59 18.37
N MET B 242 -3.71 0.96 19.16
N MET B 242 -3.73 0.94 19.16
CA MET B 242 -3.82 -0.45 19.50
CA MET B 242 -3.87 -0.48 19.50
C MET B 242 -3.65 -0.53 21.01
C MET B 242 -3.58 -0.68 20.97
N VAL B 243 -4.54 -1.26 21.68
CA VAL B 243 -4.40 -1.54 23.12
C VAL B 243 -4.54 -3.06 23.31
N HIS B 244 -3.69 -3.64 24.14
CA HIS B 244 -3.84 -5.05 24.46
C HIS B 244 -3.50 -5.35 25.91
N THR B 245 -4.32 -6.21 26.51
CA THR B 245 -4.03 -6.71 27.85
C THR B 245 -3.77 -8.22 27.81
N ASN B 246 -4.51 -9.02 28.58
CA ASN B 246 -4.20 -10.45 28.69
C ASN B 246 -5.36 -11.35 28.28
N HIS B 247 -6.21 -10.83 27.39
CA HIS B 247 -7.31 -11.64 26.87
C HIS B 247 -7.49 -11.40 25.37
N CYS B 248 -8.16 -12.34 24.70
CA CYS B 248 -8.37 -12.24 23.25
C CYS B 248 -9.36 -11.16 22.86
N LEU B 249 -8.93 -10.28 21.96
CA LEU B 249 -9.75 -9.19 21.48
C LEU B 249 -10.25 -9.51 20.07
N LEU B 250 -9.63 -10.51 19.45
CA LEU B 250 -9.91 -10.85 18.05
C LEU B 250 -10.80 -12.09 17.96
N GLN B 251 -11.44 -12.26 16.81
CA GLN B 251 -12.25 -13.45 16.58
C GLN B 251 -11.33 -14.61 16.27
N HIS B 252 -11.41 -15.68 17.06
CA HIS B 252 -10.64 -16.89 16.80
C HIS B 252 -11.61 -18.01 16.43
N GLY B 253 -11.06 -19.08 15.83
CA GLY B 253 -11.85 -20.27 15.49
C GLY B 253 -12.61 -20.82 16.69
N LYS B 254 -13.69 -21.55 16.43
CA LYS B 254 -14.55 -21.99 17.53
C LYS B 254 -13.88 -23.04 18.43
N ASN B 255 -12.90 -23.76 17.90
CA ASN B 255 -12.16 -24.76 18.68
C ASN B 255 -11.15 -24.13 19.65
N GLU B 256 -10.83 -22.85 19.47
CA GLU B 256 -9.93 -22.17 20.42
C GLU B 256 -10.57 -22.04 21.80
N LYS B 257 -9.75 -22.23 22.83
CA LYS B 257 -10.22 -22.17 24.22
C LYS B 257 -9.32 -21.27 25.05
N GLU B 258 -9.92 -20.26 25.65
CA GLU B 258 -9.18 -19.32 26.50
C GLU B 258 -9.35 -19.72 27.96
N LEU B 259 -8.22 -19.92 28.64
CA LEU B 259 -8.22 -20.51 29.98
C LEU B 259 -8.00 -19.51 31.10
N ASP B 260 -9.00 -19.40 31.97
CA ASP B 260 -8.92 -18.62 33.22
C ASP B 260 -8.21 -17.26 33.10
N PRO B 261 -8.68 -16.38 32.20
CA PRO B 261 -8.00 -15.09 32.18
C PRO B 261 -8.47 -14.20 33.33
N LEU B 262 -7.56 -13.37 33.84
CA LEU B 262 -7.84 -12.43 34.91
C LEU B 262 -9.03 -11.54 34.56
N PRO B 263 -10.03 -11.45 35.45
CA PRO B 263 -11.12 -10.50 35.18
C PRO B 263 -10.62 -9.08 34.92
N ASP B 264 -9.57 -8.66 35.63
CA ASP B 264 -9.07 -7.29 35.48
C ASP B 264 -8.46 -7.02 34.11
N SER B 265 -8.23 -8.08 33.33
CA SER B 265 -7.74 -7.89 31.95
C SER B 265 -8.75 -7.05 31.16
N TRP B 266 -10.03 -7.27 31.41
CA TRP B 266 -11.04 -6.46 30.75
C TRP B 266 -11.07 -5.04 31.29
N ASN B 267 -11.09 -4.87 32.62
CA ASN B 267 -11.06 -3.52 33.22
C ASN B 267 -9.92 -2.68 32.68
N ARG B 268 -8.72 -3.26 32.63
CA ARG B 268 -7.49 -2.55 32.20
C ARG B 268 -7.54 -2.16 30.73
N HIS B 269 -8.04 -3.06 29.90
CA HIS B 269 -8.25 -2.72 28.50
C HIS B 269 -9.21 -1.53 28.35
N GLN B 270 -10.35 -1.60 29.02
CA GLN B 270 -11.34 -0.53 28.95
C GLN B 270 -10.79 0.76 29.54
N ARG B 271 -9.99 0.64 30.60
CA ARG B 271 -9.39 1.81 31.28
C ARG B 271 -8.35 2.49 30.37
N MET B 272 -7.49 1.70 29.75
CA MET B 272 -6.48 2.28 28.84
C MET B 272 -7.15 2.94 27.63
N GLU B 273 -8.18 2.32 27.08
CA GLU B 273 -8.95 2.97 26.01
C GLU B 273 -9.53 4.31 26.45
N PHE B 274 -10.08 4.34 27.66
CA PHE B 274 -10.62 5.57 28.22
C PHE B 274 -9.56 6.67 28.36
N LEU B 275 -8.43 6.30 28.95
CA LEU B 275 -7.31 7.23 29.17
C LEU B 275 -6.77 7.75 27.84
N LEU B 276 -6.68 6.87 26.84
CA LEU B 276 -6.26 7.28 25.50
C LEU B 276 -7.26 8.22 24.81
N ASP B 277 -8.55 8.06 25.12
CA ASP B 277 -9.56 9.01 24.66
C ASP B 277 -9.29 10.42 25.18
N GLY B 278 -8.78 10.52 26.41
CA GLY B 278 -8.55 11.81 27.08
C GLY B 278 -7.16 12.37 26.84
N PHE B 279 -6.29 11.51 26.34
CA PHE B 279 -4.86 11.75 26.07
C PHE B 279 -4.60 12.94 25.13
N ASP B 280 -3.76 13.89 25.57
CA ASP B 280 -3.44 15.07 24.73
C ASP B 280 -2.34 14.85 23.67
N GLY B 281 -1.73 13.68 23.65
CA GLY B 281 -0.73 13.34 22.65
C GLY B 281 0.72 13.56 23.08
N THR B 282 0.92 14.26 24.19
CA THR B 282 2.28 14.60 24.64
C THR B 282 3.03 13.40 25.20
N LYS B 283 4.35 13.40 25.03
CA LYS B 283 5.20 12.37 25.60
C LYS B 283 4.99 12.29 27.11
N GLN B 284 4.85 13.47 27.72
CA GLN B 284 4.69 13.58 29.17
C GLN B 284 3.42 12.89 29.65
N ALA B 285 2.31 13.17 28.97
CA ALA B 285 1.01 12.54 29.30
C ALA B 285 1.06 11.04 29.03
N PHE B 286 1.72 10.65 27.93
CA PHE B 286 1.84 9.23 27.62
C PHE B 286 2.50 8.47 28.77
N ALA B 287 3.56 9.04 29.34
CA ALA B 287 4.31 8.36 30.39
C ALA B 287 3.41 8.16 31.60
N GLN B 288 2.59 9.17 31.88
CA GLN B 288 1.74 9.15 33.09
C GLN B 288 0.64 8.10 33.04
N LEU B 289 0.21 7.73 31.83
CA LEU B 289 -0.82 6.68 31.63
C LEU B 289 -0.46 5.41 32.40
N TRP B 290 0.84 5.08 32.39
CA TRP B 290 1.36 3.80 32.90
C TRP B 290 1.40 3.73 34.41
N ALA B 291 1.12 4.88 35.05
CA ALA B 291 1.04 4.98 36.51
C ALA B 291 -0.37 4.88 37.01
N ASP B 292 -1.32 4.63 36.11
CA ASP B 292 -2.74 4.61 36.52
C ASP B 292 -3.05 3.54 37.55
N GLU B 293 -3.80 3.94 38.57
CA GLU B 293 -4.11 3.04 39.68
C GLU B 293 -5.60 2.82 39.87
N ASP B 294 -6.37 3.06 38.83
CA ASP B 294 -7.81 2.74 38.90
C ASP B 294 -7.96 1.22 39.06
N ASN B 295 -8.83 0.81 39.98
CA ASN B 295 -9.02 -0.61 40.30
C ASN B 295 -7.81 -1.26 40.99
N TYR B 296 -6.99 -0.45 41.66
CA TYR B 296 -5.88 -0.93 42.49
C TYR B 296 -6.38 -2.07 43.41
N PRO B 297 -5.58 -3.16 43.59
CA PRO B 297 -4.21 -3.42 43.14
C PRO B 297 -4.13 -3.99 41.73
N PHE B 298 -5.29 -4.23 41.11
CA PHE B 298 -5.37 -4.87 39.80
C PHE B 298 -5.23 -3.86 38.69
N SER B 299 -4.60 -2.73 38.98
CA SER B 299 -4.57 -1.58 38.08
C SER B 299 -3.55 -1.76 36.96
N ILE B 300 -3.61 -0.87 35.95
CA ILE B 300 -2.58 -0.81 34.89
C ILE B 300 -1.18 -0.78 35.53
N CYS B 301 -1.01 0.09 36.52
CA CYS B 301 0.16 0.07 37.39
C CYS B 301 -0.17 -0.88 38.55
N ARG B 302 0.22 -2.14 38.38
CA ARG B 302 -0.25 -3.24 39.23
C ARG B 302 0.54 -3.33 40.53
N ALA B 303 -0.14 -3.72 41.60
CA ALA B 303 0.50 -3.87 42.91
C ALA B 303 0.28 -5.29 43.42
N TYR B 304 1.25 -5.80 44.17
CA TYR B 304 1.10 -7.04 44.92
C TYR B 304 0.19 -6.79 46.11
N GLU B 305 -0.70 -7.73 46.37
CA GLU B 305 -1.55 -7.75 47.57
C GLU B 305 -1.97 -9.20 47.88
N GLU B 306 -1.56 -9.67 49.06
CA GLU B 306 -1.78 -11.07 49.50
C GLU B 306 -3.25 -11.53 49.42
N GLY B 307 -3.48 -12.55 48.61
CA GLY B 307 -4.82 -13.13 48.46
C GLY B 307 -5.70 -12.36 47.49
N LYS B 308 -5.10 -11.42 46.78
CA LYS B 308 -5.79 -10.61 45.78
C LYS B 308 -5.01 -10.55 44.47
N SER B 309 -3.81 -9.96 44.51
CA SER B 309 -2.93 -9.85 43.35
C SER B 309 -1.55 -10.39 43.71
N ARG B 310 -1.05 -11.35 42.93
CA ARG B 310 0.23 -11.99 43.28
C ARG B 310 1.44 -11.44 42.52
N GLY B 311 1.20 -10.44 41.68
CA GLY B 311 2.26 -9.79 40.93
C GLY B 311 2.09 -8.29 40.96
N ALA B 312 3.07 -7.60 40.39
CA ALA B 312 3.09 -6.15 40.34
C ALA B 312 3.67 -5.78 39.00
N THR B 313 3.50 -4.51 38.64
CA THR B 313 4.23 -4.00 37.49
C THR B 313 5.70 -3.99 37.87
N LEU B 314 6.52 -4.66 37.04
CA LEU B 314 7.95 -4.83 37.34
C LEU B 314 8.81 -3.92 36.49
N PHE B 315 8.27 -3.49 35.37
CA PHE B 315 8.89 -2.41 34.58
C PHE B 315 7.93 -1.86 33.55
N ASN B 316 8.26 -0.65 33.10
CA ASN B 316 7.52 0.02 32.07
C ASN B 316 8.55 0.42 31.02
N ILE B 317 8.18 0.29 29.76
CA ILE B 317 9.03 0.76 28.66
C ILE B 317 8.20 1.64 27.74
N ILE B 318 8.81 2.71 27.24
CA ILE B 318 8.12 3.59 26.30
C ILE B 318 9.07 3.84 25.14
N TYR B 319 8.57 3.56 23.94
CA TYR B 319 9.37 3.80 22.73
C TYR B 319 8.97 5.12 22.12
N ASP B 320 9.93 6.05 22.04
CA ASP B 320 9.74 7.34 21.39
C ASP B 320 10.21 7.13 19.95
N HIS B 321 9.26 6.80 19.07
CA HIS B 321 9.61 6.38 17.72
C HIS B 321 10.33 7.47 16.95
N ALA B 322 9.92 8.73 17.15
CA ALA B 322 10.56 9.85 16.45
C ALA B 322 12.04 10.01 16.75
N ARG B 323 12.45 9.66 17.97
CA ARG B 323 13.85 9.88 18.43
C ARG B 323 14.69 8.59 18.43
N ARG B 324 14.01 7.46 18.17
CA ARG B 324 14.59 6.12 18.29
C ARG B 324 15.22 5.94 19.68
N GLU B 325 14.42 6.20 20.71
CA GLU B 325 14.87 6.11 22.10
C GLU B 325 13.83 5.33 22.88
N ALA B 326 14.28 4.51 23.83
CA ALA B 326 13.38 3.77 24.67
C ALA B 326 13.63 4.14 26.12
N THR B 327 12.60 4.60 26.83
CA THR B 327 12.76 4.98 28.23
C THR B 327 12.22 3.86 29.07
N VAL B 328 13.06 3.37 29.99
CA VAL B 328 12.72 2.23 30.86
C VAL B 328 12.61 2.72 32.30
N ARG B 329 11.51 2.38 32.96
CA ARG B 329 11.37 2.66 34.37
C ARG B 329 11.24 1.31 35.05
N LEU B 330 12.15 1.03 35.98
CA LEU B 330 12.14 -0.26 36.66
C LEU B 330 11.19 -0.15 37.85
N GLY B 331 10.42 -1.21 38.10
CA GLY B 331 9.44 -1.21 39.20
C GLY B 331 8.11 -0.58 38.76
N ARG B 332 7.36 -0.03 39.71
CA ARG B 332 6.06 0.57 39.42
C ARG B 332 6.25 2.01 38.93
N PRO B 333 5.62 2.38 37.81
CA PRO B 333 5.79 3.77 37.32
C PRO B 333 5.33 4.90 38.26
N THR B 334 4.58 4.57 39.29
CA THR B 334 4.23 5.54 40.31
C THR B 334 5.47 6.10 41.01
N ASN B 335 6.46 5.22 41.22
N ASN B 335 6.44 5.21 41.24
CA ASN B 335 7.72 5.59 41.89
CA ASN B 335 7.70 5.54 41.91
C ASN B 335 8.79 4.60 41.47
C ASN B 335 8.77 4.56 41.46
N PRO B 336 9.36 4.79 40.26
CA PRO B 336 10.32 3.83 39.70
C PRO B 336 11.56 3.63 40.58
N ASP B 337 12.09 2.42 40.59
CA ASP B 337 13.31 2.09 41.34
C ASP B 337 14.49 2.79 40.68
N GLU B 338 14.42 2.89 39.36
CA GLU B 338 15.36 3.66 38.55
C GLU B 338 14.74 3.93 37.16
N MET B 339 15.33 4.86 36.44
CA MET B 339 14.85 5.21 35.11
C MET B 339 16.06 5.45 34.21
N PHE B 340 16.00 4.97 32.97
CA PHE B 340 17.09 5.22 32.01
C PHE B 340 16.57 5.20 30.58
N VAL B 341 17.39 5.75 29.67
CA VAL B 341 17.06 5.78 28.25
C VAL B 341 18.07 4.92 27.51
N MET B 342 17.53 4.06 26.64
CA MET B 342 18.34 3.26 25.71
C MET B 342 18.33 3.95 24.35
N ARG B 343 19.51 4.24 23.81
N ARG B 343 19.51 4.22 23.80
CA ARG B 343 19.62 4.85 22.50
CA ARG B 343 19.59 4.81 22.47
C ARG B 343 20.80 4.19 21.81
C ARG B 343 20.87 4.32 21.82
N PHE B 344 20.88 4.32 20.48
CA PHE B 344 21.99 3.71 19.72
C PHE B 344 23.18 4.66 19.55
N ASP B 345 24.38 4.08 19.62
CA ASP B 345 25.62 4.85 19.52
C ASP B 345 26.32 4.56 18.19
N GLU B 346 27.52 5.12 18.05
CA GLU B 346 28.30 4.97 16.84
C GLU B 346 28.67 3.51 16.54
N GLU B 347 29.00 2.75 17.59
CA GLU B 347 29.38 1.37 17.37
C GLU B 347 28.15 0.54 17.03
N ASP B 348 27.00 0.92 17.60
CA ASP B 348 25.75 0.23 17.30
C ASP B 348 25.43 0.37 15.82
N GLU B 349 25.63 1.59 15.31
CA GLU B 349 25.42 1.94 13.91
C GLU B 349 26.40 1.17 13.02
N ARG B 350 27.69 1.22 13.36
CA ARG B 350 28.71 0.56 12.55
C ARG B 350 28.39 -0.94 12.45
N SER B 351 28.01 -1.55 13.56
CA SER B 351 27.70 -2.99 13.58
C SER B 351 26.51 -3.33 12.65
N ALA B 352 25.48 -2.51 12.72
CA ALA B 352 24.22 -2.70 12.00
C ALA B 352 24.45 -2.60 10.49
N LEU B 353 25.44 -1.80 10.12
CA LEU B 353 25.76 -1.55 8.71
C LEU B 353 26.89 -2.43 8.21
N ASN B 354 27.45 -3.23 9.12
CA ASN B 354 28.66 -4.00 8.85
C ASN B 354 29.76 -3.12 8.20
N ALA B 355 29.95 -1.93 8.78
CA ALA B 355 30.81 -0.89 8.22
C ALA B 355 32.23 -0.94 8.76
N ARG B 356 33.15 -0.31 8.02
CA ARG B 356 34.57 -0.12 8.37
C ARG B 356 35.39 -1.41 8.22
N MET C 1 24.84 31.62 13.76
CA MET C 1 23.80 32.17 12.86
C MET C 1 22.63 32.71 13.65
N LEU C 2 22.15 33.90 13.28
CA LEU C 2 20.93 34.45 13.90
C LEU C 2 19.81 33.42 13.90
N HIS C 3 19.24 33.15 15.08
CA HIS C 3 18.05 32.29 15.18
C HIS C 3 16.93 33.13 15.77
N ILE C 4 15.76 33.03 15.16
CA ILE C 4 14.58 33.70 15.69
C ILE C 4 13.49 32.66 15.94
N LEU C 5 13.05 32.58 17.20
CA LEU C 5 11.88 31.77 17.55
C LEU C 5 10.63 32.62 17.34
N CYS C 6 9.83 32.22 16.37
CA CYS C 6 8.57 32.91 16.04
C CYS C 6 7.39 32.07 16.47
N GLN C 7 6.38 32.71 17.06
CA GLN C 7 5.22 31.99 17.60
C GLN C 7 4.01 32.91 17.54
N GLY C 8 2.80 32.34 17.46
CA GLY C 8 1.60 33.14 17.49
C GLY C 8 0.83 33.04 16.19
N THR C 9 0.10 34.09 15.86
CA THR C 9 -0.70 34.17 14.63
C THR C 9 0.28 34.48 13.48
N PRO C 10 -0.16 34.29 12.24
CA PRO C 10 0.75 34.55 11.12
C PRO C 10 1.34 35.96 11.11
N PHE C 11 0.54 36.99 11.33
CA PHE C 11 1.12 38.35 11.40
C PHE C 11 2.21 38.50 12.46
N GLU C 12 1.94 37.99 13.65
CA GLU C 12 2.93 38.01 14.75
C GLU C 12 4.20 37.25 14.42
N ILE C 13 4.05 36.07 13.81
CA ILE C 13 5.18 35.27 13.39
C ILE C 13 6.05 36.09 12.44
N GLY C 14 5.40 36.74 11.48
CA GLY C 14 6.10 37.62 10.53
C GLY C 14 6.80 38.79 11.19
N TYR C 15 6.09 39.45 12.11
CA TYR C 15 6.64 40.60 12.81
C TYR C 15 7.91 40.21 13.58
N GLU C 16 7.89 39.04 14.22
CA GLU C 16 9.06 38.58 15.00
C GLU C 16 10.27 38.37 14.09
N HIS C 17 10.01 37.77 12.94
CA HIS C 17 11.03 37.54 11.89
C HIS C 17 11.55 38.92 11.41
N GLY C 18 10.64 39.78 11.00
CA GLY C 18 10.99 41.07 10.42
C GLY C 18 11.77 41.98 11.35
N SER C 19 11.34 42.07 12.62
N SER C 19 11.33 42.05 12.61
CA SER C 19 12.02 42.93 13.58
CA SER C 19 11.99 42.90 13.59
C SER C 19 13.41 42.43 13.97
C SER C 19 13.40 42.42 13.96
N ALA C 20 13.54 41.14 14.26
CA ALA C 20 14.81 40.59 14.72
C ALA C 20 15.81 40.49 13.56
N ALA C 21 15.30 40.38 12.34
CA ALA C 21 16.18 40.23 11.16
C ALA C 21 16.18 41.51 10.30
N LYS C 22 15.79 42.64 10.90
CA LYS C 22 15.60 43.90 10.16
C LYS C 22 16.78 44.26 9.24
N ALA C 23 17.98 44.33 9.81
CA ALA C 23 19.14 44.70 9.00
C ALA C 23 19.44 43.67 7.92
N VAL C 24 19.25 42.40 8.23
CA VAL C 24 19.52 41.35 7.26
C VAL C 24 18.52 41.45 6.11
N ILE C 25 17.26 41.72 6.45
CA ILE C 25 16.22 41.82 5.42
C ILE C 25 16.50 42.97 4.45
N ALA C 26 17.03 44.08 4.95
CA ALA C 26 17.42 45.18 4.04
C ALA C 26 18.45 44.66 3.01
N ARG C 27 19.38 43.83 3.48
CA ARG C 27 20.41 43.25 2.58
C ARG C 27 19.78 42.26 1.61
N SER C 28 18.82 41.48 2.08
CA SER C 28 18.09 40.54 1.21
C SER C 28 17.40 41.28 0.08
N ILE C 29 16.74 42.39 0.42
CA ILE C 29 15.99 43.20 -0.57
C ILE C 29 16.98 43.78 -1.58
N ASP C 30 18.07 44.34 -1.10
CA ASP C 30 19.06 44.95 -2.00
C ASP C 30 19.61 43.91 -2.96
N PHE C 31 19.93 42.71 -2.46
CA PHE C 31 20.45 41.65 -3.33
C PHE C 31 19.41 41.24 -4.39
N ALA C 32 18.18 41.01 -3.94
CA ALA C 32 17.10 40.58 -4.81
C ALA C 32 16.77 41.61 -5.89
N VAL C 33 16.77 42.89 -5.55
CA VAL C 33 16.51 43.92 -6.56
C VAL C 33 17.62 43.89 -7.62
N ASP C 34 18.87 43.77 -7.18
CA ASP C 34 20.00 43.70 -8.12
C ASP C 34 19.88 42.47 -9.03
N LEU C 35 19.55 41.32 -8.42
CA LEU C 35 19.40 40.09 -9.18
C LEU C 35 18.28 40.19 -10.21
N ILE C 36 17.09 40.58 -9.75
CA ILE C 36 15.92 40.71 -10.62
C ILE C 36 16.14 41.70 -11.77
N ARG C 37 16.66 42.89 -11.46
CA ARG C 37 16.96 43.88 -12.49
C ARG C 37 17.92 43.31 -13.54
N GLY C 38 18.94 42.58 -13.08
CA GLY C 38 19.98 42.05 -13.98
C GLY C 38 19.48 40.93 -14.88
N LYS C 39 18.59 40.10 -14.37
CA LYS C 39 18.09 38.94 -15.09
C LYS C 39 16.78 39.17 -15.86
N THR C 40 16.32 40.43 -15.91
CA THR C 40 15.10 40.80 -16.66
C THR C 40 15.29 41.96 -17.63
N LYS C 41 14.48 41.96 -18.68
CA LYS C 41 14.51 43.03 -19.67
C LYS C 41 13.30 43.95 -19.50
N LYS C 42 12.56 43.74 -18.42
CA LYS C 42 11.40 44.57 -18.11
C LYS C 42 11.83 45.92 -17.53
N THR C 43 11.01 46.94 -17.79
CA THR C 43 11.27 48.28 -17.24
C THR C 43 11.03 48.35 -15.73
N ASP C 44 11.08 49.56 -15.19
CA ASP C 44 10.84 49.83 -13.78
C ASP C 44 9.34 49.66 -13.47
N GLU C 45 8.51 50.17 -14.39
CA GLU C 45 7.05 50.07 -14.32
C GLU C 45 6.60 48.62 -14.52
N GLU C 46 7.12 47.98 -15.57
CA GLU C 46 6.75 46.59 -15.88
C GLU C 46 6.98 45.63 -14.70
N LEU C 47 8.11 45.75 -14.03
CA LEU C 47 8.42 44.90 -12.87
C LEU C 47 7.49 45.20 -11.69
N LYS C 48 7.19 46.49 -11.50
CA LYS C 48 6.28 46.95 -10.46
C LYS C 48 4.87 46.37 -10.66
N GLN C 49 4.44 46.28 -11.92
CA GLN C 49 3.15 45.68 -12.28
C GLN C 49 3.08 44.20 -11.96
N VAL C 50 4.15 43.47 -12.26
CA VAL C 50 4.22 42.04 -11.98
C VAL C 50 4.15 41.85 -10.47
N LEU C 51 4.85 42.71 -9.74
CA LEU C 51 4.93 42.64 -8.29
C LEU C 51 3.56 42.91 -7.63
N SER C 52 2.86 43.92 -8.12
CA SER C 52 1.51 44.23 -7.67
C SER C 52 0.57 43.02 -7.87
N GLN C 53 0.65 42.39 -9.04
CA GLN C 53 -0.15 41.19 -9.35
C GLN C 53 0.17 40.03 -8.40
N LEU C 54 1.46 39.74 -8.24
CA LEU C 54 1.90 38.64 -7.40
C LEU C 54 1.40 38.82 -5.96
N GLY C 55 1.42 40.07 -5.49
CA GLY C 55 0.89 40.42 -4.15
C GLY C 55 -0.59 40.12 -4.02
N ARG C 56 -1.36 40.55 -5.02
CA ARG C 56 -2.81 40.28 -5.09
C ARG C 56 -3.09 38.78 -5.06
N VAL C 57 -2.30 38.01 -5.83
CA VAL C 57 -2.46 36.55 -5.90
C VAL C 57 -2.21 35.91 -4.53
N ILE C 58 -1.10 36.28 -3.88
CA ILE C 58 -0.78 35.68 -2.60
C ILE C 58 -1.85 36.08 -1.57
N GLU C 59 -2.28 37.33 -1.60
CA GLU C 59 -3.31 37.81 -0.67
C GLU C 59 -4.59 37.00 -0.76
N GLU C 60 -5.07 36.75 -1.99
CA GLU C 60 -6.33 36.02 -2.20
C GLU C 60 -6.15 34.50 -2.02
N ARG C 61 -5.02 33.97 -2.45
CA ARG C 61 -4.85 32.52 -2.52
C ARG C 61 -4.37 31.90 -1.21
N TRP C 62 -3.47 32.59 -0.51
CA TRP C 62 -2.86 32.07 0.71
C TRP C 62 -2.87 33.18 1.76
N PRO C 63 -4.05 33.53 2.28
CA PRO C 63 -4.23 34.64 3.22
C PRO C 63 -3.32 34.56 4.45
N LYS C 64 -3.09 33.35 4.97
CA LYS C 64 -2.22 33.23 6.15
C LYS C 64 -0.79 33.58 5.82
N TYR C 65 -0.34 33.18 4.62
CA TYR C 65 1.01 33.53 4.21
C TYR C 65 1.13 35.03 3.92
N TYR C 66 0.09 35.62 3.35
CA TYR C 66 0.13 37.07 3.14
C TYR C 66 0.15 37.84 4.45
N GLU C 67 -0.57 37.36 5.45
CA GLU C 67 -0.53 37.99 6.76
C GLU C 67 0.86 37.95 7.35
N GLU C 68 1.54 36.81 7.18
CA GLU C 68 2.90 36.67 7.68
C GLU C 68 3.85 37.63 6.93
N ILE C 69 3.66 37.72 5.61
CA ILE C 69 4.42 38.68 4.79
C ILE C 69 4.20 40.13 5.26
N ARG C 70 2.94 40.48 5.56
CA ARG C 70 2.62 41.80 6.12
C ARG C 70 3.35 42.04 7.43
N GLY C 71 3.42 41.00 8.27
CA GLY C 71 4.12 41.09 9.55
C GLY C 71 5.61 41.31 9.38
N ILE C 72 6.19 40.58 8.44
CA ILE C 72 7.63 40.76 8.13
C ILE C 72 7.90 42.19 7.67
N ALA C 73 7.06 42.70 6.79
CA ALA C 73 7.20 44.08 6.32
C ALA C 73 7.12 45.10 7.46
N LYS C 74 6.16 44.91 8.37
CA LYS C 74 6.03 45.80 9.53
C LYS C 74 7.26 45.76 10.45
N GLY C 75 7.68 44.54 10.80
CA GLY C 75 8.84 44.36 11.68
C GLY C 75 10.13 44.89 11.08
N ALA C 76 10.30 44.67 9.77
CA ALA C 76 11.52 45.11 9.09
C ALA C 76 11.47 46.56 8.59
N GLU C 77 10.34 47.22 8.81
CA GLU C 77 10.10 48.59 8.37
C GLU C 77 10.34 48.74 6.85
N ARG C 78 9.77 47.79 6.11
CA ARG C 78 9.84 47.78 4.65
C ARG C 78 8.44 47.75 4.05
N ASP C 79 8.35 47.96 2.74
CA ASP C 79 7.05 47.87 2.08
C ASP C 79 6.63 46.41 1.91
N VAL C 80 5.34 46.14 2.03
CA VAL C 80 4.82 44.78 1.78
C VAL C 80 5.29 44.23 0.44
N SER C 81 5.25 45.07 -0.59
CA SER C 81 5.72 44.71 -1.94
C SER C 81 7.15 44.20 -1.96
N GLU C 82 8.02 44.76 -1.11
CA GLU C 82 9.41 44.32 -1.03
C GLU C 82 9.54 42.91 -0.48
N ILE C 83 8.71 42.58 0.51
CA ILE C 83 8.68 41.23 1.07
C ILE C 83 8.03 40.26 0.07
N VAL C 84 6.98 40.69 -0.65
CA VAL C 84 6.41 39.86 -1.71
C VAL C 84 7.50 39.52 -2.74
N MET C 85 8.29 40.52 -3.11
N MET C 85 8.29 40.53 -3.10
CA MET C 85 9.39 40.33 -4.05
CA MET C 85 9.39 40.40 -4.04
C MET C 85 10.37 39.26 -3.58
C MET C 85 10.41 39.33 -3.60
N LEU C 86 10.80 39.35 -2.32
CA LEU C 86 11.70 38.33 -1.76
C LEU C 86 11.13 36.94 -1.92
N ASN C 87 9.84 36.82 -1.60
CA ASN C 87 9.17 35.54 -1.64
C ASN C 87 8.79 35.02 -3.00
N THR C 88 9.06 35.82 -4.03
CA THR C 88 8.77 35.43 -5.41
C THR C 88 9.99 35.68 -6.27
N ARG C 89 11.16 35.67 -5.63
CA ARG C 89 12.39 36.03 -6.33
C ARG C 89 12.66 35.10 -7.51
N THR C 90 12.40 33.81 -7.31
CA THR C 90 12.62 32.76 -8.33
C THR C 90 11.75 33.04 -9.55
N GLU C 91 10.49 33.39 -9.30
CA GLU C 91 9.54 33.75 -10.36
C GLU C 91 10.04 34.92 -11.19
N PHE C 92 10.60 35.92 -10.52
CA PHE C 92 11.15 37.11 -11.18
C PHE C 92 12.45 36.87 -11.92
N ALA C 93 13.45 36.32 -11.24
CA ALA C 93 14.80 36.27 -11.78
C ALA C 93 14.91 35.23 -12.90
N TYR C 94 14.08 34.18 -12.80
CA TYR C 94 14.20 33.01 -13.69
C TYR C 94 12.94 32.63 -14.50
N GLY C 95 11.76 32.86 -13.94
CA GLY C 95 10.50 32.65 -14.68
C GLY C 95 10.39 33.73 -15.73
N LEU C 96 10.91 34.90 -15.38
CA LEU C 96 10.99 36.05 -16.27
C LEU C 96 12.43 36.28 -16.75
N LYS C 97 13.26 35.22 -16.71
CA LYS C 97 14.63 35.33 -17.23
C LYS C 97 14.65 35.50 -18.74
N THR C 104 23.20 20.30 -4.82
CA THR C 104 23.29 18.83 -4.94
C THR C 104 22.53 18.29 -3.75
N THR C 105 21.62 17.37 -4.00
CA THR C 105 20.67 16.88 -2.98
C THR C 105 20.64 15.36 -3.07
N ALA C 106 20.56 14.68 -1.93
CA ALA C 106 20.48 13.22 -1.91
C ALA C 106 19.64 12.71 -0.76
N TYR C 107 18.96 11.60 -0.99
CA TYR C 107 18.28 10.80 0.04
C TYR C 107 18.75 9.35 -0.11
N CYS C 108 19.05 8.72 1.01
CA CYS C 108 19.44 7.31 1.04
C CYS C 108 18.60 6.58 2.06
N GLN C 109 17.81 5.61 1.61
CA GLN C 109 17.17 4.71 2.54
C GLN C 109 18.21 3.75 3.12
N LEU C 110 18.12 3.50 4.44
CA LEU C 110 19.12 2.71 5.14
C LEU C 110 18.45 1.92 6.26
N PRO C 111 18.99 0.73 6.57
CA PRO C 111 18.37 -0.18 7.54
C PRO C 111 18.35 0.38 8.95
N ASN C 112 19.26 1.29 9.27
CA ASN C 112 19.33 1.89 10.59
C ASN C 112 18.88 3.34 10.54
N GLY C 113 18.08 3.67 9.53
CA GLY C 113 17.52 5.02 9.41
C GLY C 113 18.03 5.80 8.21
N ALA C 114 17.10 6.34 7.43
CA ALA C 114 17.44 7.13 6.25
C ALA C 114 18.25 8.38 6.54
N LEU C 115 19.07 8.78 5.55
CA LEU C 115 19.80 10.03 5.61
C LEU C 115 19.47 10.86 4.39
N GLN C 116 19.38 12.15 4.58
CA GLN C 116 19.01 13.05 3.48
C GLN C 116 19.79 14.35 3.66
N GLY C 117 20.15 15.00 2.56
CA GLY C 117 20.86 16.25 2.73
C GLY C 117 21.06 17.00 1.43
N GLN C 118 21.58 18.22 1.57
CA GLN C 118 22.01 18.97 0.39
C GLN C 118 23.08 19.96 0.71
N ASN C 119 23.82 20.32 -0.34
CA ASN C 119 24.55 21.57 -0.40
C ASN C 119 23.71 22.58 -1.16
N TRP C 120 23.67 23.80 -0.62
CA TRP C 120 22.99 24.92 -1.28
C TRP C 120 24.07 25.78 -1.86
N ASP C 121 24.06 25.93 -3.19
CA ASP C 121 25.07 26.70 -3.91
C ASP C 121 24.44 27.97 -4.47
N PHE C 122 25.08 29.11 -4.25
CA PHE C 122 24.50 30.38 -4.73
C PHE C 122 25.51 31.50 -4.60
N PHE C 123 25.09 32.72 -4.96
CA PHE C 123 25.97 33.87 -4.95
C PHE C 123 26.50 34.12 -3.55
N SER C 124 27.80 34.37 -3.46
CA SER C 124 28.49 34.50 -2.18
C SER C 124 27.86 35.58 -1.29
N ALA C 125 27.32 36.62 -1.92
CA ALA C 125 26.74 37.76 -1.22
C ALA C 125 25.55 37.38 -0.34
N THR C 126 24.90 36.26 -0.64
CA THR C 126 23.73 35.83 0.15
C THR C 126 24.04 35.04 1.41
N LYS C 127 25.29 34.59 1.57
CA LYS C 127 25.62 33.76 2.75
C LYS C 127 25.38 34.50 4.06
N GLU C 128 25.74 35.78 4.08
CA GLU C 128 25.58 36.63 5.27
C GLU C 128 24.11 36.90 5.60
N ASN C 129 23.22 36.54 4.68
CA ASN C 129 21.79 36.80 4.87
C ASN C 129 21.01 35.55 5.30
N LEU C 130 21.72 34.42 5.44
CA LEU C 130 21.08 33.21 5.93
C LEU C 130 20.82 33.37 7.41
N ILE C 131 19.59 33.02 7.78
CA ILE C 131 19.16 32.98 9.17
C ILE C 131 18.40 31.69 9.44
N ARG C 132 18.19 31.42 10.73
CA ARG C 132 17.50 30.21 11.15
C ARG C 132 16.21 30.64 11.86
N LEU C 133 15.11 30.03 11.48
CA LEU C 133 13.81 30.31 12.12
C LEU C 133 13.29 29.04 12.76
N THR C 134 12.66 29.19 13.93
CA THR C 134 11.76 28.18 14.43
C THR C 134 10.39 28.82 14.37
N ILE C 135 9.43 28.14 13.74
CA ILE C 135 8.07 28.66 13.68
C ILE C 135 7.12 27.73 14.38
N ARG C 136 6.51 28.24 15.45
CA ARG C 136 5.49 27.51 16.20
C ARG C 136 4.13 28.10 15.88
N GLN C 137 3.25 27.23 15.36
N GLN C 137 3.24 27.28 15.31
CA GLN C 137 1.88 27.56 15.00
CA GLN C 137 1.86 27.73 15.08
C GLN C 137 0.99 26.51 15.64
C GLN C 137 0.95 26.61 15.54
N ALA C 138 0.03 26.95 16.45
CA ALA C 138 -0.81 25.99 17.14
C ALA C 138 -1.50 25.07 16.16
N GLY C 139 -1.31 23.77 16.34
CA GLY C 139 -1.99 22.76 15.53
C GLY C 139 -1.28 22.39 14.24
N LEU C 140 -0.16 23.05 13.95
CA LEU C 140 0.70 22.68 12.80
C LEU C 140 2.06 22.19 13.30
N PRO C 141 2.77 21.39 12.48
CA PRO C 141 4.11 20.97 12.91
C PRO C 141 4.99 22.19 13.16
N THR C 142 5.83 22.13 14.19
CA THR C 142 6.77 23.21 14.43
C THR C 142 7.87 23.07 13.37
N ILE C 143 8.23 24.19 12.76
CA ILE C 143 9.20 24.16 11.63
C ILE C 143 10.53 24.74 12.10
N LYS C 144 11.64 24.11 11.70
CA LYS C 144 12.97 24.64 11.93
C LYS C 144 13.68 24.64 10.61
N PHE C 145 14.02 25.84 10.13
CA PHE C 145 14.60 25.91 8.78
C PHE C 145 15.58 27.04 8.62
N ILE C 146 16.36 26.92 7.56
CA ILE C 146 17.37 27.93 7.21
C ILE C 146 16.81 28.65 5.99
N THR C 147 16.81 29.96 6.05
CA THR C 147 16.26 30.76 4.94
C THR C 147 17.08 32.01 4.75
N GLU C 148 16.93 32.68 3.60
CA GLU C 148 17.47 34.02 3.49
C GLU C 148 16.48 34.92 4.19
N ALA C 149 16.97 35.86 4.99
CA ALA C 149 16.09 36.70 5.82
C ALA C 149 14.99 37.35 4.98
N GLY C 150 13.74 37.24 5.46
CA GLY C 150 12.57 37.82 4.76
C GLY C 150 11.74 36.82 3.98
N ILE C 151 12.29 35.61 3.78
CA ILE C 151 11.62 34.56 3.02
C ILE C 151 10.97 33.51 3.93
N ILE C 152 9.72 33.19 3.64
CA ILE C 152 8.89 32.38 4.55
C ILE C 152 8.96 30.86 4.37
N GLY C 153 9.64 30.39 3.33
CA GLY C 153 9.77 28.94 3.12
C GLY C 153 11.09 28.66 2.45
N LYS C 154 11.89 27.73 2.98
CA LYS C 154 13.16 27.40 2.36
C LYS C 154 13.54 25.95 2.70
N VAL C 155 14.68 25.74 3.35
CA VAL C 155 15.22 24.38 3.52
C VAL C 155 15.29 24.03 5.00
N GLY C 156 14.58 22.98 5.40
CA GLY C 156 14.56 22.57 6.80
C GLY C 156 13.63 21.42 7.06
N PHE C 157 13.22 21.27 8.32
CA PHE C 157 12.39 20.14 8.66
C PHE C 157 11.40 20.50 9.72
N ASN C 158 10.46 19.59 9.99
CA ASN C 158 9.45 19.89 11.01
C ASN C 158 9.30 18.81 12.08
N SER C 159 8.49 19.10 13.09
CA SER C 159 8.38 18.20 14.22
C SER C 159 7.70 16.87 13.85
N ALA C 160 7.05 16.84 12.67
CA ALA C 160 6.44 15.63 12.17
C ALA C 160 7.44 14.77 11.38
N GLY C 161 8.66 15.29 11.19
CA GLY C 161 9.72 14.53 10.54
C GLY C 161 9.84 14.78 9.07
N VAL C 162 9.02 15.69 8.55
CA VAL C 162 9.12 16.02 7.12
C VAL C 162 10.34 16.91 6.91
N ALA C 163 11.23 16.52 5.99
CA ALA C 163 12.45 17.28 5.68
C ALA C 163 12.46 17.69 4.22
N VAL C 164 12.81 18.93 3.97
CA VAL C 164 12.66 19.56 2.65
C VAL C 164 14.00 20.06 2.13
N ASN C 165 14.26 19.75 0.86
CA ASN C 165 15.40 20.32 0.14
C ASN C 165 14.94 20.97 -1.16
N TYR C 166 15.80 21.82 -1.71
CA TYR C 166 15.43 22.72 -2.79
C TYR C 166 16.61 22.87 -3.74
N ASN C 167 16.35 22.64 -5.02
CA ASN C 167 17.38 22.84 -6.07
C ASN C 167 16.87 23.74 -7.17
N ALA C 168 17.72 24.64 -7.69
CA ALA C 168 17.35 25.44 -8.83
C ALA C 168 17.13 24.56 -10.05
N LEU C 169 16.11 24.90 -10.84
CA LEU C 169 15.81 24.17 -12.08
C LEU C 169 15.36 25.17 -13.11
N HIS C 170 15.69 24.90 -14.37
CA HIS C 170 15.62 25.91 -15.43
C HIS C 170 14.65 25.63 -16.57
N LEU C 171 13.47 25.12 -16.25
CA LEU C 171 12.43 24.97 -17.26
C LEU C 171 11.77 26.33 -17.53
N GLN C 172 11.31 26.51 -18.76
CA GLN C 172 10.77 27.79 -19.20
C GLN C 172 9.31 27.97 -18.79
N GLY C 173 8.95 29.20 -18.47
CA GLY C 173 7.54 29.56 -18.20
C GLY C 173 7.34 30.39 -16.94
N LEU C 174 6.32 31.23 -16.99
CA LEU C 174 5.86 31.97 -15.83
C LEU C 174 4.33 32.07 -15.84
N ARG C 175 3.71 31.62 -14.76
CA ARG C 175 2.28 31.78 -14.54
C ARG C 175 2.09 32.55 -13.23
N PRO C 176 1.78 33.85 -13.32
CA PRO C 176 1.73 34.67 -12.08
C PRO C 176 0.64 34.26 -11.09
N THR C 177 -0.41 33.58 -11.57
CA THR C 177 -1.44 33.08 -10.65
C THR C 177 -1.08 31.73 -10.05
N GLY C 178 0.03 31.14 -10.48
CA GLY C 178 0.49 29.86 -9.91
C GLY C 178 1.09 29.95 -8.51
N VAL C 179 1.44 28.81 -7.94
CA VAL C 179 2.06 28.81 -6.61
C VAL C 179 3.56 29.13 -6.72
N PRO C 180 4.02 30.20 -6.04
CA PRO C 180 5.46 30.49 -6.07
C PRO C 180 6.25 29.36 -5.41
N SER C 181 7.47 29.07 -5.90
N SER C 181 7.47 29.10 -5.90
CA SER C 181 8.25 27.95 -5.33
CA SER C 181 8.27 27.98 -5.36
C SER C 181 8.46 28.06 -3.83
C SER C 181 8.48 28.06 -3.85
N HIS C 182 8.72 29.26 -3.33
CA HIS C 182 8.99 29.43 -1.90
C HIS C 182 7.73 29.24 -1.07
N ILE C 183 6.57 29.55 -1.65
CA ILE C 183 5.29 29.21 -1.01
C ILE C 183 5.12 27.69 -0.99
N ALA C 184 5.42 27.03 -2.12
CA ALA C 184 5.42 25.56 -2.15
C ALA C 184 6.32 24.96 -1.06
N LEU C 185 7.48 25.59 -0.79
CA LEU C 185 8.37 25.06 0.25
C LEU C 185 7.72 25.20 1.62
N ARG C 186 7.07 26.33 1.88
CA ARG C 186 6.36 26.49 3.16
C ARG C 186 5.19 25.48 3.29
N ILE C 187 4.47 25.25 2.20
CA ILE C 187 3.40 24.24 2.24
C ILE C 187 3.97 22.88 2.64
N ALA C 188 5.08 22.47 2.03
CA ALA C 188 5.72 21.20 2.40
C ALA C 188 6.18 21.20 3.86
N LEU C 189 6.74 22.33 4.30
CA LEU C 189 7.22 22.46 5.69
C LEU C 189 6.09 22.41 6.73
N GLU C 190 4.86 22.62 6.30
CA GLU C 190 3.70 22.56 7.20
C GLU C 190 2.96 21.22 7.11
N SER C 191 3.45 20.33 6.25
CA SER C 191 2.81 19.00 6.04
C SER C 191 3.26 17.97 7.06
N THR C 192 2.46 16.92 7.24
CA THR C 192 2.78 15.93 8.26
C THR C 192 3.44 14.66 7.70
N SER C 193 3.53 14.57 6.37
CA SER C 193 4.23 13.47 5.72
C SER C 193 4.66 13.91 4.33
N PRO C 194 5.66 13.22 3.73
CA PRO C 194 6.01 13.56 2.34
C PRO C 194 4.85 13.35 1.37
N SER C 195 4.11 12.26 1.53
N SER C 195 4.09 12.27 1.53
CA SER C 195 2.91 12.00 0.72
CA SER C 195 2.92 12.04 0.67
C SER C 195 1.93 13.18 0.80
C SER C 195 1.91 13.18 0.79
N GLN C 196 1.68 13.66 2.02
CA GLN C 196 0.82 14.81 2.20
C GLN C 196 1.40 16.09 1.56
N ALA C 197 2.72 16.28 1.66
CA ALA C 197 3.35 17.46 1.03
C ALA C 197 3.16 17.46 -0.47
N TYR C 198 3.35 16.29 -1.08
CA TYR C 198 3.10 16.12 -2.52
C TYR C 198 1.66 16.47 -2.84
N ASP C 199 0.73 15.92 -2.05
CA ASP C 199 -0.69 16.17 -2.31
C ASP C 199 -1.02 17.66 -2.21
N ARG C 200 -0.55 18.30 -1.17
CA ARG C 200 -0.89 19.69 -0.91
C ARG C 200 -0.29 20.63 -1.95
N ILE C 201 0.87 20.27 -2.46
CA ILE C 201 1.48 21.06 -3.55
C ILE C 201 0.65 20.89 -4.84
N VAL C 202 0.35 19.65 -5.21
CA VAL C 202 -0.45 19.37 -6.41
C VAL C 202 -1.85 19.99 -6.30
N GLU C 203 -2.35 20.07 -5.07
CA GLU C 203 -3.69 20.58 -4.83
C GLU C 203 -3.80 22.05 -5.22
N GLN C 204 -2.67 22.76 -5.27
CA GLN C 204 -2.65 24.18 -5.67
C GLN C 204 -3.00 24.41 -7.14
N GLY C 205 -2.97 23.35 -7.96
CA GLY C 205 -3.43 23.46 -9.34
C GLY C 205 -2.44 24.06 -10.34
N GLY C 206 -1.19 24.20 -9.92
CA GLY C 206 -0.15 24.55 -10.89
C GLY C 206 0.87 25.51 -10.34
N MET C 207 2.11 25.34 -10.79
CA MET C 207 3.24 26.11 -10.29
C MET C 207 3.41 27.41 -11.07
N ALA C 208 3.95 28.42 -10.38
CA ALA C 208 4.19 29.72 -11.00
C ALA C 208 5.41 29.69 -11.92
N ALA C 209 6.43 28.92 -11.57
CA ALA C 209 7.65 28.91 -12.37
C ALA C 209 8.31 27.55 -12.26
N SER C 210 9.64 27.50 -12.15
CA SER C 210 10.36 26.22 -12.18
C SER C 210 11.38 26.09 -11.06
N ALA C 211 11.45 24.89 -10.51
CA ALA C 211 12.42 24.51 -9.49
C ALA C 211 12.31 23.01 -9.28
N PHE C 212 13.10 22.51 -8.33
CA PHE C 212 13.01 21.15 -7.85
C PHE C 212 12.88 21.15 -6.33
N ILE C 213 11.98 20.32 -5.82
CA ILE C 213 11.77 20.19 -4.38
C ILE C 213 11.90 18.69 -4.04
N MET C 214 12.61 18.40 -2.95
CA MET C 214 12.61 17.02 -2.41
C MET C 214 11.98 17.07 -1.03
N VAL C 215 11.09 16.11 -0.78
CA VAL C 215 10.50 15.98 0.57
C VAL C 215 10.70 14.54 1.04
N GLY C 216 11.20 14.37 2.25
CA GLY C 216 11.41 13.01 2.76
C GLY C 216 11.18 12.92 4.29
N ASN C 217 10.92 11.70 4.72
CA ASN C 217 11.00 11.34 6.14
C ASN C 217 11.71 10.00 6.26
N GLY C 218 11.56 9.33 7.38
CA GLY C 218 12.24 8.03 7.55
C GLY C 218 11.71 6.95 6.65
N HIS C 219 10.48 7.13 6.16
CA HIS C 219 9.73 6.07 5.50
C HIS C 219 9.79 6.18 3.96
N GLU C 220 9.73 7.41 3.47
CA GLU C 220 9.51 7.65 2.03
C GLU C 220 10.13 8.99 1.65
N ALA C 221 10.41 9.16 0.36
CA ALA C 221 10.80 10.46 -0.19
C ALA C 221 10.28 10.60 -1.61
N PHE C 222 10.06 11.83 -2.02
CA PHE C 222 9.83 12.11 -3.43
C PHE C 222 10.55 13.37 -3.83
N GLY C 223 10.87 13.46 -5.12
CA GLY C 223 11.32 14.71 -5.72
C GLY C 223 10.25 15.20 -6.67
N LEU C 224 10.29 16.50 -6.95
CA LEU C 224 9.33 17.12 -7.82
C LEU C 224 10.10 18.06 -8.76
N GLU C 225 10.10 17.74 -10.04
CA GLU C 225 10.64 18.66 -11.06
C GLU C 225 9.44 19.33 -11.70
N PHE C 226 9.41 20.66 -11.68
CA PHE C 226 8.23 21.32 -12.22
C PHE C 226 8.48 22.60 -13.05
N SER C 227 7.49 22.93 -13.88
CA SER C 227 7.34 24.21 -14.55
C SER C 227 5.83 24.54 -14.47
N PRO C 228 5.40 25.69 -15.04
CA PRO C 228 3.95 25.93 -15.08
C PRO C 228 3.18 24.87 -15.86
N THR C 229 3.86 24.12 -16.73
CA THR C 229 3.16 23.18 -17.61
C THR C 229 3.64 21.73 -17.41
N SER C 230 4.29 21.47 -16.28
CA SER C 230 4.79 20.12 -16.00
C SER C 230 5.08 19.89 -14.54
N ILE C 231 4.57 18.78 -14.01
CA ILE C 231 4.89 18.42 -12.62
C ILE C 231 5.18 16.93 -12.61
N ARG C 232 6.46 16.59 -12.46
CA ARG C 232 6.90 15.21 -12.60
C ARG C 232 7.54 14.75 -11.30
N LYS C 233 7.18 13.55 -10.88
CA LYS C 233 7.62 13.02 -9.60
C LYS C 233 8.81 12.05 -9.72
N GLN C 234 9.85 12.33 -8.94
CA GLN C 234 11.01 11.47 -8.81
C GLN C 234 10.78 10.54 -7.62
N VAL C 235 11.07 9.26 -7.81
CA VAL C 235 10.95 8.28 -6.73
C VAL C 235 12.28 7.60 -6.46
N LEU C 236 12.37 6.89 -5.35
CA LEU C 236 13.59 6.16 -5.02
C LEU C 236 13.95 5.14 -6.09
N ASP C 237 15.24 5.00 -6.33
CA ASP C 237 15.72 3.99 -7.28
C ASP C 237 15.81 2.61 -6.62
N ALA C 238 16.32 1.64 -7.38
CA ALA C 238 16.44 0.25 -6.94
C ALA C 238 17.33 0.07 -5.70
N ASN C 239 18.20 1.05 -5.45
CA ASN C 239 19.07 1.04 -4.27
C ASN C 239 18.54 1.90 -3.11
N GLY C 240 17.28 2.36 -3.23
CA GLY C 240 16.66 3.20 -2.20
C GLY C 240 17.23 4.61 -2.14
N ARG C 241 17.76 5.10 -3.28
CA ARG C 241 18.42 6.40 -3.35
C ARG C 241 17.72 7.37 -4.29
N MET C 242 17.89 8.66 -4.02
N MET C 242 17.84 8.66 -3.98
CA MET C 242 17.42 9.73 -4.88
CA MET C 242 17.46 9.74 -4.86
C MET C 242 18.46 10.85 -4.89
C MET C 242 18.62 10.72 -4.88
N VAL C 243 18.96 11.22 -6.07
CA VAL C 243 19.99 12.26 -6.20
C VAL C 243 19.45 13.32 -7.16
N HIS C 244 19.67 14.58 -6.86
CA HIS C 244 19.31 15.63 -7.80
C HIS C 244 20.28 16.77 -7.79
N THR C 245 20.55 17.32 -8.98
CA THR C 245 21.36 18.51 -9.09
C THR C 245 20.49 19.60 -9.73
N ASN C 246 20.93 20.16 -10.85
CA ASN C 246 20.25 21.35 -11.41
C ASN C 246 19.78 21.16 -12.84
N HIS C 247 19.58 19.90 -13.23
CA HIS C 247 18.99 19.60 -14.54
C HIS C 247 17.88 18.54 -14.43
N CYS C 248 16.99 18.49 -15.43
CA CYS C 248 15.91 17.50 -15.45
C CYS C 248 16.42 16.09 -15.66
N LEU C 249 16.01 15.21 -14.75
CA LEU C 249 16.32 13.78 -14.79
C LEU C 249 15.12 13.00 -15.28
N LEU C 250 13.94 13.64 -15.23
CA LEU C 250 12.72 12.95 -15.55
C LEU C 250 12.25 13.28 -16.96
N GLN C 251 11.41 12.41 -17.50
CA GLN C 251 10.72 12.60 -18.77
C GLN C 251 9.68 13.69 -18.61
N HIS C 252 9.83 14.76 -19.36
CA HIS C 252 8.85 15.84 -19.38
C HIS C 252 8.23 15.82 -20.78
N GLY C 253 7.14 16.57 -20.98
CA GLY C 253 6.52 16.66 -22.29
C GLY C 253 7.49 17.27 -23.29
N LYS C 254 7.35 16.94 -24.57
CA LYS C 254 8.28 17.42 -25.59
C LYS C 254 8.26 18.94 -25.79
N ASN C 255 7.28 19.63 -25.20
CA ASN C 255 7.18 21.11 -25.30
C ASN C 255 7.91 21.83 -24.18
N GLU C 256 8.36 21.09 -23.17
CA GLU C 256 9.18 21.66 -22.10
C GLU C 256 10.55 22.03 -22.66
N LYS C 257 11.08 23.15 -22.18
CA LYS C 257 12.38 23.65 -22.64
C LYS C 257 13.25 23.98 -21.44
N GLU C 258 14.42 23.35 -21.39
CA GLU C 258 15.35 23.56 -20.28
C GLU C 258 16.38 24.61 -20.71
N LEU C 259 16.53 25.66 -19.91
CA LEU C 259 17.26 26.88 -20.32
C LEU C 259 18.63 27.04 -19.69
N ASP C 260 19.67 26.81 -20.50
CA ASP C 260 21.07 27.05 -20.11
C ASP C 260 21.43 26.42 -18.76
N PRO C 261 21.32 25.08 -18.66
CA PRO C 261 21.70 24.44 -17.41
C PRO C 261 23.22 24.26 -17.33
N LEU C 262 23.79 24.43 -16.14
CA LEU C 262 25.24 24.28 -15.94
C LEU C 262 25.75 22.91 -16.38
N PRO C 263 26.80 22.88 -17.22
CA PRO C 263 27.42 21.59 -17.59
C PRO C 263 27.79 20.71 -16.37
N ASP C 264 28.29 21.32 -15.30
CA ASP C 264 28.70 20.57 -14.11
C ASP C 264 27.53 19.96 -13.36
N SER C 265 26.30 20.35 -13.69
CA SER C 265 25.11 19.70 -13.12
C SER C 265 25.09 18.21 -13.44
N TRP C 266 25.56 17.84 -14.64
CA TRP C 266 25.66 16.42 -14.99
C TRP C 266 26.81 15.74 -14.26
N ASN C 267 27.98 16.37 -14.25
CA ASN C 267 29.14 15.81 -13.53
C ASN C 267 28.81 15.54 -12.06
N ARG C 268 28.17 16.51 -11.39
CA ARG C 268 27.86 16.39 -9.96
C ARG C 268 26.83 15.30 -9.68
N HIS C 269 25.83 15.18 -10.56
CA HIS C 269 24.86 14.11 -10.42
C HIS C 269 25.54 12.76 -10.53
N GLN C 270 26.36 12.59 -11.57
CA GLN C 270 27.10 11.34 -11.78
C GLN C 270 28.08 11.05 -10.62
N ARG C 271 28.73 12.09 -10.12
CA ARG C 271 29.67 11.99 -8.99
C ARG C 271 29.00 11.54 -7.70
N MET C 272 27.87 12.17 -7.34
CA MET C 272 27.15 11.78 -6.13
C MET C 272 26.64 10.35 -6.25
N GLU C 273 26.12 9.96 -7.41
CA GLU C 273 25.69 8.58 -7.64
C GLU C 273 26.83 7.61 -7.35
N PHE C 274 28.02 7.92 -7.88
CA PHE C 274 29.20 7.13 -7.62
C PHE C 274 29.60 7.05 -6.14
N LEU C 275 29.55 8.19 -5.47
CA LEU C 275 29.94 8.25 -4.06
C LEU C 275 28.98 7.43 -3.20
N LEU C 276 27.69 7.48 -3.53
CA LEU C 276 26.68 6.70 -2.80
C LEU C 276 26.84 5.19 -3.02
N ASP C 277 27.32 4.79 -4.19
CA ASP C 277 27.64 3.38 -4.48
C ASP C 277 28.69 2.82 -3.51
N GLY C 278 29.65 3.65 -3.12
CA GLY C 278 30.75 3.23 -2.26
C GLY C 278 30.55 3.55 -0.81
N PHE C 279 29.50 4.33 -0.54
CA PHE C 279 29.10 4.82 0.77
C PHE C 279 28.73 3.68 1.75
N ASP C 280 29.30 3.70 2.96
CA ASP C 280 29.10 2.61 3.92
C ASP C 280 27.84 2.73 4.78
N GLY C 281 27.12 3.84 4.63
CA GLY C 281 25.87 4.03 5.35
C GLY C 281 26.01 4.86 6.61
N THR C 282 27.24 5.05 7.06
CA THR C 282 27.44 5.79 8.31
C THR C 282 27.16 7.28 8.19
N LYS C 283 26.70 7.87 9.28
CA LYS C 283 26.45 9.29 9.33
C LYS C 283 27.72 10.09 9.07
N GLN C 284 28.85 9.60 9.57
CA GLN C 284 30.10 10.31 9.38
C GLN C 284 30.55 10.26 7.91
N ALA C 285 30.36 9.12 7.26
CA ALA C 285 30.64 9.00 5.82
C ALA C 285 29.68 9.87 5.00
N PHE C 286 28.41 9.92 5.39
CA PHE C 286 27.44 10.75 4.66
C PHE C 286 27.85 12.22 4.70
N ALA C 287 28.31 12.67 5.87
CA ALA C 287 28.72 14.06 6.05
C ALA C 287 29.89 14.38 5.12
N GLN C 288 30.81 13.45 4.98
CA GLN C 288 31.99 13.65 4.13
C GLN C 288 31.68 13.75 2.63
N LEU C 289 30.60 13.11 2.17
CA LEU C 289 30.19 13.19 0.75
C LEU C 289 30.10 14.65 0.30
N TRP C 290 29.63 15.49 1.21
CA TRP C 290 29.32 16.88 0.89
C TRP C 290 30.52 17.79 0.79
N ALA C 291 31.70 17.27 1.17
CA ALA C 291 32.93 18.00 1.04
C ALA C 291 33.65 17.58 -0.23
N ASP C 292 33.02 16.77 -1.09
CA ASP C 292 33.73 16.27 -2.29
C ASP C 292 34.17 17.40 -3.21
N GLU C 293 35.42 17.34 -3.64
CA GLU C 293 35.98 18.37 -4.51
C GLU C 293 36.39 17.88 -5.90
N ASP C 294 35.86 16.74 -6.35
CA ASP C 294 36.15 16.27 -7.73
C ASP C 294 35.61 17.31 -8.72
N ASN C 295 36.40 17.66 -9.74
CA ASN C 295 36.01 18.69 -10.73
C ASN C 295 35.93 20.12 -10.14
N TYR C 296 36.66 20.35 -9.04
CA TYR C 296 36.84 21.67 -8.44
C TYR C 296 37.20 22.71 -9.54
N PRO C 297 36.61 23.93 -9.50
CA PRO C 297 35.71 24.53 -8.49
C PRO C 297 34.23 24.17 -8.65
N PHE C 298 33.90 23.43 -9.71
CA PHE C 298 32.51 23.08 -10.07
C PHE C 298 32.03 21.86 -9.29
N SER C 299 32.69 21.59 -8.16
CA SER C 299 32.46 20.39 -7.37
C SER C 299 31.19 20.42 -6.53
N ILE C 300 30.84 19.27 -5.98
CA ILE C 300 29.70 19.14 -5.07
C ILE C 300 29.88 20.15 -3.95
N CYS C 301 31.08 20.19 -3.39
CA CYS C 301 31.47 21.27 -2.49
C CYS C 301 32.04 22.36 -3.40
N ARG C 302 31.15 23.28 -3.78
CA ARG C 302 31.41 24.26 -4.81
C ARG C 302 32.27 25.42 -4.30
N ALA C 303 33.17 25.89 -5.15
CA ALA C 303 33.98 27.05 -4.82
C ALA C 303 33.76 28.19 -5.81
N TYR C 304 33.82 29.42 -5.28
CA TYR C 304 33.89 30.61 -6.14
C TYR C 304 35.27 30.70 -6.80
N GLU C 305 35.27 31.01 -8.09
CA GLU C 305 36.49 31.29 -8.84
C GLU C 305 36.13 32.27 -9.95
N GLU C 306 36.70 33.47 -9.89
CA GLU C 306 36.45 34.51 -10.89
C GLU C 306 36.75 33.98 -12.30
N GLY C 307 35.71 33.94 -13.14
CA GLY C 307 35.84 33.49 -14.53
C GLY C 307 35.41 32.06 -14.81
N LYS C 308 35.21 31.28 -13.74
CA LYS C 308 34.82 29.88 -13.87
C LYS C 308 33.49 29.65 -13.18
N SER C 309 33.53 29.72 -11.85
CA SER C 309 32.36 29.44 -11.03
C SER C 309 31.86 30.70 -10.34
N ARG C 310 30.57 30.97 -10.52
CA ARG C 310 29.94 32.22 -10.08
C ARG C 310 29.48 32.18 -8.62
N GLY C 311 29.49 30.99 -8.03
CA GLY C 311 29.02 30.82 -6.65
C GLY C 311 29.79 29.76 -5.90
N ALA C 312 29.44 29.57 -4.64
CA ALA C 312 30.07 28.55 -3.79
C ALA C 312 29.00 27.84 -2.99
N THR C 313 29.37 26.71 -2.39
CA THR C 313 28.46 26.07 -1.45
C THR C 313 28.34 27.01 -0.25
N LEU C 314 27.12 27.40 0.10
CA LEU C 314 26.89 28.39 1.15
C LEU C 314 26.46 27.74 2.45
N PHE C 315 25.81 26.59 2.34
CA PHE C 315 25.58 25.76 3.52
C PHE C 315 25.25 24.33 3.13
N ASN C 316 25.38 23.46 4.13
CA ASN C 316 25.09 22.05 3.98
C ASN C 316 24.14 21.72 5.10
N ILE C 317 23.16 20.90 4.81
CA ILE C 317 22.28 20.39 5.85
C ILE C 317 22.17 18.87 5.71
N ILE C 318 22.12 18.18 6.85
CA ILE C 318 21.96 16.72 6.86
C ILE C 318 20.84 16.40 7.83
N TYR C 319 19.86 15.66 7.34
CA TYR C 319 18.72 15.18 8.15
C TYR C 319 18.99 13.75 8.59
N ASP C 320 19.06 13.55 9.91
CA ASP C 320 19.20 12.21 10.48
C ASP C 320 17.78 11.75 10.80
N HIS C 321 17.19 10.99 9.89
CA HIS C 321 15.76 10.68 10.03
C HIS C 321 15.47 9.83 11.24
N ALA C 322 16.39 8.94 11.59
CA ALA C 322 16.18 8.09 12.78
C ALA C 322 16.08 8.90 14.04
N ARG C 323 16.78 10.03 14.11
CA ARG C 323 16.87 10.79 15.36
C ARG C 323 16.09 12.10 15.36
N ARG C 324 15.47 12.43 14.21
CA ARG C 324 14.80 13.71 14.04
C ARG C 324 15.74 14.89 14.44
N GLU C 325 16.95 14.90 13.86
CA GLU C 325 17.92 15.98 14.09
C GLU C 325 18.48 16.39 12.74
N ALA C 326 18.75 17.69 12.58
CA ALA C 326 19.33 18.22 11.33
C ALA C 326 20.62 18.91 11.72
N THR C 327 21.71 18.54 11.04
CA THR C 327 22.99 19.17 11.32
C THR C 327 23.28 20.14 10.16
N VAL C 328 23.57 21.38 10.52
CA VAL C 328 23.82 22.44 9.54
C VAL C 328 25.26 22.87 9.64
N ARG C 329 25.92 22.94 8.48
N ARG C 329 25.92 23.00 8.49
CA ARG C 329 27.24 23.54 8.38
CA ARG C 329 27.28 23.53 8.42
C ARG C 329 27.07 24.77 7.50
C ARG C 329 27.31 24.70 7.46
N LEU C 330 27.58 25.90 7.99
CA LEU C 330 27.55 27.14 7.21
C LEU C 330 28.85 27.23 6.46
N GLY C 331 28.76 27.67 5.20
CA GLY C 331 29.92 27.76 4.36
C GLY C 331 30.19 26.46 3.63
N ARG C 332 31.44 26.26 3.22
CA ARG C 332 31.83 25.03 2.53
C ARG C 332 32.12 23.90 3.52
N PRO C 333 31.52 22.70 3.29
CA PRO C 333 31.75 21.56 4.18
C PRO C 333 33.19 21.13 4.39
N THR C 334 34.09 21.50 3.48
CA THR C 334 35.51 21.24 3.67
C THR C 334 36.08 21.99 4.88
N ASN C 335 35.49 23.14 5.19
CA ASN C 335 35.97 23.99 6.28
C ASN C 335 34.85 24.92 6.71
N PRO C 336 33.83 24.37 7.41
CA PRO C 336 32.66 25.18 7.74
C PRO C 336 32.96 26.44 8.59
N ASP C 337 32.19 27.49 8.36
CA ASP C 337 32.30 28.71 9.13
C ASP C 337 31.84 28.46 10.57
N GLU C 338 30.80 27.66 10.69
CA GLU C 338 30.25 27.19 11.97
C GLU C 338 29.35 25.99 11.72
N MET C 339 28.93 25.33 12.79
CA MET C 339 27.98 24.23 12.64
C MET C 339 27.16 24.12 13.90
N PHE C 340 25.98 23.55 13.73
CA PHE C 340 25.03 23.41 14.83
C PHE C 340 24.02 22.33 14.49
N VAL C 341 23.35 21.85 15.53
CA VAL C 341 22.33 20.82 15.36
C VAL C 341 20.97 21.39 15.72
N MET C 342 19.99 21.14 14.86
CA MET C 342 18.59 21.49 15.12
C MET C 342 17.82 20.27 15.62
N ARG C 343 17.07 20.41 16.72
CA ARG C 343 16.24 19.32 17.20
C ARG C 343 15.03 19.94 17.93
N PHE C 344 14.01 19.13 18.17
CA PHE C 344 12.77 19.63 18.76
C PHE C 344 12.67 19.36 20.25
N ASP C 345 11.94 20.24 20.93
CA ASP C 345 11.71 20.08 22.37
C ASP C 345 10.24 20.00 22.74
N GLU C 346 9.97 19.99 24.05
CA GLU C 346 8.60 19.77 24.52
C GLU C 346 7.66 20.89 24.11
N GLU C 347 8.18 22.11 24.08
CA GLU C 347 7.35 23.24 23.66
C GLU C 347 7.06 23.21 22.16
N ASP C 348 8.03 22.75 21.37
CA ASP C 348 7.80 22.51 19.95
C ASP C 348 6.69 21.49 19.76
N GLU C 349 6.70 20.43 20.56
N GLU C 349 6.74 20.43 20.56
CA GLU C 349 5.70 19.40 20.40
CA GLU C 349 5.77 19.35 20.54
C GLU C 349 4.32 19.85 20.91
C GLU C 349 4.38 19.86 20.91
N ARG C 350 4.31 20.59 22.03
CA ARG C 350 3.05 21.10 22.56
C ARG C 350 2.32 21.97 21.56
N SER C 351 3.07 22.82 20.86
CA SER C 351 2.49 23.70 19.86
C SER C 351 1.89 22.88 18.73
N ALA C 352 2.64 21.88 18.24
CA ALA C 352 2.17 21.01 17.14
C ALA C 352 0.88 20.26 17.49
N LEU C 353 0.76 19.90 18.76
CA LEU C 353 -0.40 19.14 19.26
C LEU C 353 -1.57 20.00 19.66
N ASN C 354 -1.36 21.32 19.67
CA ASN C 354 -2.33 22.29 20.20
C ASN C 354 -2.75 21.89 21.63
N ALA C 355 -1.75 21.45 22.40
CA ALA C 355 -1.95 20.97 23.75
C ALA C 355 -1.88 22.15 24.72
N ARG C 356 -2.88 22.20 25.62
CA ARG C 356 -2.95 23.22 26.66
C ARG C 356 -2.10 22.80 27.87
N MET D 1 -27.63 2.86 -31.20
N MET D 1 -27.26 2.77 -30.81
CA MET D 1 -26.84 4.12 -31.20
CA MET D 1 -26.59 4.09 -31.03
C MET D 1 -25.74 4.02 -32.25
C MET D 1 -25.73 3.99 -32.28
N LEU D 2 -25.47 5.13 -32.93
CA LEU D 2 -24.46 5.16 -34.00
C LEU D 2 -23.11 4.80 -33.38
N HIS D 3 -22.52 3.72 -33.89
CA HIS D 3 -21.27 3.20 -33.36
C HIS D 3 -20.22 3.26 -34.45
N ILE D 4 -19.19 4.07 -34.21
CA ILE D 4 -18.11 4.27 -35.18
C ILE D 4 -16.79 3.67 -34.68
N LEU D 5 -16.21 2.77 -35.50
CA LEU D 5 -14.94 2.13 -35.20
C LEU D 5 -13.81 2.90 -35.87
N CYS D 6 -12.91 3.44 -35.04
CA CYS D 6 -11.78 4.24 -35.53
C CYS D 6 -10.45 3.54 -35.22
N GLN D 7 -9.54 3.53 -36.20
CA GLN D 7 -8.22 2.92 -35.99
C GLN D 7 -7.18 3.56 -36.90
N GLY D 8 -5.91 3.42 -36.53
CA GLY D 8 -4.81 3.95 -37.34
C GLY D 8 -4.11 5.09 -36.63
N THR D 9 -3.59 6.03 -37.42
CA THR D 9 -2.95 7.24 -36.91
C THR D 9 -4.02 8.13 -36.27
N PRO D 10 -3.60 9.07 -35.39
CA PRO D 10 -4.55 10.04 -34.85
C PRO D 10 -5.40 10.74 -35.93
N PHE D 11 -4.79 11.16 -37.03
CA PHE D 11 -5.56 11.77 -38.12
C PHE D 11 -6.61 10.84 -38.72
N GLU D 12 -6.21 9.60 -39.00
CA GLU D 12 -7.10 8.59 -39.55
C GLU D 12 -8.28 8.31 -38.61
N ILE D 13 -8.00 8.21 -37.31
CA ILE D 13 -9.01 8.06 -36.24
C ILE D 13 -10.01 9.23 -36.29
N GLY D 14 -9.48 10.44 -36.30
CA GLY D 14 -10.31 11.64 -36.44
C GLY D 14 -11.12 11.68 -37.72
N TYR D 15 -10.47 11.33 -38.85
CA TYR D 15 -11.16 11.36 -40.14
C TYR D 15 -12.38 10.46 -40.20
N GLU D 16 -12.26 9.27 -39.60
CA GLU D 16 -13.36 8.30 -39.55
C GLU D 16 -14.54 8.83 -38.73
N HIS D 17 -14.24 9.34 -37.54
CA HIS D 17 -15.21 10.00 -36.66
C HIS D 17 -15.92 11.15 -37.43
N GLY D 18 -15.13 12.04 -38.00
CA GLY D 18 -15.69 13.22 -38.67
C GLY D 18 -16.56 12.85 -39.86
N SER D 19 -16.09 11.91 -40.66
CA SER D 19 -16.81 11.53 -41.88
C SER D 19 -18.07 10.73 -41.60
N ALA D 20 -17.99 9.75 -40.69
CA ALA D 20 -19.16 8.94 -40.34
C ALA D 20 -20.25 9.68 -39.56
N ALA D 21 -19.87 10.73 -38.82
CA ALA D 21 -20.79 11.53 -38.02
C ALA D 21 -20.97 12.97 -38.55
N LYS D 22 -20.70 13.17 -39.84
CA LYS D 22 -20.64 14.51 -40.43
C LYS D 22 -21.84 15.39 -40.10
N ALA D 23 -23.05 14.88 -40.35
CA ALA D 23 -24.26 15.67 -40.17
C ALA D 23 -24.51 15.89 -38.68
N VAL D 24 -24.13 14.92 -37.86
CA VAL D 24 -24.28 15.07 -36.42
C VAL D 24 -23.32 16.13 -35.87
N ILE D 25 -22.11 16.20 -36.44
CA ILE D 25 -21.10 17.18 -35.99
C ILE D 25 -21.54 18.62 -36.30
N ALA D 26 -22.23 18.82 -37.43
CA ALA D 26 -22.84 20.12 -37.75
C ALA D 26 -23.83 20.54 -36.65
N ARG D 27 -24.60 19.58 -36.14
CA ARG D 27 -25.58 19.83 -35.09
C ARG D 27 -24.90 20.15 -33.75
N SER D 28 -23.83 19.42 -33.45
CA SER D 28 -22.98 19.67 -32.27
C SER D 28 -22.43 21.10 -32.26
N ILE D 29 -21.89 21.52 -33.40
CA ILE D 29 -21.30 22.84 -33.52
C ILE D 29 -22.34 23.95 -33.34
N ASP D 30 -23.49 23.79 -33.98
CA ASP D 30 -24.56 24.78 -33.88
C ASP D 30 -25.13 24.87 -32.46
N PHE D 31 -25.22 23.73 -31.78
CA PHE D 31 -25.63 23.75 -30.39
C PHE D 31 -24.58 24.45 -29.52
N ALA D 32 -23.31 24.09 -29.72
CA ALA D 32 -22.22 24.62 -28.89
C ALA D 32 -22.08 26.13 -29.04
N VAL D 33 -22.16 26.62 -30.29
CA VAL D 33 -22.08 28.06 -30.50
C VAL D 33 -23.21 28.80 -29.76
N ASP D 34 -24.44 28.28 -29.88
N ASP D 34 -24.44 28.28 -29.87
CA ASP D 34 -25.61 28.88 -29.21
CA ASP D 34 -25.61 28.90 -29.20
C ASP D 34 -25.46 28.86 -27.69
C ASP D 34 -25.47 28.86 -27.68
N LEU D 35 -24.96 27.75 -27.16
CA LEU D 35 -24.75 27.58 -25.71
C LEU D 35 -23.70 28.57 -25.17
N ILE D 36 -22.57 28.66 -25.87
CA ILE D 36 -21.46 29.54 -25.47
C ILE D 36 -21.88 31.00 -25.48
N ARG D 37 -22.58 31.41 -26.53
CA ARG D 37 -23.06 32.78 -26.63
C ARG D 37 -24.04 33.12 -25.50
N GLY D 38 -24.91 32.16 -25.16
CA GLY D 38 -25.90 32.37 -24.10
C GLY D 38 -25.36 32.35 -22.68
N LYS D 39 -24.37 31.49 -22.44
CA LYS D 39 -23.80 31.29 -21.10
C LYS D 39 -22.69 32.28 -20.71
N THR D 40 -22.08 32.94 -21.70
CA THR D 40 -20.94 33.82 -21.44
C THR D 40 -21.25 35.30 -21.62
N LYS D 41 -22.16 35.61 -22.53
CA LYS D 41 -22.41 36.97 -22.96
C LYS D 41 -21.11 37.82 -23.04
N LYS D 42 -20.02 37.19 -23.49
CA LYS D 42 -18.78 37.88 -23.86
C LYS D 42 -18.96 38.32 -25.31
N THR D 43 -18.20 39.31 -25.76
CA THR D 43 -18.20 39.72 -27.18
C THR D 43 -17.63 38.62 -28.08
N ASP D 44 -17.91 38.70 -29.38
CA ASP D 44 -17.37 37.70 -30.30
C ASP D 44 -15.84 37.72 -30.39
N GLU D 45 -15.26 38.91 -30.33
CA GLU D 45 -13.79 39.03 -30.43
C GLU D 45 -13.12 38.47 -29.18
N GLU D 46 -13.74 38.67 -28.02
CA GLU D 46 -13.26 38.05 -26.79
C GLU D 46 -13.32 36.55 -26.93
N LEU D 47 -14.40 36.05 -27.51
CA LEU D 47 -14.61 34.61 -27.69
C LEU D 47 -13.62 34.02 -28.69
N LYS D 48 -13.46 34.72 -29.82
CA LYS D 48 -12.50 34.32 -30.87
C LYS D 48 -11.07 34.33 -30.36
N GLN D 49 -10.73 35.34 -29.56
CA GLN D 49 -9.40 35.39 -28.94
C GLN D 49 -9.11 34.18 -28.06
N VAL D 50 -10.05 33.78 -27.22
CA VAL D 50 -9.87 32.61 -26.40
C VAL D 50 -9.73 31.37 -27.31
N LEU D 51 -10.56 31.30 -28.35
CA LEU D 51 -10.54 30.13 -29.23
C LEU D 51 -9.20 30.02 -29.96
N SER D 52 -8.67 31.19 -30.35
CA SER D 52 -7.38 31.27 -31.01
C SER D 52 -6.28 30.77 -30.09
N GLN D 53 -6.30 31.23 -28.83
CA GLN D 53 -5.29 30.79 -27.88
C GLN D 53 -5.42 29.29 -27.59
N LEU D 54 -6.64 28.79 -27.40
CA LEU D 54 -6.84 27.37 -27.12
C LEU D 54 -6.31 26.46 -28.24
N GLY D 55 -6.59 26.84 -29.48
CA GLY D 55 -6.05 26.14 -30.66
C GLY D 55 -4.54 26.05 -30.69
N ARG D 56 -3.86 27.16 -30.42
CA ARG D 56 -2.38 27.20 -30.37
C ARG D 56 -1.85 26.30 -29.27
N VAL D 57 -2.48 26.37 -28.10
CA VAL D 57 -2.04 25.60 -26.94
C VAL D 57 -2.19 24.12 -27.20
N ILE D 58 -3.35 23.71 -27.74
CA ILE D 58 -3.60 22.28 -27.95
C ILE D 58 -2.62 21.70 -28.97
N GLU D 59 -2.39 22.44 -30.05
CA GLU D 59 -1.42 22.05 -31.07
C GLU D 59 0.00 21.87 -30.52
N GLU D 60 0.46 22.81 -29.68
CA GLU D 60 1.80 22.71 -29.07
C GLU D 60 1.92 21.64 -27.99
N ARG D 61 0.90 21.50 -27.15
CA ARG D 61 1.00 20.66 -25.97
C ARG D 61 0.59 19.19 -26.21
N TRP D 62 -0.42 18.98 -27.05
CA TRP D 62 -1.01 17.64 -27.30
C TRP D 62 -1.12 17.42 -28.81
N PRO D 63 0.02 17.37 -29.50
CA PRO D 63 -0.05 17.26 -30.95
C PRO D 63 -0.86 16.05 -31.46
N LYS D 64 -0.83 14.92 -30.78
CA LYS D 64 -1.58 13.74 -31.24
C LYS D 64 -3.09 13.98 -31.13
N TYR D 65 -3.49 14.66 -30.06
CA TYR D 65 -4.91 15.05 -29.94
C TYR D 65 -5.27 16.11 -30.98
N TYR D 66 -4.36 17.06 -31.22
CA TYR D 66 -4.60 18.06 -32.25
C TYR D 66 -4.77 17.44 -33.64
N GLU D 67 -3.97 16.42 -33.94
CA GLU D 67 -4.07 15.76 -35.24
C GLU D 67 -5.40 15.03 -35.39
N GLU D 68 -5.86 14.41 -34.31
CA GLU D 68 -7.16 13.78 -34.35
C GLU D 68 -8.23 14.83 -34.60
N ILE D 69 -8.14 15.97 -33.90
CA ILE D 69 -9.02 17.12 -34.12
C ILE D 69 -9.00 17.60 -35.58
N ARG D 70 -7.81 17.69 -36.16
CA ARG D 70 -7.65 18.02 -37.58
C ARG D 70 -8.34 17.01 -38.50
N GLY D 71 -8.21 15.73 -38.14
CA GLY D 71 -8.90 14.66 -38.85
C GLY D 71 -10.41 14.77 -38.81
N ILE D 72 -10.96 15.06 -37.63
CA ILE D 72 -12.41 15.25 -37.47
C ILE D 72 -12.89 16.41 -38.35
N ALA D 73 -12.16 17.51 -38.31
CA ALA D 73 -12.47 18.67 -39.13
C ALA D 73 -12.50 18.32 -40.63
N LYS D 74 -11.46 17.64 -41.11
CA LYS D 74 -11.39 17.22 -42.52
C LYS D 74 -12.57 16.32 -42.89
N GLY D 75 -12.81 15.31 -42.06
CA GLY D 75 -13.89 14.34 -42.30
C GLY D 75 -15.27 14.96 -42.28
N ALA D 76 -15.48 15.91 -41.35
CA ALA D 76 -16.77 16.55 -41.17
C ALA D 76 -16.91 17.79 -42.05
N GLU D 77 -15.85 18.12 -42.78
CA GLU D 77 -15.83 19.30 -43.65
C GLU D 77 -16.12 20.60 -42.87
N ARG D 78 -15.47 20.72 -41.72
CA ARG D 78 -15.58 21.90 -40.88
C ARG D 78 -14.20 22.52 -40.70
N ASP D 79 -14.17 23.74 -40.16
CA ASP D 79 -12.92 24.40 -39.80
C ASP D 79 -12.37 23.72 -38.57
N VAL D 80 -11.04 23.58 -38.51
CA VAL D 80 -10.38 23.04 -37.32
C VAL D 80 -10.81 23.80 -36.07
N SER D 81 -10.90 25.12 -36.17
CA SER D 81 -11.29 25.93 -34.99
C SER D 81 -12.65 25.53 -34.42
N GLU D 82 -13.57 25.11 -35.29
CA GLU D 82 -14.89 24.64 -34.85
C GLU D 82 -14.77 23.36 -34.03
N ILE D 83 -13.88 22.46 -34.43
CA ILE D 83 -13.68 21.22 -33.66
C ILE D 83 -12.90 21.50 -32.37
N VAL D 84 -11.95 22.43 -32.41
CA VAL D 84 -11.33 22.89 -31.15
C VAL D 84 -12.41 23.41 -30.20
N MET D 85 -13.32 24.22 -30.73
N MET D 85 -13.33 24.21 -30.74
CA MET D 85 -14.39 24.78 -29.91
CA MET D 85 -14.44 24.79 -29.97
C MET D 85 -15.20 23.67 -29.25
C MET D 85 -15.27 23.72 -29.28
N LEU D 86 -15.59 22.65 -30.01
CA LEU D 86 -16.39 21.55 -29.44
C LEU D 86 -15.66 20.89 -28.28
N ASN D 87 -14.36 20.70 -28.47
CA ASN D 87 -13.52 20.02 -27.49
C ASN D 87 -13.11 20.88 -26.29
N THR D 88 -13.48 22.15 -26.35
CA THR D 88 -13.21 23.08 -25.27
C THR D 88 -14.48 23.77 -24.80
N ARG D 89 -15.63 23.14 -25.04
CA ARG D 89 -16.92 23.77 -24.76
C ARG D 89 -17.02 24.13 -23.28
N THR D 90 -16.47 23.26 -22.44
CA THR D 90 -16.44 23.46 -20.98
C THR D 90 -15.70 24.73 -20.64
N GLU D 91 -14.55 24.90 -21.29
CA GLU D 91 -13.68 26.03 -21.03
C GLU D 91 -14.41 27.34 -21.32
N PHE D 92 -15.20 27.36 -22.39
CA PHE D 92 -16.03 28.52 -22.70
C PHE D 92 -17.22 28.63 -21.77
N ALA D 93 -18.03 27.57 -21.68
CA ALA D 93 -19.29 27.65 -20.94
C ALA D 93 -19.14 27.77 -19.41
N TYR D 94 -18.09 27.19 -18.85
CA TYR D 94 -17.86 27.26 -17.41
C TYR D 94 -16.72 28.20 -17.06
N GLY D 95 -15.69 28.23 -17.91
CA GLY D 95 -14.53 29.10 -17.69
C GLY D 95 -14.85 30.57 -17.87
N LEU D 96 -15.69 30.87 -18.85
CA LEU D 96 -16.15 32.24 -19.11
C LEU D 96 -17.61 32.47 -18.68
N LYS D 97 -18.14 31.63 -17.80
CA LYS D 97 -19.55 31.70 -17.40
C LYS D 97 -19.93 33.06 -16.83
N ALA D 98 -21.05 33.62 -17.31
CA ALA D 98 -21.58 34.89 -16.82
C ALA D 98 -22.49 34.69 -15.60
N THR D 104 -25.21 12.64 -11.91
CA THR D 104 -25.01 11.94 -10.65
C THR D 104 -24.15 10.71 -10.93
N THR D 105 -23.11 10.52 -10.13
CA THR D 105 -22.12 9.48 -10.35
C THR D 105 -21.85 8.73 -9.06
N ALA D 106 -21.60 7.43 -9.16
CA ALA D 106 -21.27 6.63 -7.99
C ALA D 106 -20.33 5.50 -8.29
N TYR D 107 -19.46 5.25 -7.32
CA TYR D 107 -18.60 4.06 -7.29
C TYR D 107 -18.84 3.34 -5.97
N CYS D 108 -19.01 2.03 -6.07
CA CYS D 108 -19.16 1.17 -4.92
C CYS D 108 -18.24 -0.03 -4.98
N GLN D 109 -17.31 -0.13 -4.03
N GLN D 109 -17.31 -0.09 -4.03
CA GLN D 109 -16.46 -1.30 -3.92
CA GLN D 109 -16.51 -1.29 -3.79
C GLN D 109 -17.19 -2.46 -3.23
C GLN D 109 -17.45 -2.40 -3.32
N LEU D 110 -17.35 -3.57 -3.94
CA LEU D 110 -18.16 -4.74 -3.53
C LEU D 110 -17.37 -6.05 -3.62
N PRO D 111 -17.63 -6.99 -2.68
CA PRO D 111 -16.80 -8.19 -2.57
C PRO D 111 -16.74 -8.96 -3.89
N ASN D 112 -17.85 -8.99 -4.61
CA ASN D 112 -17.94 -9.76 -5.83
C ASN D 112 -17.87 -8.92 -7.11
N GLY D 113 -17.44 -7.66 -6.94
CA GLY D 113 -17.04 -6.83 -8.06
C GLY D 113 -17.61 -5.43 -7.91
N ALA D 114 -16.72 -4.43 -7.97
CA ALA D 114 -17.14 -3.03 -7.84
C ALA D 114 -18.11 -2.67 -8.95
N LEU D 115 -19.01 -1.71 -8.65
CA LEU D 115 -19.90 -1.19 -9.67
C LEU D 115 -19.72 0.32 -9.69
N GLN D 116 -19.83 0.87 -10.88
CA GLN D 116 -19.60 2.30 -11.07
C GLN D 116 -20.54 2.74 -12.17
N GLY D 117 -21.12 3.93 -12.03
CA GLY D 117 -21.98 4.39 -13.10
C GLY D 117 -22.35 5.85 -12.94
N GLN D 118 -23.10 6.36 -13.91
CA GLN D 118 -23.65 7.70 -13.81
C GLN D 118 -24.84 7.89 -14.67
N ASN D 119 -25.64 8.90 -14.30
CA ASN D 119 -26.54 9.55 -15.23
C ASN D 119 -25.86 10.79 -15.77
N TRP D 120 -25.99 11.00 -17.07
CA TRP D 120 -25.57 12.24 -17.72
C TRP D 120 -26.84 13.07 -17.98
N ASP D 121 -26.89 14.27 -17.37
CA ASP D 121 -28.05 15.16 -17.49
C ASP D 121 -27.62 16.40 -18.26
N PHE D 122 -28.36 16.74 -19.30
CA PHE D 122 -28.01 17.91 -20.09
C PHE D 122 -29.19 18.32 -20.95
N PHE D 123 -28.98 19.33 -21.79
CA PHE D 123 -30.03 19.85 -22.65
C PHE D 123 -30.53 18.78 -23.61
N SER D 124 -31.84 18.61 -23.68
CA SER D 124 -32.42 17.54 -24.48
C SER D 124 -32.03 17.62 -25.95
N ALA D 125 -31.77 18.84 -26.44
CA ALA D 125 -31.36 19.03 -27.84
C ALA D 125 -30.09 18.28 -28.21
N THR D 126 -29.26 17.93 -27.21
CA THR D 126 -28.01 17.20 -27.47
C THR D 126 -28.16 15.67 -27.56
N LYS D 127 -29.31 15.15 -27.11
CA LYS D 127 -29.50 13.70 -27.06
C LYS D 127 -29.40 13.07 -28.44
N GLU D 128 -29.92 13.78 -29.46
CA GLU D 128 -29.89 13.29 -30.84
C GLU D 128 -28.47 13.28 -31.42
N ASN D 129 -27.53 13.93 -30.74
CA ASN D 129 -26.13 14.01 -31.19
C ASN D 129 -25.18 13.05 -30.49
N LEU D 130 -25.71 12.25 -29.57
CA LEU D 130 -24.89 11.23 -28.93
C LEU D 130 -24.53 10.11 -29.90
N ILE D 131 -23.25 9.75 -29.89
CA ILE D 131 -22.72 8.63 -30.67
C ILE D 131 -21.79 7.85 -29.77
N ARG D 132 -21.36 6.68 -30.21
CA ARG D 132 -20.29 6.00 -29.47
C ARG D 132 -19.15 5.62 -30.39
N LEU D 133 -17.95 5.69 -29.85
CA LEU D 133 -16.75 5.44 -30.61
C LEU D 133 -16.02 4.29 -30.00
N THR D 134 -15.46 3.42 -30.85
CA THR D 134 -14.43 2.48 -30.41
C THR D 134 -13.16 2.94 -31.08
N ILE D 135 -12.14 3.24 -30.29
CA ILE D 135 -10.87 3.73 -30.83
C ILE D 135 -9.74 2.74 -30.54
N ARG D 136 -9.15 2.21 -31.61
CA ARG D 136 -7.99 1.33 -31.50
C ARG D 136 -6.74 2.09 -31.89
N GLN D 137 -5.74 2.10 -31.01
CA GLN D 137 -4.43 2.68 -31.29
C GLN D 137 -3.40 1.70 -30.82
N ALA D 138 -2.51 1.29 -31.73
CA ALA D 138 -1.50 0.26 -31.45
C ALA D 138 -0.68 0.63 -30.23
N GLY D 139 -0.65 -0.28 -29.24
CA GLY D 139 0.09 -0.05 -28.01
C GLY D 139 -0.61 0.71 -26.90
N LEU D 140 -1.82 1.21 -27.18
CA LEU D 140 -2.65 1.88 -26.16
C LEU D 140 -3.91 1.07 -25.89
N PRO D 141 -4.48 1.19 -24.68
CA PRO D 141 -5.75 0.49 -24.49
C PRO D 141 -6.77 0.90 -25.54
N THR D 142 -7.55 -0.07 -25.99
CA THR D 142 -8.69 0.22 -26.85
C THR D 142 -9.77 0.92 -26.05
N ILE D 143 -10.33 1.99 -26.61
CA ILE D 143 -11.29 2.80 -25.86
C ILE D 143 -12.70 2.67 -26.43
N LYS D 144 -13.69 2.61 -25.54
CA LYS D 144 -15.10 2.64 -25.97
C LYS D 144 -15.77 3.71 -25.16
N PHE D 145 -16.30 4.74 -25.83
CA PHE D 145 -16.95 5.80 -25.08
C PHE D 145 -18.17 6.40 -25.76
N ILE D 146 -19.04 6.99 -24.94
CA ILE D 146 -20.23 7.72 -25.41
C ILE D 146 -19.91 9.22 -25.40
N THR D 147 -20.28 9.91 -26.48
CA THR D 147 -19.96 11.32 -26.61
C THR D 147 -20.96 12.04 -27.52
N GLU D 148 -21.05 13.36 -27.39
CA GLU D 148 -21.65 14.17 -28.44
C GLU D 148 -20.70 14.15 -29.62
N ALA D 149 -21.22 14.01 -30.83
CA ALA D 149 -20.36 13.81 -32.01
C ALA D 149 -19.38 14.97 -32.16
N GLY D 150 -18.12 14.65 -32.45
CA GLY D 150 -17.08 15.66 -32.68
C GLY D 150 -16.09 15.84 -31.55
N ILE D 151 -16.33 15.17 -30.43
CA ILE D 151 -15.54 15.36 -29.21
C ILE D 151 -14.65 14.13 -28.96
N ILE D 152 -13.41 14.34 -28.51
CA ILE D 152 -12.41 13.26 -28.48
C ILE D 152 -12.25 12.51 -27.15
N GLY D 153 -12.96 12.95 -26.12
CA GLY D 153 -12.88 12.28 -24.82
C GLY D 153 -14.15 12.58 -24.07
N LYS D 154 -14.78 11.56 -23.51
CA LYS D 154 -15.99 11.77 -22.73
C LYS D 154 -16.15 10.62 -21.75
N VAL D 155 -17.31 9.95 -21.75
CA VAL D 155 -17.64 8.95 -20.72
C VAL D 155 -17.55 7.55 -21.32
N GLY D 156 -16.71 6.70 -20.74
CA GLY D 156 -16.59 5.32 -21.23
C GLY D 156 -15.50 4.57 -20.52
N PHE D 157 -15.01 3.50 -21.16
CA PHE D 157 -14.00 2.67 -20.52
C PHE D 157 -13.02 2.10 -21.51
N ASN D 158 -11.97 1.45 -21.02
CA ASN D 158 -10.96 0.91 -21.93
C ASN D 158 -10.59 -0.54 -21.66
N SER D 159 -9.78 -1.13 -22.54
CA SER D 159 -9.52 -2.57 -22.49
C SER D 159 -8.65 -2.96 -21.29
N ALA D 160 -8.08 -1.97 -20.63
CA ALA D 160 -7.28 -2.17 -19.43
C ALA D 160 -8.16 -2.10 -18.17
N GLY D 161 -9.45 -1.84 -18.36
CA GLY D 161 -10.42 -1.82 -17.25
C GLY D 161 -10.60 -0.46 -16.61
N VAL D 162 -9.99 0.57 -17.18
CA VAL D 162 -10.16 1.94 -16.66
C VAL D 162 -11.49 2.50 -17.13
N ALA D 163 -12.34 2.93 -16.18
CA ALA D 163 -13.66 3.46 -16.49
C ALA D 163 -13.78 4.89 -16.00
N VAL D 164 -14.33 5.75 -16.84
CA VAL D 164 -14.32 7.20 -16.59
C VAL D 164 -15.75 7.73 -16.55
N ASN D 165 -16.02 8.62 -15.58
CA ASN D 165 -17.27 9.37 -15.48
C ASN D 165 -16.98 10.85 -15.39
N TYR D 166 -17.97 11.68 -15.76
CA TYR D 166 -17.76 13.11 -15.87
C TYR D 166 -18.96 13.86 -15.33
N ASN D 167 -18.73 14.82 -14.43
CA ASN D 167 -19.80 15.68 -13.94
C ASN D 167 -19.45 17.16 -14.13
N ALA D 168 -20.43 17.98 -14.52
CA ALA D 168 -20.19 19.42 -14.58
C ALA D 168 -19.88 19.96 -13.17
N LEU D 169 -18.95 20.91 -13.09
CA LEU D 169 -18.61 21.60 -11.84
C LEU D 169 -18.43 23.07 -12.14
N HIS D 170 -18.78 23.93 -11.20
CA HIS D 170 -18.92 25.35 -11.49
C HIS D 170 -17.91 26.27 -10.82
N LEU D 171 -16.70 25.79 -10.56
CA LEU D 171 -15.66 26.69 -10.02
C LEU D 171 -15.21 27.72 -11.04
N GLN D 172 -14.87 28.91 -10.55
CA GLN D 172 -14.51 30.04 -11.42
C GLN D 172 -13.07 29.94 -11.90
N GLY D 173 -12.83 30.36 -13.13
CA GLY D 173 -11.47 30.56 -13.64
C GLY D 173 -11.27 29.96 -15.02
N LEU D 174 -10.43 30.60 -15.84
CA LEU D 174 -10.04 30.05 -17.13
C LEU D 174 -8.57 30.29 -17.33
N ARG D 175 -7.84 29.21 -17.60
CA ARG D 175 -6.44 29.29 -18.00
C ARG D 175 -6.30 28.60 -19.36
N PRO D 176 -6.28 29.38 -20.46
CA PRO D 176 -6.24 28.81 -21.80
C PRO D 176 -5.01 27.95 -22.06
N THR D 177 -3.94 28.14 -21.27
CA THR D 177 -2.75 27.31 -21.42
C THR D 177 -2.81 25.98 -20.66
N GLY D 178 -3.83 25.80 -19.80
CA GLY D 178 -3.97 24.55 -19.05
C GLY D 178 -4.64 23.44 -19.85
N VAL D 179 -4.81 22.28 -19.23
N VAL D 179 -4.82 22.28 -19.22
CA VAL D 179 -5.37 21.13 -19.93
CA VAL D 179 -5.39 21.14 -19.92
C VAL D 179 -6.90 21.17 -19.96
C VAL D 179 -6.91 21.25 -19.97
N PRO D 180 -7.51 21.19 -21.17
CA PRO D 180 -8.98 21.19 -21.28
C PRO D 180 -9.59 19.93 -20.65
N SER D 181 -10.78 20.04 -20.07
CA SER D 181 -11.35 18.91 -19.35
C SER D 181 -11.55 17.69 -20.24
N HIS D 182 -11.96 17.88 -21.48
CA HIS D 182 -12.16 16.74 -22.37
C HIS D 182 -10.86 16.10 -22.83
N ILE D 183 -9.78 16.88 -22.87
CA ILE D 183 -8.45 16.31 -23.09
C ILE D 183 -8.01 15.47 -21.86
N ALA D 184 -8.32 15.95 -20.64
CA ALA D 184 -8.10 15.16 -19.43
C ALA D 184 -8.87 13.85 -19.47
N LEU D 185 -10.11 13.88 -19.96
CA LEU D 185 -10.87 12.64 -20.09
C LEU D 185 -10.21 11.65 -21.03
N ARG D 186 -9.70 12.13 -22.16
CA ARG D 186 -9.01 11.25 -23.11
C ARG D 186 -7.67 10.75 -22.55
N ILE D 187 -6.97 11.61 -21.81
CA ILE D 187 -5.77 11.14 -21.08
C ILE D 187 -6.08 9.96 -20.15
N ALA D 188 -7.14 10.10 -19.35
CA ALA D 188 -7.57 9.03 -18.48
C ALA D 188 -7.96 7.79 -19.28
N LEU D 189 -8.70 7.98 -20.38
CA LEU D 189 -9.13 6.83 -21.20
C LEU D 189 -7.98 6.08 -21.87
N GLU D 190 -6.82 6.73 -22.01
CA GLU D 190 -5.63 6.09 -22.58
C GLU D 190 -4.67 5.51 -21.53
N SER D 191 -5.04 5.63 -20.25
CA SER D 191 -4.22 5.13 -19.13
C SER D 191 -4.53 3.67 -18.84
N THR D 192 -3.60 2.98 -18.18
CA THR D 192 -3.81 1.56 -17.88
C THR D 192 -4.33 1.31 -16.45
N SER D 193 -4.39 2.35 -15.64
CA SER D 193 -4.97 2.26 -14.29
C SER D 193 -5.49 3.61 -13.78
N PRO D 194 -6.36 3.59 -12.77
CA PRO D 194 -6.76 4.88 -12.23
C PRO D 194 -5.56 5.67 -11.66
N SER D 195 -4.64 4.98 -11.00
N SER D 195 -4.64 4.98 -11.00
CA SER D 195 -3.46 5.66 -10.45
CA SER D 195 -3.45 5.64 -10.46
C SER D 195 -2.64 6.34 -11.56
C SER D 195 -2.66 6.35 -11.56
N GLN D 196 -2.45 5.66 -12.69
CA GLN D 196 -1.75 6.23 -13.83
C GLN D 196 -2.49 7.44 -14.43
N ALA D 197 -3.82 7.34 -14.52
CA ALA D 197 -4.67 8.45 -15.00
C ALA D 197 -4.49 9.68 -14.11
N TYR D 198 -4.54 9.47 -12.79
CA TYR D 198 -4.32 10.60 -11.88
C TYR D 198 -2.94 11.22 -12.13
N ASP D 199 -1.90 10.40 -12.15
CA ASP D 199 -0.54 10.86 -12.42
C ASP D 199 -0.44 11.68 -13.70
N ARG D 200 -1.05 11.17 -14.77
CA ARG D 200 -0.88 11.78 -16.06
C ARG D 200 -1.65 13.09 -16.18
N ILE D 201 -2.76 13.21 -15.47
CA ILE D 201 -3.49 14.46 -15.44
C ILE D 201 -2.72 15.49 -14.60
N VAL D 202 -2.30 15.10 -13.40
CA VAL D 202 -1.50 16.01 -12.56
C VAL D 202 -0.19 16.45 -13.24
N GLU D 203 0.42 15.53 -13.99
CA GLU D 203 1.67 15.84 -14.68
C GLU D 203 1.57 17.00 -15.67
N GLN D 204 0.35 17.33 -16.10
CA GLN D 204 0.13 18.45 -17.03
C GLN D 204 0.34 19.83 -16.43
N GLY D 205 0.35 19.90 -15.10
CA GLY D 205 0.71 21.15 -14.44
C GLY D 205 -0.42 22.17 -14.28
N GLY D 206 -1.66 21.73 -14.48
CA GLY D 206 -2.82 22.57 -14.19
C GLY D 206 -3.94 22.49 -15.22
N MET D 207 -5.17 22.60 -14.74
CA MET D 207 -6.35 22.51 -15.58
C MET D 207 -6.74 23.85 -16.21
N ALA D 208 -7.43 23.79 -17.33
CA ALA D 208 -7.88 24.98 -18.02
C ALA D 208 -9.14 25.59 -17.39
N ALA D 209 -10.03 24.76 -16.85
CA ALA D 209 -11.28 25.28 -16.30
C ALA D 209 -11.71 24.34 -15.19
N SER D 210 -13.02 24.18 -15.06
CA SER D 210 -13.57 23.42 -13.95
C SER D 210 -14.50 22.31 -14.39
N ALA D 211 -14.32 21.15 -13.77
CA ALA D 211 -15.22 20.01 -13.91
C ALA D 211 -14.87 18.99 -12.81
N PHE D 212 -15.55 17.85 -12.87
CA PHE D 212 -15.25 16.73 -12.01
C PHE D 212 -15.05 15.49 -12.87
N ILE D 213 -14.00 14.74 -12.58
CA ILE D 213 -13.75 13.48 -13.29
C ILE D 213 -13.65 12.36 -12.28
N MET D 214 -14.28 11.22 -12.56
CA MET D 214 -14.07 10.02 -11.75
C MET D 214 -13.44 8.94 -12.62
N VAL D 215 -12.42 8.27 -12.08
CA VAL D 215 -11.71 7.19 -12.77
C VAL D 215 -11.65 5.99 -11.85
N GLY D 216 -12.07 4.83 -12.34
CA GLY D 216 -12.06 3.65 -11.48
C GLY D 216 -11.77 2.39 -12.25
N ASN D 217 -11.30 1.38 -11.52
CA ASN D 217 -11.32 0.02 -12.05
C ASN D 217 -11.83 -0.90 -10.96
N GLY D 218 -11.60 -2.19 -11.07
CA GLY D 218 -12.11 -3.09 -10.04
C GLY D 218 -11.45 -2.94 -8.67
N HIS D 219 -10.27 -2.31 -8.66
CA HIS D 219 -9.43 -2.31 -7.47
C HIS D 219 -9.42 -0.98 -6.71
N GLU D 220 -9.54 0.12 -7.46
CA GLU D 220 -9.35 1.47 -6.91
C GLU D 220 -10.14 2.50 -7.72
N ALA D 221 -10.42 3.63 -7.09
CA ALA D 221 -11.08 4.71 -7.83
C ALA D 221 -10.74 6.03 -7.17
N PHE D 222 -10.80 7.10 -7.95
CA PHE D 222 -10.67 8.43 -7.41
C PHE D 222 -11.61 9.37 -8.14
N GLY D 223 -11.94 10.46 -7.46
CA GLY D 223 -12.68 11.56 -8.04
C GLY D 223 -11.76 12.77 -8.02
N LEU D 224 -11.95 13.66 -8.98
CA LEU D 224 -11.15 14.87 -9.03
C LEU D 224 -12.05 16.10 -9.21
N GLU D 225 -12.05 17.00 -8.22
CA GLU D 225 -12.73 18.31 -8.34
C GLU D 225 -11.67 19.34 -8.64
N PHE D 226 -11.83 20.06 -9.74
CA PHE D 226 -10.78 20.98 -10.14
C PHE D 226 -11.24 22.31 -10.72
N SER D 227 -10.33 23.28 -10.64
CA SER D 227 -10.39 24.56 -11.34
C SER D 227 -8.96 24.84 -11.77
N PRO D 228 -8.71 25.98 -12.44
CA PRO D 228 -7.32 26.29 -12.75
C PRO D 228 -6.43 26.48 -11.53
N THR D 229 -7.04 26.66 -10.35
CA THR D 229 -6.29 26.97 -9.14
C THR D 229 -6.56 25.98 -7.99
N SER D 230 -7.13 24.83 -8.32
CA SER D 230 -7.44 23.79 -7.31
C SER D 230 -7.58 22.42 -7.96
N ILE D 231 -6.90 21.42 -7.39
CA ILE D 231 -7.13 20.04 -7.84
C ILE D 231 -7.26 19.19 -6.59
N ARG D 232 -8.48 18.74 -6.27
CA ARG D 232 -8.72 18.03 -5.01
C ARG D 232 -9.20 16.63 -5.31
N LYS D 233 -8.64 15.66 -4.60
CA LYS D 233 -8.95 14.25 -4.86
C LYS D 233 -9.99 13.69 -3.88
N GLN D 234 -11.04 13.10 -4.44
CA GLN D 234 -12.05 12.39 -3.66
C GLN D 234 -11.62 10.93 -3.61
N VAL D 235 -11.78 10.33 -2.44
CA VAL D 235 -11.42 8.93 -2.22
C VAL D 235 -12.61 8.21 -1.62
N LEU D 236 -12.56 6.87 -1.64
CA LEU D 236 -13.66 6.06 -1.10
C LEU D 236 -13.90 6.40 0.36
N ASP D 237 -15.17 6.41 0.74
CA ASP D 237 -15.54 6.66 2.13
C ASP D 237 -15.43 5.37 2.98
N ALA D 238 -15.89 5.44 4.21
CA ALA D 238 -15.79 4.31 5.13
C ALA D 238 -16.60 3.09 4.67
N ASN D 239 -17.55 3.31 3.77
CA ASN D 239 -18.41 2.24 3.23
C ASN D 239 -17.95 1.75 1.88
N GLY D 240 -16.80 2.23 1.45
CA GLY D 240 -16.24 1.87 0.15
C GLY D 240 -16.93 2.58 -1.01
N ARG D 241 -17.58 3.71 -0.71
CA ARG D 241 -18.37 4.42 -1.71
C ARG D 241 -17.83 5.80 -2.08
N MET D 242 -18.15 6.21 -3.31
N MET D 242 -18.13 6.24 -3.31
CA MET D 242 -18.00 7.59 -3.75
CA MET D 242 -17.92 7.64 -3.71
C MET D 242 -19.29 7.98 -4.43
C MET D 242 -19.15 8.06 -4.52
N VAL D 243 -19.76 9.18 -4.12
CA VAL D 243 -20.93 9.73 -4.81
C VAL D 243 -20.56 11.14 -5.20
N HIS D 244 -20.87 11.52 -6.43
CA HIS D 244 -20.68 12.92 -6.81
C HIS D 244 -21.82 13.44 -7.65
N THR D 245 -22.17 14.70 -7.40
CA THR D 245 -23.14 15.38 -8.25
C THR D 245 -22.48 16.59 -8.89
N ASN D 246 -23.02 17.79 -8.72
CA ASN D 246 -22.52 18.97 -9.44
C ASN D 246 -22.08 20.13 -8.53
N HIS D 247 -21.60 19.76 -7.34
CA HIS D 247 -21.08 20.77 -6.40
C HIS D 247 -19.88 20.21 -5.65
N CYS D 248 -19.05 21.11 -5.12
CA CYS D 248 -17.85 20.71 -4.39
C CYS D 248 -18.18 20.06 -3.06
N LEU D 249 -17.64 18.86 -2.90
CA LEU D 249 -17.73 18.09 -1.65
C LEU D 249 -16.47 18.22 -0.81
N LEU D 250 -15.38 18.59 -1.48
CA LEU D 250 -14.05 18.62 -0.87
C LEU D 250 -13.66 20.00 -0.42
N GLN D 251 -12.67 20.07 0.47
CA GLN D 251 -12.08 21.33 0.88
C GLN D 251 -11.22 21.92 -0.25
N HIS D 252 -11.53 23.14 -0.67
CA HIS D 252 -10.74 23.81 -1.71
C HIS D 252 -10.01 25.01 -1.11
N GLY D 253 -9.12 25.60 -1.89
CA GLY D 253 -8.36 26.77 -1.47
C GLY D 253 -9.30 27.91 -1.13
N LYS D 254 -8.80 28.82 -0.30
CA LYS D 254 -9.57 29.97 0.20
C LYS D 254 -10.18 30.86 -0.89
N ASN D 255 -9.55 30.92 -2.07
CA ASN D 255 -10.04 31.82 -3.10
C ASN D 255 -11.00 31.19 -4.10
N GLU D 256 -11.26 29.89 -3.98
CA GLU D 256 -12.14 29.19 -4.92
C GLU D 256 -13.57 29.67 -4.79
N LYS D 257 -14.21 29.86 -5.95
CA LYS D 257 -15.58 30.33 -6.01
C LYS D 257 -16.46 29.45 -6.90
N GLU D 258 -17.55 28.96 -6.32
CA GLU D 258 -18.50 28.14 -7.04
C GLU D 258 -19.64 29.04 -7.52
N LEU D 259 -19.86 29.03 -8.84
CA LEU D 259 -20.77 29.97 -9.51
C LEU D 259 -22.09 29.32 -9.94
N ASP D 260 -23.19 29.72 -9.30
CA ASP D 260 -24.53 29.23 -9.66
C ASP D 260 -24.67 27.71 -9.77
N PRO D 261 -24.21 26.96 -8.75
CA PRO D 261 -24.48 25.54 -8.84
C PRO D 261 -25.97 25.30 -8.58
N LEU D 262 -26.49 24.19 -9.10
CA LEU D 262 -27.89 23.82 -8.94
C LEU D 262 -28.16 23.47 -7.49
N PRO D 263 -29.19 24.09 -6.87
CA PRO D 263 -29.57 23.69 -5.52
C PRO D 263 -29.82 22.18 -5.36
N ASP D 264 -30.39 21.55 -6.38
CA ASP D 264 -30.72 20.13 -6.31
C ASP D 264 -29.48 19.24 -6.35
N SER D 265 -28.32 19.82 -6.65
CA SER D 265 -27.07 19.05 -6.53
C SER D 265 -26.89 18.47 -5.12
N TRP D 266 -27.29 19.24 -4.12
CA TRP D 266 -27.22 18.78 -2.75
C TRP D 266 -28.27 17.70 -2.47
N ASN D 267 -29.52 17.91 -2.90
CA ASN D 267 -30.56 16.89 -2.72
C ASN D 267 -30.15 15.55 -3.32
N ARG D 268 -29.57 15.58 -4.51
CA ARG D 268 -29.26 14.36 -5.23
C ARG D 268 -28.08 13.62 -4.59
N HIS D 269 -27.10 14.38 -4.11
CA HIS D 269 -25.99 13.76 -3.39
C HIS D 269 -26.51 13.05 -2.15
N GLN D 270 -27.30 13.77 -1.35
CA GLN D 270 -27.92 13.16 -0.16
C GLN D 270 -28.79 11.95 -0.51
N ARG D 271 -29.59 12.08 -1.57
CA ARG D 271 -30.48 11.01 -2.01
C ARG D 271 -29.73 9.75 -2.42
N MET D 272 -28.69 9.92 -3.23
CA MET D 272 -27.93 8.75 -3.64
C MET D 272 -27.17 8.09 -2.48
N GLU D 273 -26.62 8.90 -1.58
CA GLU D 273 -26.00 8.33 -0.39
C GLU D 273 -27.01 7.49 0.38
N PHE D 274 -28.22 8.04 0.55
CA PHE D 274 -29.29 7.33 1.24
C PHE D 274 -29.65 6.00 0.55
N LEU D 275 -29.80 6.06 -0.78
CA LEU D 275 -30.17 4.87 -1.56
C LEU D 275 -29.09 3.79 -1.47
N LEU D 276 -27.83 4.21 -1.51
CA LEU D 276 -26.71 3.28 -1.43
C LEU D 276 -26.63 2.60 -0.06
N ASP D 277 -27.07 3.31 0.96
CA ASP D 277 -27.06 2.75 2.30
C ASP D 277 -28.08 1.62 2.45
N GLY D 278 -29.12 1.62 1.62
CA GLY D 278 -30.13 0.57 1.61
C GLY D 278 -29.97 -0.49 0.53
N PHE D 279 -29.10 -0.19 -0.43
CA PHE D 279 -28.78 -1.00 -1.62
C PHE D 279 -28.22 -2.38 -1.23
N ASP D 280 -28.74 -3.45 -1.84
CA ASP D 280 -28.33 -4.82 -1.44
C ASP D 280 -27.05 -5.31 -2.14
N GLY D 281 -26.51 -4.51 -3.03
CA GLY D 281 -25.25 -4.84 -3.68
C GLY D 281 -25.40 -5.45 -5.05
N THR D 282 -26.63 -5.89 -5.40
CA THR D 282 -26.83 -6.61 -6.65
C THR D 282 -26.76 -5.70 -7.88
N LYS D 283 -26.36 -6.27 -9.01
CA LYS D 283 -26.37 -5.54 -10.26
C LYS D 283 -27.75 -4.98 -10.55
N GLN D 284 -28.79 -5.78 -10.33
CA GLN D 284 -30.15 -5.36 -10.65
C GLN D 284 -30.55 -4.15 -9.82
N ALA D 285 -30.23 -4.19 -8.52
CA ALA D 285 -30.55 -3.11 -7.60
C ALA D 285 -29.76 -1.85 -7.93
N PHE D 286 -28.48 -2.00 -8.28
CA PHE D 286 -27.68 -0.84 -8.68
C PHE D 286 -28.29 -0.14 -9.89
N ALA D 287 -28.74 -0.92 -10.87
CA ALA D 287 -29.32 -0.36 -12.08
C ALA D 287 -30.54 0.50 -11.77
N GLN D 288 -31.37 -0.01 -10.86
CA GLN D 288 -32.63 0.66 -10.49
C GLN D 288 -32.45 1.99 -9.72
N LEU D 289 -31.34 2.13 -8.98
CA LEU D 289 -31.03 3.42 -8.31
C LEU D 289 -31.11 4.62 -9.27
N TRP D 290 -30.66 4.42 -10.50
CA TRP D 290 -30.59 5.50 -11.48
C TRP D 290 -31.93 5.98 -12.02
N ALA D 291 -33.00 5.24 -11.73
CA ALA D 291 -34.35 5.59 -12.13
C ALA D 291 -35.07 6.37 -11.02
N ASP D 292 -34.34 6.73 -9.97
CA ASP D 292 -35.00 7.37 -8.81
C ASP D 292 -35.57 8.73 -9.18
N GLU D 293 -36.80 8.98 -8.72
CA GLU D 293 -37.49 10.22 -9.08
C GLU D 293 -37.88 11.05 -7.86
N ASP D 294 -37.25 10.79 -6.71
CA ASP D 294 -37.51 11.65 -5.54
C ASP D 294 -37.10 13.08 -5.89
N ASN D 295 -37.94 14.05 -5.52
CA ASN D 295 -37.73 15.47 -5.87
C ASN D 295 -37.79 15.79 -7.38
N TYR D 296 -38.46 14.91 -8.14
CA TYR D 296 -38.90 15.17 -9.51
C TYR D 296 -39.41 16.62 -9.67
N PRO D 297 -38.99 17.34 -10.73
CA PRO D 297 -38.19 16.90 -11.88
C PRO D 297 -36.68 17.00 -11.69
N PHE D 298 -36.25 17.48 -10.53
CA PHE D 298 -34.84 17.71 -10.22
C PHE D 298 -34.15 16.45 -9.72
N SER D 299 -34.74 15.30 -10.06
CA SER D 299 -34.36 14.02 -9.48
C SER D 299 -33.11 13.41 -10.11
N ILE D 300 -32.58 12.37 -9.45
CA ILE D 300 -31.46 11.61 -10.00
C ILE D 300 -31.77 11.20 -11.44
N CYS D 301 -32.97 10.67 -11.67
CA CYS D 301 -33.49 10.48 -13.02
C CYS D 301 -34.22 11.79 -13.38
N ARG D 302 -33.46 12.68 -14.03
CA ARG D 302 -33.86 14.07 -14.21
C ARG D 302 -34.86 14.20 -15.34
N ALA D 303 -35.81 15.12 -15.17
CA ALA D 303 -36.75 15.39 -16.24
C ALA D 303 -36.74 16.87 -16.59
N TYR D 304 -37.01 17.16 -17.85
CA TYR D 304 -37.27 18.53 -18.27
C TYR D 304 -38.64 18.99 -17.76
N GLU D 305 -38.69 20.19 -17.22
CA GLU D 305 -39.96 20.84 -16.91
C GLU D 305 -39.81 22.34 -17.15
N GLU D 306 -40.70 22.89 -17.97
CA GLU D 306 -40.65 24.31 -18.35
C GLU D 306 -40.65 25.20 -17.10
N GLY D 307 -39.65 26.06 -17.00
CA GLY D 307 -39.54 27.00 -15.88
C GLY D 307 -38.95 26.43 -14.61
N LYS D 308 -38.54 25.16 -14.62
CA LYS D 308 -38.00 24.51 -13.42
C LYS D 308 -36.70 23.78 -13.72
N SER D 309 -36.76 22.72 -14.52
CA SER D 309 -35.57 21.97 -14.91
C SER D 309 -35.27 22.15 -16.39
N ARG D 310 -34.04 22.54 -16.70
CA ARG D 310 -33.67 22.89 -18.08
C ARG D 310 -33.26 21.67 -18.91
N GLY D 311 -33.02 20.54 -18.26
CA GLY D 311 -32.55 19.36 -18.96
C GLY D 311 -33.06 18.07 -18.35
N ALA D 312 -32.62 16.95 -18.90
CA ALA D 312 -33.12 15.65 -18.47
C ALA D 312 -31.96 14.67 -18.47
N THR D 313 -32.15 13.52 -17.83
CA THR D 313 -31.18 12.44 -17.98
C THR D 313 -31.25 11.95 -19.42
N LEU D 314 -30.11 12.00 -20.10
CA LEU D 314 -30.04 11.67 -21.53
C LEU D 314 -29.50 10.28 -21.73
N PHE D 315 -28.69 9.82 -20.77
CA PHE D 315 -28.30 8.40 -20.74
C PHE D 315 -27.74 8.00 -19.40
N ASN D 316 -27.66 6.69 -19.21
CA ASN D 316 -27.09 6.09 -18.02
C ASN D 316 -26.04 5.08 -18.47
N ILE D 317 -24.92 5.03 -17.77
CA ILE D 317 -23.92 4.01 -18.03
C ILE D 317 -23.54 3.32 -16.73
N ILE D 318 -23.39 2.00 -16.79
CA ILE D 318 -22.94 1.24 -15.61
C ILE D 318 -21.79 0.33 -16.01
N TYR D 319 -20.69 0.43 -15.27
CA TYR D 319 -19.51 -0.41 -15.52
C TYR D 319 -19.53 -1.59 -14.60
N ASP D 320 -19.56 -2.77 -15.21
CA ASP D 320 -19.47 -4.03 -14.44
C ASP D 320 -17.98 -4.38 -14.44
N HIS D 321 -17.31 -3.98 -13.37
CA HIS D 321 -15.85 -4.13 -13.31
C HIS D 321 -15.37 -5.58 -13.34
N ALA D 322 -16.13 -6.48 -12.73
CA ALA D 322 -15.79 -7.91 -12.72
C ALA D 322 -15.73 -8.51 -14.12
N ARG D 323 -16.62 -8.03 -15.00
CA ARG D 323 -16.79 -8.63 -16.33
C ARG D 323 -16.17 -7.78 -17.46
N ARG D 324 -15.67 -6.58 -17.12
CA ARG D 324 -15.19 -5.61 -18.11
C ARG D 324 -16.25 -5.35 -19.20
N GLU D 325 -17.46 -5.04 -18.74
CA GLU D 325 -18.58 -4.72 -19.63
C GLU D 325 -19.19 -3.41 -19.17
N ALA D 326 -19.74 -2.64 -20.09
CA ALA D 326 -20.45 -1.43 -19.71
C ALA D 326 -21.84 -1.50 -20.30
N THR D 327 -22.87 -1.30 -19.48
CA THR D 327 -24.24 -1.33 -20.00
C THR D 327 -24.71 0.11 -20.15
N VAL D 328 -25.22 0.43 -21.34
CA VAL D 328 -25.68 1.79 -21.60
C VAL D 328 -27.18 1.76 -21.79
N ARG D 329 -27.88 2.64 -21.07
CA ARG D 329 -29.32 2.86 -21.30
C ARG D 329 -29.51 4.29 -21.80
N LEU D 330 -30.06 4.42 -23.00
CA LEU D 330 -30.27 5.73 -23.59
C LEU D 330 -31.61 6.29 -23.09
N GLY D 331 -31.68 7.59 -22.90
CA GLY D 331 -32.86 8.25 -22.36
C GLY D 331 -32.90 8.18 -20.84
N ARG D 332 -34.08 8.35 -20.27
CA ARG D 332 -34.24 8.31 -18.82
C ARG D 332 -34.35 6.86 -18.34
N PRO D 333 -33.53 6.46 -17.36
CA PRO D 333 -33.57 5.04 -16.87
C PRO D 333 -34.93 4.51 -16.38
N THR D 334 -35.89 5.39 -16.07
CA THR D 334 -37.25 4.95 -15.79
C THR D 334 -37.89 4.26 -17.00
N ASN D 335 -37.45 4.64 -18.20
CA ASN D 335 -38.03 4.13 -19.45
C ASN D 335 -37.01 4.30 -20.58
N PRO D 336 -35.98 3.44 -20.63
CA PRO D 336 -34.90 3.68 -21.62
C PRO D 336 -35.36 3.58 -23.07
N ASP D 337 -34.77 4.43 -23.92
CA ASP D 337 -35.00 4.40 -25.37
C ASP D 337 -34.55 3.04 -25.91
N GLU D 338 -33.40 2.62 -25.39
CA GLU D 338 -32.72 1.39 -25.80
C GLU D 338 -31.66 1.07 -24.76
N MET D 339 -31.21 -0.18 -24.78
N MET D 339 -31.22 -0.20 -24.76
CA MET D 339 -30.16 -0.65 -23.88
CA MET D 339 -30.17 -0.68 -23.86
C MET D 339 -29.21 -1.54 -24.68
C MET D 339 -29.21 -1.54 -24.68
N PHE D 340 -27.91 -1.38 -24.43
CA PHE D 340 -26.90 -2.27 -25.01
C PHE D 340 -25.73 -2.44 -24.06
N VAL D 341 -24.94 -3.47 -24.32
CA VAL D 341 -23.74 -3.77 -23.54
C VAL D 341 -22.51 -3.68 -24.45
N MET D 342 -21.49 -2.96 -23.97
CA MET D 342 -20.20 -2.83 -24.68
C MET D 342 -19.19 -3.72 -24.01
N ARG D 343 -18.39 -4.40 -24.83
CA ARG D 343 -17.34 -5.28 -24.34
C ARG D 343 -16.24 -5.36 -25.37
N PHE D 344 -15.06 -5.78 -24.93
CA PHE D 344 -13.89 -5.83 -25.80
C PHE D 344 -13.70 -7.20 -26.42
N ASP D 345 -13.28 -7.19 -27.68
CA ASP D 345 -13.05 -8.45 -28.39
C ASP D 345 -11.57 -8.72 -28.65
N GLU D 346 -11.30 -9.80 -29.38
CA GLU D 346 -9.93 -10.23 -29.70
C GLU D 346 -9.12 -9.15 -30.41
N GLU D 347 -9.72 -8.51 -31.42
CA GLU D 347 -9.03 -7.44 -32.13
C GLU D 347 -8.78 -6.21 -31.24
N ASP D 348 -9.69 -5.94 -30.30
CA ASP D 348 -9.47 -4.84 -29.37
C ASP D 348 -8.24 -5.09 -28.49
N GLU D 349 -8.11 -6.36 -28.05
CA GLU D 349 -7.01 -6.80 -27.20
C GLU D 349 -5.68 -6.73 -27.95
N ARG D 350 -5.69 -7.23 -29.19
CA ARG D 350 -4.48 -7.28 -30.02
C ARG D 350 -3.90 -5.90 -30.30
N SER D 351 -4.76 -4.94 -30.61
CA SER D 351 -4.36 -3.56 -30.79
C SER D 351 -3.65 -3.02 -29.55
N ALA D 352 -4.24 -3.26 -28.38
CA ALA D 352 -3.69 -2.76 -27.11
C ALA D 352 -2.34 -3.35 -26.77
N LEU D 353 -2.10 -4.58 -27.23
CA LEU D 353 -0.85 -5.28 -26.96
C LEU D 353 0.18 -5.04 -28.04
N ASN D 354 -0.23 -4.35 -29.11
CA ASN D 354 0.58 -4.18 -30.32
C ASN D 354 1.08 -5.52 -30.87
N ALA D 355 0.18 -6.50 -30.91
CA ALA D 355 0.51 -7.86 -31.36
C ALA D 355 -0.04 -8.12 -32.75
#